data_8CS1
# 
_entry.id   8CS1 
# 
_audit_conform.dict_name       mmcif_pdbx.dic 
_audit_conform.dict_version    5.380 
_audit_conform.dict_location   http://mmcif.pdb.org/dictionaries/ascii/mmcif_pdbx.dic 
# 
loop_
_database_2.database_id 
_database_2.database_code 
_database_2.pdbx_database_accession 
_database_2.pdbx_DOI 
PDB   8CS1         pdb_00008cs1 10.2210/pdb8cs1/pdb 
WWPDB D_1000265361 ?            ?                   
# 
_pdbx_database_related.db_name        PDB 
_pdbx_database_related.details        'Different sticky ends' 
_pdbx_database_related.db_id          7R96 
_pdbx_database_related.content_type   unspecified 
# 
_pdbx_database_status.status_code                     REL 
_pdbx_database_status.status_code_sf                  REL 
_pdbx_database_status.status_code_mr                  ? 
_pdbx_database_status.entry_id                        8CS1 
_pdbx_database_status.recvd_initial_deposition_date   2022-05-12 
_pdbx_database_status.SG_entry                        N 
_pdbx_database_status.deposit_site                    RCSB 
_pdbx_database_status.process_site                    RCSB 
_pdbx_database_status.status_code_cs                  ? 
_pdbx_database_status.status_code_nmr_data            ? 
_pdbx_database_status.methods_development_category    ? 
_pdbx_database_status.pdb_format_compatible           Y 
# 
loop_
_audit_author.name 
_audit_author.pdbx_ordinal 
_audit_author.identifier_ORCID 
'Lu, B.'        1 0000-0001-6424-2197 
'Vecchioni, S.' 2 0000-0001-8243-650X 
'Ohayon, Y.P.'  3 0000-0001-7500-4282 
'Seeman, N.C.'  4 0000-0002-9680-4649 
'Mao, C.'       5 0000-0001-7516-8666 
'Sha, R.'       6 0000-0002-0807-734X 
# 
_citation.abstract                  ? 
_citation.abstract_id_CAS           ? 
_citation.book_id_ISBN              ? 
_citation.book_publisher            ? 
_citation.book_publisher_city       ? 
_citation.book_title                ? 
_citation.coordinate_linkage        ? 
_citation.country                   GE 
_citation.database_id_Medline       ? 
_citation.details                   ? 
_citation.id                        primary 
_citation.journal_abbrev            Angew.Chem.Int.Ed.Engl. 
_citation.journal_id_ASTM           ACIEAY 
_citation.journal_id_CSD            0179 
_citation.journal_id_ISSN           1521-3773 
_citation.journal_full              ? 
_citation.journal_issue             ? 
_citation.journal_volume            62 
_citation.language                  ? 
_citation.page_first                e202213451 
_citation.page_last                 e202213451 
_citation.title                     'Programmable 3D Hexagonal Geometry of DNA Tensegrity Triangles.' 
_citation.year                      2023 
_citation.database_id_CSD           ? 
_citation.pdbx_database_id_DOI      10.1002/anie.202213451 
_citation.pdbx_database_id_PubMed   36520622 
_citation.pdbx_database_id_patent   ? 
_citation.unpublished_flag          ? 
# 
loop_
_citation_author.citation_id 
_citation_author.name 
_citation_author.ordinal 
_citation_author.identifier_ORCID 
primary 'Lu, B.'        1 ?                   
primary 'Woloszyn, K.'  2 ?                   
primary 'Ohayon, Y.P.'  3 ?                   
primary 'Yang, B.'      4 ?                   
primary 'Zhang, C.'     5 ?                   
primary 'Mao, C.'       6 ?                   
primary 'Seeman, N.C.'  7 ?                   
primary 'Vecchioni, S.' 8 ?                   
primary 'Sha, R.'       9 0000-0002-0807-734X 
# 
_cell.angle_alpha                  90.000 
_cell.angle_alpha_esd              ? 
_cell.angle_beta                   90.000 
_cell.angle_beta_esd               ? 
_cell.angle_gamma                  120.000 
_cell.angle_gamma_esd              ? 
_cell.entry_id                     8CS1 
_cell.details                      ? 
_cell.formula_units_Z              ? 
_cell.length_a                     123.316 
_cell.length_a_esd                 ? 
_cell.length_b                     123.316 
_cell.length_b_esd                 ? 
_cell.length_c                     57.154 
_cell.length_c_esd                 ? 
_cell.volume                       752689.955 
_cell.volume_esd                   ? 
_cell.Z_PDB                        6 
_cell.reciprocal_angle_alpha       ? 
_cell.reciprocal_angle_beta        ? 
_cell.reciprocal_angle_gamma       ? 
_cell.reciprocal_angle_alpha_esd   ? 
_cell.reciprocal_angle_beta_esd    ? 
_cell.reciprocal_angle_gamma_esd   ? 
_cell.reciprocal_length_a          ? 
_cell.reciprocal_length_b          ? 
_cell.reciprocal_length_c          ? 
_cell.reciprocal_length_a_esd      ? 
_cell.reciprocal_length_b_esd      ? 
_cell.reciprocal_length_c_esd      ? 
_cell.pdbx_unique_axis             ? 
_cell.pdbx_esd_method              ? 
# 
_symmetry.entry_id                         8CS1 
_symmetry.cell_setting                     ? 
_symmetry.Int_Tables_number                173 
_symmetry.space_group_name_Hall            'P 6c' 
_symmetry.space_group_name_H-M             'P 63' 
_symmetry.pdbx_full_space_group_name_H-M   ? 
# 
loop_
_entity.id 
_entity.type 
_entity.src_method 
_entity.pdbx_description 
_entity.formula_weight 
_entity.pdbx_number_of_molecules 
_entity.pdbx_ec 
_entity.pdbx_mutation 
_entity.pdbx_fragment 
_entity.details 
1 polymer syn 
;DNA (5'-D(*GP*AP*GP*CP*AP*GP*CP*CP*TP*GP*TP*AP*CP*GP*GP*AP*CP*AP*TP*CP*A)-3')
;
6457.188 1 ? ? ? ? 
2 polymer syn 
;DNA (5'-D(P*CP*CP*GP*TP*AP*CP*A)-3')
;
2082.400 1 ? ? ? ? 
3 polymer syn 
;DNA (5'-D(P*GP*GP*CP*TP*GP*C)-3')
;
1825.216 1 ? ? ? ? 
4 polymer syn 
;DNA (5'-D(*CP*TP*TP*GP*AP*TP*GP*T)-3')
;
2432.614 1 ? ? ? ? 
# 
loop_
_entity_poly.entity_id 
_entity_poly.type 
_entity_poly.nstd_linkage 
_entity_poly.nstd_monomer 
_entity_poly.pdbx_seq_one_letter_code 
_entity_poly.pdbx_seq_one_letter_code_can 
_entity_poly.pdbx_strand_id 
_entity_poly.pdbx_target_identifier 
1 polydeoxyribonucleotide no no 
;(DG)(DA)(DG)(DC)(DA)(DG)(DC)(DC)(DT)(DG)(DT)(DA)(DC)(DG)(DG)(DA)(DC)(DA)(DT)(DC)
(DA)
;
GAGCAGCCTGTACGGACATCA A ? 
2 polydeoxyribonucleotide no no '(DC)(DC)(DG)(DT)(DA)(DC)(DA)'                                                          CCGTACA B 
? 
3 polydeoxyribonucleotide no no '(DG)(DG)(DC)(DT)(DG)(DC)'                                                              GGCTGC C ? 
4 polydeoxyribonucleotide no no '(DC)(DT)(DT)(DG)(DA)(DT)(DG)(DT)'                                                      CTTGATGT D 
? 
# 
loop_
_entity_poly_seq.entity_id 
_entity_poly_seq.num 
_entity_poly_seq.mon_id 
_entity_poly_seq.hetero 
1 1  DG n 
1 2  DA n 
1 3  DG n 
1 4  DC n 
1 5  DA n 
1 6  DG n 
1 7  DC n 
1 8  DC n 
1 9  DT n 
1 10 DG n 
1 11 DT n 
1 12 DA n 
1 13 DC n 
1 14 DG n 
1 15 DG n 
1 16 DA n 
1 17 DC n 
1 18 DA n 
1 19 DT n 
1 20 DC n 
1 21 DA n 
2 1  DC n 
2 2  DC n 
2 3  DG n 
2 4  DT n 
2 5  DA n 
2 6  DC n 
2 7  DA n 
3 1  DG n 
3 2  DG n 
3 3  DC n 
3 4  DT n 
3 5  DG n 
3 6  DC n 
4 1  DC n 
4 2  DT n 
4 3  DT n 
4 4  DG n 
4 5  DA n 
4 6  DT n 
4 7  DG n 
4 8  DT n 
# 
loop_
_pdbx_entity_src_syn.entity_id 
_pdbx_entity_src_syn.pdbx_src_id 
_pdbx_entity_src_syn.pdbx_alt_source_flag 
_pdbx_entity_src_syn.pdbx_beg_seq_num 
_pdbx_entity_src_syn.pdbx_end_seq_num 
_pdbx_entity_src_syn.organism_scientific 
_pdbx_entity_src_syn.organism_common_name 
_pdbx_entity_src_syn.ncbi_taxonomy_id 
_pdbx_entity_src_syn.details 
1 1 sample 1 21 'synthetic construct' ? 32630 ? 
2 1 sample 1 7  'synthetic construct' ? 32630 ? 
3 1 sample 1 6  'synthetic construct' ? 32630 ? 
4 1 sample 1 8  'synthetic construct' ? 32630 ? 
# 
loop_
_struct_ref.id 
_struct_ref.db_name 
_struct_ref.db_code 
_struct_ref.pdbx_db_accession 
_struct_ref.pdbx_db_isoform 
_struct_ref.entity_id 
_struct_ref.pdbx_seq_one_letter_code 
_struct_ref.pdbx_align_begin 
1 PDB 8CS1 8CS1 ? 1 ? 1 
2 PDB 8CS1 8CS1 ? 2 ? 1 
3 PDB 8CS1 8CS1 ? 3 ? 1 
4 PDB 8CS1 8CS1 ? 4 ? 1 
# 
loop_
_struct_ref_seq.align_id 
_struct_ref_seq.ref_id 
_struct_ref_seq.pdbx_PDB_id_code 
_struct_ref_seq.pdbx_strand_id 
_struct_ref_seq.seq_align_beg 
_struct_ref_seq.pdbx_seq_align_beg_ins_code 
_struct_ref_seq.seq_align_end 
_struct_ref_seq.pdbx_seq_align_end_ins_code 
_struct_ref_seq.pdbx_db_accession 
_struct_ref_seq.db_align_beg 
_struct_ref_seq.pdbx_db_align_beg_ins_code 
_struct_ref_seq.db_align_end 
_struct_ref_seq.pdbx_db_align_end_ins_code 
_struct_ref_seq.pdbx_auth_seq_align_beg 
_struct_ref_seq.pdbx_auth_seq_align_end 
1 1 8CS1 A 1 ? 21 ? 8CS1 101 ? 121 ? 101 121 
2 2 8CS1 B 1 ? 7  ? 8CS1 119 ? 125 ? 119 125 
3 3 8CS1 C 1 ? 6  ? 8CS1 209 ? 214 ? 209 214 
4 4 8CS1 D 1 ? 8  ? 8CS1 201 ? 208 ? 201 208 
# 
loop_
_chem_comp.id 
_chem_comp.type 
_chem_comp.mon_nstd_flag 
_chem_comp.name 
_chem_comp.pdbx_synonyms 
_chem_comp.formula 
_chem_comp.formula_weight 
DA 'DNA linking' y "2'-DEOXYADENOSINE-5'-MONOPHOSPHATE" ? 'C10 H14 N5 O6 P' 331.222 
DC 'DNA linking' y "2'-DEOXYCYTIDINE-5'-MONOPHOSPHATE"  ? 'C9 H14 N3 O7 P'  307.197 
DG 'DNA linking' y "2'-DEOXYGUANOSINE-5'-MONOPHOSPHATE" ? 'C10 H14 N5 O7 P' 347.221 
DT 'DNA linking' y "THYMIDINE-5'-MONOPHOSPHATE"         ? 'C10 H15 N2 O8 P' 322.208 
# 
_exptl.absorpt_coefficient_mu     ? 
_exptl.absorpt_correction_T_max   ? 
_exptl.absorpt_correction_T_min   ? 
_exptl.absorpt_correction_type    ? 
_exptl.absorpt_process_details    ? 
_exptl.entry_id                   8CS1 
_exptl.crystals_number            1 
_exptl.details                    ? 
_exptl.method                     'X-RAY DIFFRACTION' 
_exptl.method_details             ? 
# 
_exptl_crystal.colour                       ? 
_exptl_crystal.density_diffrn               ? 
_exptl_crystal.density_Matthews             9.80 
_exptl_crystal.density_method               ? 
_exptl_crystal.density_percent_sol          87.45 
_exptl_crystal.description                  ? 
_exptl_crystal.F_000                        ? 
_exptl_crystal.id                           1 
_exptl_crystal.preparation                  ? 
_exptl_crystal.size_max                     ? 
_exptl_crystal.size_mid                     ? 
_exptl_crystal.size_min                     ? 
_exptl_crystal.size_rad                     ? 
_exptl_crystal.colour_lustre                ? 
_exptl_crystal.colour_modifier              ? 
_exptl_crystal.colour_primary               ? 
_exptl_crystal.density_meas                 ? 
_exptl_crystal.density_meas_esd             ? 
_exptl_crystal.density_meas_gt              ? 
_exptl_crystal.density_meas_lt              ? 
_exptl_crystal.density_meas_temp            ? 
_exptl_crystal.density_meas_temp_esd        ? 
_exptl_crystal.density_meas_temp_gt         ? 
_exptl_crystal.density_meas_temp_lt         ? 
_exptl_crystal.pdbx_crystal_image_url       ? 
_exptl_crystal.pdbx_crystal_image_format    ? 
_exptl_crystal.pdbx_mosaicity               ? 
_exptl_crystal.pdbx_mosaicity_esd           ? 
_exptl_crystal.pdbx_mosaic_method           ? 
_exptl_crystal.pdbx_mosaic_block_size       ? 
_exptl_crystal.pdbx_mosaic_block_size_esd   ? 
# 
_exptl_crystal_grow.apparatus       ? 
_exptl_crystal_grow.atmosphere      ? 
_exptl_crystal_grow.crystal_id      1 
_exptl_crystal_grow.details         ? 
_exptl_crystal_grow.method          'VAPOR DIFFUSION, HANGING DROP' 
_exptl_crystal_grow.method_ref      ? 
_exptl_crystal_grow.pH              9.5 
_exptl_crystal_grow.pressure        ? 
_exptl_crystal_grow.pressure_esd    ? 
_exptl_crystal_grow.seeding         ? 
_exptl_crystal_grow.seeding_ref     ? 
_exptl_crystal_grow.temp            293 
_exptl_crystal_grow.temp_details    '338-293 at 0.4/hr' 
_exptl_crystal_grow.temp_esd        ? 
_exptl_crystal_grow.time            ? 
_exptl_crystal_grow.pdbx_details    '1.83 M ammonium sulfate, 120 mM Tris, 120 mM Acetic Acid, 6 mM EDTA' 
_exptl_crystal_grow.pdbx_pH_range   ? 
# 
_diffrn.ambient_environment              ? 
_diffrn.ambient_temp                     100 
_diffrn.ambient_temp_details             ? 
_diffrn.ambient_temp_esd                 ? 
_diffrn.crystal_id                       1 
_diffrn.crystal_support                  ? 
_diffrn.crystal_treatment                ? 
_diffrn.details                          ? 
_diffrn.id                               1 
_diffrn.ambient_pressure                 ? 
_diffrn.ambient_pressure_esd             ? 
_diffrn.ambient_pressure_gt              ? 
_diffrn.ambient_pressure_lt              ? 
_diffrn.ambient_temp_gt                  ? 
_diffrn.ambient_temp_lt                  ? 
_diffrn.pdbx_serial_crystal_experiment   N 
# 
_diffrn_detector.details                      ? 
_diffrn_detector.detector                     PIXEL 
_diffrn_detector.diffrn_id                    1 
_diffrn_detector.type                         'DECTRIS EIGER2 S 9M' 
_diffrn_detector.area_resol_mean              ? 
_diffrn_detector.dtime                        ? 
_diffrn_detector.pdbx_frames_total            ? 
_diffrn_detector.pdbx_collection_time_total   ? 
_diffrn_detector.pdbx_collection_date         2021-02-21 
_diffrn_detector.pdbx_frequency               ? 
# 
_diffrn_radiation.collimation                      ? 
_diffrn_radiation.diffrn_id                        1 
_diffrn_radiation.filter_edge                      ? 
_diffrn_radiation.inhomogeneity                    ? 
_diffrn_radiation.monochromator                    ? 
_diffrn_radiation.polarisn_norm                    ? 
_diffrn_radiation.polarisn_ratio                   ? 
_diffrn_radiation.probe                            ? 
_diffrn_radiation.type                             ? 
_diffrn_radiation.xray_symbol                      ? 
_diffrn_radiation.wavelength_id                    1 
_diffrn_radiation.pdbx_monochromatic_or_laue_m_l   M 
_diffrn_radiation.pdbx_wavelength_list             ? 
_diffrn_radiation.pdbx_wavelength                  ? 
_diffrn_radiation.pdbx_diffrn_protocol             'SINGLE WAVELENGTH' 
_diffrn_radiation.pdbx_analyzer                    ? 
_diffrn_radiation.pdbx_scattering_type             x-ray 
# 
_diffrn_radiation_wavelength.id           1 
_diffrn_radiation_wavelength.wavelength   1.00743 
_diffrn_radiation_wavelength.wt           1.0 
# 
_diffrn_source.current                     ? 
_diffrn_source.details                     ? 
_diffrn_source.diffrn_id                   1 
_diffrn_source.power                       ? 
_diffrn_source.size                        ? 
_diffrn_source.source                      SYNCHROTRON 
_diffrn_source.target                      ? 
_diffrn_source.type                        'APS BEAMLINE 17-ID' 
_diffrn_source.voltage                     ? 
_diffrn_source.take-off_angle              ? 
_diffrn_source.pdbx_wavelength_list        1.00743 
_diffrn_source.pdbx_wavelength             ? 
_diffrn_source.pdbx_synchrotron_beamline   17-ID 
_diffrn_source.pdbx_synchrotron_site       APS 
# 
_reflns.B_iso_Wilson_estimate                          329.79 
_reflns.entry_id                                       8CS1 
_reflns.data_reduction_details                         ? 
_reflns.data_reduction_method                          ? 
_reflns.d_resolution_high                              4.56 
_reflns.d_resolution_low                               20.01 
_reflns.details                                        ? 
_reflns.limit_h_max                                    ? 
_reflns.limit_h_min                                    ? 
_reflns.limit_k_max                                    ? 
_reflns.limit_k_min                                    ? 
_reflns.limit_l_max                                    ? 
_reflns.limit_l_min                                    ? 
_reflns.number_all                                     ? 
_reflns.number_obs                                     2373 
_reflns.observed_criterion                             ? 
_reflns.observed_criterion_F_max                       ? 
_reflns.observed_criterion_F_min                       ? 
_reflns.observed_criterion_I_max                       ? 
_reflns.observed_criterion_I_min                       ? 
_reflns.observed_criterion_sigma_F                     ? 
_reflns.observed_criterion_sigma_I                     ? 
_reflns.percent_possible_obs                           90.4 
_reflns.R_free_details                                 ? 
_reflns.Rmerge_F_all                                   ? 
_reflns.Rmerge_F_obs                                   ? 
_reflns.Friedel_coverage                               ? 
_reflns.number_gt                                      ? 
_reflns.threshold_expression                           ? 
_reflns.pdbx_redundancy                                20.3 
_reflns.pdbx_Rmerge_I_obs                              ? 
_reflns.pdbx_Rmerge_I_all                              ? 
_reflns.pdbx_Rsym_value                                ? 
_reflns.pdbx_netI_over_av_sigmaI                       ? 
_reflns.pdbx_netI_over_sigmaI                          15.1 
_reflns.pdbx_res_netI_over_av_sigmaI_2                 ? 
_reflns.pdbx_res_netI_over_sigmaI_2                    ? 
_reflns.pdbx_chi_squared                               ? 
_reflns.pdbx_scaling_rejects                           ? 
_reflns.pdbx_d_res_high_opt                            ? 
_reflns.pdbx_d_res_low_opt                             ? 
_reflns.pdbx_d_res_opt_method                          ? 
_reflns.phase_calculation_details                      ? 
_reflns.pdbx_Rrim_I_all                                ? 
_reflns.pdbx_Rpim_I_all                                ? 
_reflns.pdbx_d_opt                                     ? 
_reflns.pdbx_number_measured_all                       ? 
_reflns.pdbx_diffrn_id                                 1 
_reflns.pdbx_ordinal                                   1 
_reflns.pdbx_CC_half                                   0.999 
_reflns.pdbx_CC_star                                   ? 
_reflns.pdbx_R_split                                   ? 
_reflns.pdbx_aniso_diffraction_limit_axis_1_ortho[1]   ? 
_reflns.pdbx_aniso_diffraction_limit_axis_1_ortho[2]   ? 
_reflns.pdbx_aniso_diffraction_limit_axis_1_ortho[3]   ? 
_reflns.pdbx_aniso_diffraction_limit_axis_2_ortho[1]   ? 
_reflns.pdbx_aniso_diffraction_limit_axis_2_ortho[2]   ? 
_reflns.pdbx_aniso_diffraction_limit_axis_2_ortho[3]   ? 
_reflns.pdbx_aniso_diffraction_limit_axis_3_ortho[1]   ? 
_reflns.pdbx_aniso_diffraction_limit_axis_3_ortho[2]   ? 
_reflns.pdbx_aniso_diffraction_limit_axis_3_ortho[3]   ? 
_reflns.pdbx_aniso_diffraction_limit_1                 ? 
_reflns.pdbx_aniso_diffraction_limit_2                 ? 
_reflns.pdbx_aniso_diffraction_limit_3                 ? 
_reflns.pdbx_aniso_B_tensor_eigenvector_1_ortho[1]     ? 
_reflns.pdbx_aniso_B_tensor_eigenvector_1_ortho[2]     ? 
_reflns.pdbx_aniso_B_tensor_eigenvector_1_ortho[3]     ? 
_reflns.pdbx_aniso_B_tensor_eigenvector_2_ortho[1]     ? 
_reflns.pdbx_aniso_B_tensor_eigenvector_2_ortho[2]     ? 
_reflns.pdbx_aniso_B_tensor_eigenvector_2_ortho[3]     ? 
_reflns.pdbx_aniso_B_tensor_eigenvector_3_ortho[1]     ? 
_reflns.pdbx_aniso_B_tensor_eigenvector_3_ortho[2]     ? 
_reflns.pdbx_aniso_B_tensor_eigenvector_3_ortho[3]     ? 
_reflns.pdbx_aniso_B_tensor_eigenvalue_1               ? 
_reflns.pdbx_aniso_B_tensor_eigenvalue_2               ? 
_reflns.pdbx_aniso_B_tensor_eigenvalue_3               ? 
_reflns.pdbx_orthogonalization_convention              ? 
_reflns.pdbx_percent_possible_ellipsoidal              ? 
_reflns.pdbx_percent_possible_spherical                ? 
_reflns.pdbx_percent_possible_ellipsoidal_anomalous    ? 
_reflns.pdbx_percent_possible_spherical_anomalous      ? 
_reflns.pdbx_redundancy_anomalous                      ? 
_reflns.pdbx_CC_half_anomalous                         ? 
_reflns.pdbx_absDiff_over_sigma_anomalous              ? 
_reflns.pdbx_percent_possible_anomalous                ? 
_reflns.pdbx_observed_signal_threshold                 ? 
_reflns.pdbx_signal_type                               ? 
_reflns.pdbx_signal_details                            ? 
_reflns.pdbx_signal_software_id                        ? 
_reflns.pdbx_CC_split_method                           ? 
# 
_reflns_shell.d_res_high                                    4.56 
_reflns_shell.d_res_low                                     4.90 
_reflns_shell.meanI_over_sigI_all                           ? 
_reflns_shell.meanI_over_sigI_obs                           ? 
_reflns_shell.number_measured_all                           ? 
_reflns_shell.number_measured_obs                           ? 
_reflns_shell.number_possible                               ? 
_reflns_shell.number_unique_all                             ? 
_reflns_shell.number_unique_obs                             200 
_reflns_shell.percent_possible_all                          ? 
_reflns_shell.percent_possible_obs                          ? 
_reflns_shell.Rmerge_F_all                                  ? 
_reflns_shell.Rmerge_F_obs                                  ? 
_reflns_shell.Rmerge_I_all                                  ? 
_reflns_shell.Rmerge_I_obs                                  ? 
_reflns_shell.meanI_over_sigI_gt                            ? 
_reflns_shell.meanI_over_uI_all                             ? 
_reflns_shell.meanI_over_uI_gt                              ? 
_reflns_shell.number_measured_gt                            ? 
_reflns_shell.number_unique_gt                              ? 
_reflns_shell.percent_possible_gt                           ? 
_reflns_shell.Rmerge_F_gt                                   ? 
_reflns_shell.Rmerge_I_gt                                   ? 
_reflns_shell.pdbx_redundancy                               ? 
_reflns_shell.pdbx_Rsym_value                               ? 
_reflns_shell.pdbx_chi_squared                              ? 
_reflns_shell.pdbx_netI_over_sigmaI_all                     ? 
_reflns_shell.pdbx_netI_over_sigmaI_obs                     ? 
_reflns_shell.pdbx_Rrim_I_all                               ? 
_reflns_shell.pdbx_Rpim_I_all                               ? 
_reflns_shell.pdbx_rejects                                  ? 
_reflns_shell.pdbx_ordinal                                  1 
_reflns_shell.pdbx_diffrn_id                                1 
_reflns_shell.pdbx_CC_half                                  0.551 
_reflns_shell.pdbx_CC_star                                  ? 
_reflns_shell.pdbx_R_split                                  ? 
_reflns_shell.pdbx_percent_possible_ellipsoidal             ? 
_reflns_shell.pdbx_percent_possible_spherical               ? 
_reflns_shell.pdbx_percent_possible_ellipsoidal_anomalous   ? 
_reflns_shell.pdbx_percent_possible_spherical_anomalous     ? 
_reflns_shell.pdbx_redundancy_anomalous                     ? 
_reflns_shell.pdbx_CC_half_anomalous                        ? 
_reflns_shell.pdbx_absDiff_over_sigma_anomalous             ? 
_reflns_shell.pdbx_percent_possible_anomalous               ? 
# 
_refine.aniso_B[1][1]                            ? 
_refine.aniso_B[1][2]                            ? 
_refine.aniso_B[1][3]                            ? 
_refine.aniso_B[2][2]                            ? 
_refine.aniso_B[2][3]                            ? 
_refine.aniso_B[3][3]                            ? 
_refine.B_iso_max                                ? 
_refine.B_iso_mean                               337.20 
_refine.B_iso_min                                ? 
_refine.correlation_coeff_Fo_to_Fc               ? 
_refine.correlation_coeff_Fo_to_Fc_free          ? 
_refine.details                                  ? 
_refine.diff_density_max                         ? 
_refine.diff_density_max_esd                     ? 
_refine.diff_density_min                         ? 
_refine.diff_density_min_esd                     ? 
_refine.diff_density_rms                         ? 
_refine.diff_density_rms_esd                     ? 
_refine.entry_id                                 8CS1 
_refine.pdbx_refine_id                           'X-RAY DIFFRACTION' 
_refine.ls_abs_structure_details                 ? 
_refine.ls_abs_structure_Flack                   ? 
_refine.ls_abs_structure_Flack_esd               ? 
_refine.ls_abs_structure_Rogers                  ? 
_refine.ls_abs_structure_Rogers_esd              ? 
_refine.ls_d_res_high                            4.56 
_refine.ls_d_res_low                             20.01 
_refine.ls_extinction_coef                       ? 
_refine.ls_extinction_coef_esd                   ? 
_refine.ls_extinction_expression                 ? 
_refine.ls_extinction_method                     ? 
_refine.ls_goodness_of_fit_all                   ? 
_refine.ls_goodness_of_fit_all_esd               ? 
_refine.ls_goodness_of_fit_obs                   ? 
_refine.ls_goodness_of_fit_obs_esd               ? 
_refine.ls_hydrogen_treatment                    ? 
_refine.ls_matrix_type                           ? 
_refine.ls_number_constraints                    ? 
_refine.ls_number_parameters                     ? 
_refine.ls_number_reflns_all                     ? 
_refine.ls_number_reflns_obs                     2371 
_refine.ls_number_reflns_R_free                  141 
_refine.ls_number_reflns_R_work                  2230 
_refine.ls_number_restraints                     ? 
_refine.ls_percent_reflns_obs                    81.96 
_refine.ls_percent_reflns_R_free                 5.95 
_refine.ls_R_factor_all                          ? 
_refine.ls_R_factor_obs                          0.2144 
_refine.ls_R_factor_R_free                       0.2206 
_refine.ls_R_factor_R_free_error                 ? 
_refine.ls_R_factor_R_free_error_details         ? 
_refine.ls_R_factor_R_work                       0.2140 
_refine.ls_R_Fsqd_factor_obs                     ? 
_refine.ls_R_I_factor_obs                        ? 
_refine.ls_redundancy_reflns_all                 ? 
_refine.ls_redundancy_reflns_obs                 ? 
_refine.ls_restrained_S_all                      ? 
_refine.ls_restrained_S_obs                      ? 
_refine.ls_shift_over_esd_max                    ? 
_refine.ls_shift_over_esd_mean                   ? 
_refine.ls_structure_factor_coef                 ? 
_refine.ls_weighting_details                     ? 
_refine.ls_weighting_scheme                      ? 
_refine.ls_wR_factor_all                         ? 
_refine.ls_wR_factor_obs                         ? 
_refine.ls_wR_factor_R_free                      ? 
_refine.ls_wR_factor_R_work                      ? 
_refine.occupancy_max                            ? 
_refine.occupancy_min                            ? 
_refine.solvent_model_details                    'FLAT BULK SOLVENT MODEL' 
_refine.solvent_model_param_bsol                 ? 
_refine.solvent_model_param_ksol                 ? 
_refine.pdbx_R_complete                          ? 
_refine.ls_R_factor_gt                           ? 
_refine.ls_goodness_of_fit_gt                    ? 
_refine.ls_goodness_of_fit_ref                   ? 
_refine.ls_shift_over_su_max                     ? 
_refine.ls_shift_over_su_max_lt                  ? 
_refine.ls_shift_over_su_mean                    ? 
_refine.ls_shift_over_su_mean_lt                 ? 
_refine.pdbx_ls_sigma_I                          ? 
_refine.pdbx_ls_sigma_F                          1.36 
_refine.pdbx_ls_sigma_Fsqd                       ? 
_refine.pdbx_data_cutoff_high_absF               ? 
_refine.pdbx_data_cutoff_high_rms_absF           ? 
_refine.pdbx_data_cutoff_low_absF                ? 
_refine.pdbx_isotropic_thermal_model             ? 
_refine.pdbx_ls_cross_valid_method               'FREE R-VALUE' 
_refine.pdbx_method_to_determine_struct          'MOLECULAR REPLACEMENT' 
_refine.pdbx_starting_model                      7R96 
_refine.pdbx_stereochemistry_target_values       'GeoStd + Monomer Library + CDL v1.2' 
_refine.pdbx_R_Free_selection_details            ? 
_refine.pdbx_stereochem_target_val_spec_case     ? 
_refine.pdbx_overall_ESU_R                       ? 
_refine.pdbx_overall_ESU_R_Free                  ? 
_refine.pdbx_solvent_vdw_probe_radii             1.1100 
_refine.pdbx_solvent_ion_probe_radii             ? 
_refine.pdbx_solvent_shrinkage_radii             0.9000 
_refine.pdbx_real_space_R                        ? 
_refine.pdbx_density_correlation                 ? 
_refine.pdbx_pd_number_of_powder_patterns        ? 
_refine.pdbx_pd_number_of_points                 ? 
_refine.pdbx_pd_meas_number_of_points            ? 
_refine.pdbx_pd_proc_ls_prof_R_factor            ? 
_refine.pdbx_pd_proc_ls_prof_wR_factor           ? 
_refine.pdbx_pd_Marquardt_correlation_coeff      ? 
_refine.pdbx_pd_Fsqrd_R_factor                   ? 
_refine.pdbx_pd_ls_matrix_band_width             ? 
_refine.pdbx_overall_phase_error                 35.1811 
_refine.pdbx_overall_SU_R_free_Cruickshank_DPI   ? 
_refine.pdbx_overall_SU_R_free_Blow_DPI          ? 
_refine.pdbx_overall_SU_R_Blow_DPI               ? 
_refine.pdbx_TLS_residual_ADP_flag               ? 
_refine.pdbx_diffrn_id                           1 
_refine.overall_SU_B                             ? 
_refine.overall_SU_ML                            0.2088 
_refine.overall_SU_R_Cruickshank_DPI             ? 
_refine.overall_SU_R_free                        ? 
_refine.overall_FOM_free_R_set                   ? 
_refine.overall_FOM_work_R_set                   ? 
_refine.pdbx_average_fsc_overall                 ? 
_refine.pdbx_average_fsc_work                    ? 
_refine.pdbx_average_fsc_free                    ? 
# 
_refine_hist.pdbx_refine_id                   'X-RAY DIFFRACTION' 
_refine_hist.cycle_id                         LAST 
_refine_hist.details                          ? 
_refine_hist.d_res_high                       4.56 
_refine_hist.d_res_low                        20.01 
_refine_hist.number_atoms_solvent             0 
_refine_hist.number_atoms_total               855 
_refine_hist.number_reflns_all                ? 
_refine_hist.number_reflns_obs                ? 
_refine_hist.number_reflns_R_free             ? 
_refine_hist.number_reflns_R_work             ? 
_refine_hist.R_factor_all                     ? 
_refine_hist.R_factor_obs                     ? 
_refine_hist.R_factor_R_free                  ? 
_refine_hist.R_factor_R_work                  ? 
_refine_hist.pdbx_number_residues_total       ? 
_refine_hist.pdbx_B_iso_mean_ligand           ? 
_refine_hist.pdbx_B_iso_mean_solvent          ? 
_refine_hist.pdbx_number_atoms_protein        0 
_refine_hist.pdbx_number_atoms_nucleic_acid   855 
_refine_hist.pdbx_number_atoms_ligand         0 
_refine_hist.pdbx_number_atoms_lipid          ? 
_refine_hist.pdbx_number_atoms_carb           ? 
_refine_hist.pdbx_pseudo_atom_details         ? 
# 
loop_
_refine_ls_restr.pdbx_refine_id 
_refine_ls_restr.criterion 
_refine_ls_restr.dev_ideal 
_refine_ls_restr.dev_ideal_target 
_refine_ls_restr.number 
_refine_ls_restr.rejects 
_refine_ls_restr.type 
_refine_ls_restr.weight 
_refine_ls_restr.pdbx_restraint_function 
'X-RAY DIFFRACTION' ? 0.0166  ? 956  ? f_bond_d           ? ? 
'X-RAY DIFFRACTION' ? 1.6319  ? 1467 ? f_angle_d          ? ? 
'X-RAY DIFFRACTION' ? 0.0966  ? 166  ? f_chiral_restr     ? ? 
'X-RAY DIFFRACTION' ? 0.0099  ? 42   ? f_plane_restr      ? ? 
'X-RAY DIFFRACTION' ? 40.7769 ? 406  ? f_dihedral_angle_d ? ? 
# 
_refine_ls_shell.pdbx_refine_id                   'X-RAY DIFFRACTION' 
_refine_ls_shell.d_res_high                       4.56 
_refine_ls_shell.d_res_low                        20.01 
_refine_ls_shell.number_reflns_all                ? 
_refine_ls_shell.number_reflns_obs                ? 
_refine_ls_shell.number_reflns_R_free             141 
_refine_ls_shell.number_reflns_R_work             2230 
_refine_ls_shell.percent_reflns_obs               81.96 
_refine_ls_shell.percent_reflns_R_free            ? 
_refine_ls_shell.R_factor_all                     ? 
_refine_ls_shell.R_factor_obs                     ? 
_refine_ls_shell.R_factor_R_free                  0.2206 
_refine_ls_shell.R_factor_R_free_error            ? 
_refine_ls_shell.R_factor_R_work                  0.2140 
_refine_ls_shell.redundancy_reflns_all            ? 
_refine_ls_shell.redundancy_reflns_obs            ? 
_refine_ls_shell.wR_factor_all                    ? 
_refine_ls_shell.wR_factor_obs                    ? 
_refine_ls_shell.wR_factor_R_free                 ? 
_refine_ls_shell.wR_factor_R_work                 ? 
_refine_ls_shell.pdbx_R_complete                  ? 
_refine_ls_shell.pdbx_total_number_of_bins_used   ? 
_refine_ls_shell.pdbx_phase_error                 ? 
_refine_ls_shell.pdbx_fsc_work                    ? 
_refine_ls_shell.pdbx_fsc_free                    ? 
# 
_struct.entry_id                     8CS1 
_struct.title                        '[GA/CT] Self-Assembled 3D DNA Hexagonal Tensegrity Triangle' 
_struct.pdbx_model_details           ? 
_struct.pdbx_formula_weight          ? 
_struct.pdbx_formula_weight_method   ? 
_struct.pdbx_model_type_details      ? 
_struct.pdbx_CASP_flag               N 
# 
_struct_keywords.entry_id        8CS1 
_struct_keywords.text            'tensegrity triangle, synthetic construct, self-assembly, DNA' 
_struct_keywords.pdbx_keywords   DNA 
# 
loop_
_struct_asym.id 
_struct_asym.pdbx_blank_PDB_chainid_flag 
_struct_asym.pdbx_modified 
_struct_asym.entity_id 
_struct_asym.details 
A N N 1 ? 
B N N 2 ? 
C N N 3 ? 
D N N 4 ? 
# 
loop_
_struct_conn.id 
_struct_conn.conn_type_id 
_struct_conn.pdbx_leaving_atom_flag 
_struct_conn.pdbx_PDB_id 
_struct_conn.ptnr1_label_asym_id 
_struct_conn.ptnr1_label_comp_id 
_struct_conn.ptnr1_label_seq_id 
_struct_conn.ptnr1_label_atom_id 
_struct_conn.pdbx_ptnr1_label_alt_id 
_struct_conn.pdbx_ptnr1_PDB_ins_code 
_struct_conn.pdbx_ptnr1_standard_comp_id 
_struct_conn.ptnr1_symmetry 
_struct_conn.ptnr2_label_asym_id 
_struct_conn.ptnr2_label_comp_id 
_struct_conn.ptnr2_label_seq_id 
_struct_conn.ptnr2_label_atom_id 
_struct_conn.pdbx_ptnr2_label_alt_id 
_struct_conn.pdbx_ptnr2_PDB_ins_code 
_struct_conn.ptnr1_auth_asym_id 
_struct_conn.ptnr1_auth_comp_id 
_struct_conn.ptnr1_auth_seq_id 
_struct_conn.ptnr2_auth_asym_id 
_struct_conn.ptnr2_auth_comp_id 
_struct_conn.ptnr2_auth_seq_id 
_struct_conn.ptnr2_symmetry 
_struct_conn.pdbx_ptnr3_label_atom_id 
_struct_conn.pdbx_ptnr3_label_seq_id 
_struct_conn.pdbx_ptnr3_label_comp_id 
_struct_conn.pdbx_ptnr3_label_asym_id 
_struct_conn.pdbx_ptnr3_label_alt_id 
_struct_conn.pdbx_ptnr3_PDB_ins_code 
_struct_conn.details 
_struct_conn.pdbx_dist_value 
_struct_conn.pdbx_value_order 
_struct_conn.pdbx_role 
hydrog1  hydrog ? ? A DG 3  N1 ? ? ? 1_555 C DC 6 N3 ? ? A DG 103 C DC 214 1_555 ? ? ? ? ? ? WATSON-CRICK            ? ? ? 
hydrog2  hydrog ? ? A DG 3  N2 ? ? ? 1_555 C DC 6 O2 ? ? A DG 103 C DC 214 1_555 ? ? ? ? ? ? WATSON-CRICK            ? ? ? 
hydrog3  hydrog ? ? A DG 3  O6 ? ? ? 1_555 C DC 6 N4 ? ? A DG 103 C DC 214 1_555 ? ? ? ? ? ? WATSON-CRICK            ? ? ? 
hydrog4  hydrog ? ? A DC 4  N3 ? ? ? 1_555 C DG 5 N1 ? ? A DC 104 C DG 213 1_555 ? ? ? ? ? ? WATSON-CRICK            ? ? ? 
hydrog5  hydrog ? ? A DC 4  N4 ? ? ? 1_555 C DG 5 O6 ? ? A DC 104 C DG 213 1_555 ? ? ? ? ? ? WATSON-CRICK            ? ? ? 
hydrog6  hydrog ? ? A DC 4  O2 ? ? ? 1_555 C DG 5 N2 ? ? A DC 104 C DG 213 1_555 ? ? ? ? ? ? WATSON-CRICK            ? ? ? 
hydrog7  hydrog ? ? A DA 5  N1 ? ? ? 1_555 C DT 4 N3 ? ? A DA 105 C DT 212 1_555 ? ? ? ? ? ? WATSON-CRICK            ? ? ? 
hydrog8  hydrog ? ? A DA 5  N6 ? ? ? 1_555 C DT 4 O4 ? ? A DA 105 C DT 212 1_555 ? ? ? ? ? ? WATSON-CRICK            ? ? ? 
hydrog9  hydrog ? ? A DG 6  N1 ? ? ? 1_555 C DC 3 N3 ? ? A DG 106 C DC 211 1_555 ? ? ? ? ? ? WATSON-CRICK            ? ? ? 
hydrog10 hydrog ? ? A DG 6  N2 ? ? ? 1_555 C DC 3 O2 ? ? A DG 106 C DC 211 1_555 ? ? ? ? ? ? WATSON-CRICK            ? ? ? 
hydrog11 hydrog ? ? A DG 6  O6 ? ? ? 1_555 C DC 3 N4 ? ? A DG 106 C DC 211 1_555 ? ? ? ? ? ? WATSON-CRICK            ? ? ? 
hydrog12 hydrog ? ? A DC 7  N3 ? ? ? 1_555 C DG 2 N2 ? ? A DC 107 C DG 210 1_555 ? ? ? ? ? ? 'REVERSED WATSON-CRICK' ? ? ? 
hydrog13 hydrog ? ? A DC 7  O2 ? ? ? 1_555 C DG 2 N1 ? ? A DC 107 C DG 210 1_555 ? ? ? ? ? ? 'REVERSED WATSON-CRICK' ? ? ? 
hydrog14 hydrog ? ? A DC 8  N3 ? ? ? 1_555 C DG 1 N2 ? ? A DC 108 C DG 209 1_555 ? ? ? ? ? ? 'DC-DG PAIR'            ? ? ? 
hydrog15 hydrog ? ? A DT 9  N3 ? ? ? 1_555 B DA 7 N1 ? ? A DT 109 B DA 125 1_555 ? ? ? ? ? ? WATSON-CRICK            ? ? ? 
hydrog16 hydrog ? ? A DT 9  O4 ? ? ? 1_555 B DA 7 N6 ? ? A DT 109 B DA 125 1_555 ? ? ? ? ? ? WATSON-CRICK            ? ? ? 
hydrog17 hydrog ? ? A DG 10 N1 ? ? ? 1_555 B DC 6 N3 ? ? A DG 110 B DC 124 1_555 ? ? ? ? ? ? WATSON-CRICK            ? ? ? 
hydrog18 hydrog ? ? A DG 10 N2 ? ? ? 1_555 B DC 6 O2 ? ? A DG 110 B DC 124 1_555 ? ? ? ? ? ? WATSON-CRICK            ? ? ? 
hydrog19 hydrog ? ? A DG 10 O6 ? ? ? 1_555 B DC 6 N4 ? ? A DG 110 B DC 124 1_555 ? ? ? ? ? ? WATSON-CRICK            ? ? ? 
hydrog20 hydrog ? ? A DT 11 N3 ? ? ? 1_555 B DA 5 N1 ? ? A DT 111 B DA 123 1_555 ? ? ? ? ? ? WATSON-CRICK            ? ? ? 
hydrog21 hydrog ? ? A DT 11 O4 ? ? ? 1_555 B DA 5 N6 ? ? A DT 111 B DA 123 1_555 ? ? ? ? ? ? WATSON-CRICK            ? ? ? 
hydrog22 hydrog ? ? A DA 12 N1 ? ? ? 1_555 B DT 4 N3 ? ? A DA 112 B DT 122 1_555 ? ? ? ? ? ? WATSON-CRICK            ? ? ? 
hydrog23 hydrog ? ? A DA 12 N6 ? ? ? 1_555 B DT 4 O4 ? ? A DA 112 B DT 122 1_555 ? ? ? ? ? ? WATSON-CRICK            ? ? ? 
hydrog24 hydrog ? ? A DC 13 N3 ? ? ? 1_555 B DG 3 N1 ? ? A DC 113 B DG 121 1_555 ? ? ? ? ? ? WATSON-CRICK            ? ? ? 
hydrog25 hydrog ? ? A DC 13 N4 ? ? ? 1_555 B DG 3 O6 ? ? A DC 113 B DG 121 1_555 ? ? ? ? ? ? WATSON-CRICK            ? ? ? 
hydrog26 hydrog ? ? A DC 13 O2 ? ? ? 1_555 B DG 3 N2 ? ? A DC 113 B DG 121 1_555 ? ? ? ? ? ? WATSON-CRICK            ? ? ? 
hydrog27 hydrog ? ? A DG 14 O6 ? ? ? 1_555 B DC 1 N4 ? ? A DG 114 B DC 119 1_555 ? ? ? ? ? ? 'DG-DC PAIR'            ? ? ? 
hydrog28 hydrog ? ? A DG 14 O6 ? ? ? 1_555 B DC 2 N4 ? ? A DG 114 B DC 120 1_555 ? ? ? ? ? ? 'DG-DC PAIR'            ? ? ? 
hydrog29 hydrog ? ? A DG 15 N1 ? ? ? 1_555 B DC 1 N3 ? ? A DG 115 B DC 119 1_555 ? ? ? ? ? ? WATSON-CRICK            ? ? ? 
hydrog30 hydrog ? ? A DG 15 N2 ? ? ? 1_555 B DC 1 O2 ? ? A DG 115 B DC 119 1_555 ? ? ? ? ? ? WATSON-CRICK            ? ? ? 
hydrog31 hydrog ? ? A DG 15 O6 ? ? ? 1_555 B DC 1 N4 ? ? A DG 115 B DC 119 1_555 ? ? ? ? ? ? WATSON-CRICK            ? ? ? 
hydrog32 hydrog ? ? A DA 16 N1 ? ? ? 1_555 D DT 8 N3 ? ? A DA 116 D DT 208 1_555 ? ? ? ? ? ? WATSON-CRICK            ? ? ? 
hydrog33 hydrog ? ? A DA 16 N6 ? ? ? 1_555 D DT 8 O4 ? ? A DA 116 D DT 208 1_555 ? ? ? ? ? ? WATSON-CRICK            ? ? ? 
hydrog34 hydrog ? ? A DC 17 N3 ? ? ? 1_555 D DG 7 N1 ? ? A DC 117 D DG 207 1_555 ? ? ? ? ? ? WATSON-CRICK            ? ? ? 
hydrog35 hydrog ? ? A DC 17 N4 ? ? ? 1_555 D DG 7 O6 ? ? A DC 117 D DG 207 1_555 ? ? ? ? ? ? WATSON-CRICK            ? ? ? 
hydrog36 hydrog ? ? A DC 17 O2 ? ? ? 1_555 D DG 7 N2 ? ? A DC 117 D DG 207 1_555 ? ? ? ? ? ? WATSON-CRICK            ? ? ? 
hydrog37 hydrog ? ? A DA 18 N1 ? ? ? 1_555 D DT 6 N3 ? ? A DA 118 D DT 206 1_555 ? ? ? ? ? ? WATSON-CRICK            ? ? ? 
hydrog38 hydrog ? ? A DA 18 N6 ? ? ? 1_555 D DT 6 O4 ? ? A DA 118 D DT 206 1_555 ? ? ? ? ? ? WATSON-CRICK            ? ? ? 
hydrog39 hydrog ? ? A DT 19 N3 ? ? ? 1_555 D DA 5 N1 ? ? A DT 119 D DA 205 1_555 ? ? ? ? ? ? WATSON-CRICK            ? ? ? 
hydrog40 hydrog ? ? A DT 19 O4 ? ? ? 1_555 D DA 5 N6 ? ? A DT 119 D DA 205 1_555 ? ? ? ? ? ? WATSON-CRICK            ? ? ? 
hydrog41 hydrog ? ? A DC 20 N3 ? ? ? 1_555 D DG 4 N1 ? ? A DC 120 D DG 204 1_555 ? ? ? ? ? ? WATSON-CRICK            ? ? ? 
hydrog42 hydrog ? ? A DC 20 N4 ? ? ? 1_555 D DG 4 O6 ? ? A DC 120 D DG 204 1_555 ? ? ? ? ? ? WATSON-CRICK            ? ? ? 
hydrog43 hydrog ? ? A DC 20 O2 ? ? ? 1_555 D DG 4 N2 ? ? A DC 120 D DG 204 1_555 ? ? ? ? ? ? WATSON-CRICK            ? ? ? 
hydrog44 hydrog ? ? A DA 21 N1 ? ? ? 1_555 D DT 3 N3 ? ? A DA 121 D DT 203 1_555 ? ? ? ? ? ? WATSON-CRICK            ? ? ? 
hydrog45 hydrog ? ? A DA 21 N6 ? ? ? 1_555 D DT 3 O4 ? ? A DA 121 D DT 203 1_555 ? ? ? ? ? ? WATSON-CRICK            ? ? ? 
# 
_struct_conn_type.id          hydrog 
_struct_conn_type.criteria    ? 
_struct_conn_type.reference   ? 
# 
_atom_sites.entry_id                    8CS1 
_atom_sites.Cartn_transf_matrix[1][1]   ? 
_atom_sites.Cartn_transf_matrix[1][2]   ? 
_atom_sites.Cartn_transf_matrix[1][3]   ? 
_atom_sites.Cartn_transf_matrix[2][1]   ? 
_atom_sites.Cartn_transf_matrix[2][2]   ? 
_atom_sites.Cartn_transf_matrix[2][3]   ? 
_atom_sites.Cartn_transf_matrix[3][1]   ? 
_atom_sites.Cartn_transf_matrix[3][2]   ? 
_atom_sites.Cartn_transf_matrix[3][3]   ? 
_atom_sites.Cartn_transf_vector[1]      ? 
_atom_sites.Cartn_transf_vector[2]      ? 
_atom_sites.Cartn_transf_vector[3]      ? 
_atom_sites.fract_transf_matrix[1][1]   -0.00010127 
_atom_sites.fract_transf_matrix[1][2]   0.00782162 
_atom_sites.fract_transf_matrix[1][3]   0.00514675 
_atom_sites.fract_transf_matrix[2][1]   0.00723650 
_atom_sites.fract_transf_matrix[2][2]   0.00202169 
_atom_sites.fract_transf_matrix[2][3]   0.00558842 
_atom_sites.fract_transf_matrix[3][1]   0.00767447 
_atom_sites.fract_transf_matrix[3][2]   0.00871256 
_atom_sites.fract_transf_matrix[3][3]   -0.01308964 
_atom_sites.fract_transf_vector[1]      -0.260049 
_atom_sites.fract_transf_vector[2]      0.262386 
_atom_sites.fract_transf_vector[3]      0.262367 
_atom_sites.solution_primary            ? 
_atom_sites.solution_secondary          ? 
_atom_sites.solution_hydrogens          ? 
_atom_sites.special_details             ? 
# 
loop_
_atom_type.symbol 
_atom_type.scat_dispersion_real 
_atom_type.scat_dispersion_imag 
_atom_type.scat_Cromer_Mann_a1 
_atom_type.scat_Cromer_Mann_a2 
_atom_type.scat_Cromer_Mann_a3 
_atom_type.scat_Cromer_Mann_a4 
_atom_type.scat_Cromer_Mann_b1 
_atom_type.scat_Cromer_Mann_b2 
_atom_type.scat_Cromer_Mann_b3 
_atom_type.scat_Cromer_Mann_b4 
_atom_type.scat_Cromer_Mann_c 
_atom_type.scat_source 
_atom_type.scat_dispersion_source 
C ? ? 5.96793  ? ? ? 14.89577 ? ? ? 0.0 
;1-Gaussian fit: Grosse-Kunstleve RW, Sauter NK, Adams PD: Newsletter of the IUCr Commission on Crystallographic Computing 2004, 3, 22-31.
;
? 
N ? ? 6.96715  ? ? ? 11.43723 ? ? ? 0.0 
;1-Gaussian fit: Grosse-Kunstleve RW, Sauter NK, Adams PD: Newsletter of the IUCr Commission on Crystallographic Computing 2004, 3, 22-31.
;
? 
O ? ? 7.96527  ? ? ? 9.05267  ? ? ? 0.0 
;1-Gaussian fit: Grosse-Kunstleve RW, Sauter NK, Adams PD: Newsletter of the IUCr Commission on Crystallographic Computing 2004, 3, 22-31.
;
? 
P ? ? 14.90797 ? ? ? 11.91318 ? ? ? 0.0 
;1-Gaussian fit: Grosse-Kunstleve RW, Sauter NK, Adams PD: Newsletter of the IUCr Commission on Crystallographic Computing 2004, 3, 22-31.
;
? 
# 
loop_
_atom_site.group_PDB 
_atom_site.id 
_atom_site.type_symbol 
_atom_site.label_atom_id 
_atom_site.label_alt_id 
_atom_site.label_comp_id 
_atom_site.label_asym_id 
_atom_site.label_entity_id 
_atom_site.label_seq_id 
_atom_site.pdbx_PDB_ins_code 
_atom_site.Cartn_x 
_atom_site.Cartn_y 
_atom_site.Cartn_z 
_atom_site.occupancy 
_atom_site.B_iso_or_equiv 
_atom_site.pdbx_formal_charge 
_atom_site.auth_seq_id 
_atom_site.auth_comp_id 
_atom_site.auth_asym_id 
_atom_site.auth_atom_id 
_atom_site.pdbx_PDB_model_num 
ATOM 1   O "O5'" . DG A 1 1  ? 18.94044  24.58201  7.97363   1.000 679.95129 ? 101 DG A "O5'" 1 
ATOM 2   C "C5'" . DG A 1 1  ? 19.73066  24.64956  9.13979   1.000 681.16832 ? 101 DG A "C5'" 1 
ATOM 3   C "C4'" . DG A 1 1  ? 20.11243  26.08497  9.45244   1.000 694.24268 ? 101 DG A "C4'" 1 
ATOM 4   O "O4'" . DG A 1 1  ? 19.20734  27.00385  8.78678   1.000 698.77281 ? 101 DG A "O4'" 1 
ATOM 5   C "C3'" . DG A 1 1  ? 19.95565  26.46749  10.90610  1.000 696.43741 ? 101 DG A "C3'" 1 
ATOM 6   O "O3'" . DG A 1 1  ? 21.01495  26.02168  11.69406  1.000 697.39668 ? 101 DG A "O3'" 1 
ATOM 7   C "C2'" . DG A 1 1  ? 19.86673  27.98960  10.85727  1.000 708.21745 ? 101 DG A "C2'" 1 
ATOM 8   C "C1'" . DG A 1 1  ? 19.30806  28.25926  9.44975   1.000 707.41620 ? 101 DG A "C1'" 1 
ATOM 9   N N9    . DG A 1 1  ? 18.04008  29.03420  9.39638   1.000 360.14808 ? 101 DG A N9    1 
ATOM 10  C C8    . DG A 1 1  ? 17.52426  29.65715  8.28016   1.000 362.84687 ? 101 DG A C8    1 
ATOM 11  N N7    . DG A 1 1  ? 16.40453  30.28918  8.49532   1.000 363.66818 ? 101 DG A N7    1 
ATOM 12  C C5    . DG A 1 1  ? 16.15082  30.09612  9.84800   1.000 361.46534 ? 101 DG A C5    1 
ATOM 13  C C6    . DG A 1 1  ? 15.07221  30.56208  10.63348  1.000 361.39755 ? 101 DG A C6    1 
ATOM 14  O O6    . DG A 1 1  ? 14.12480  31.26328  10.29463  1.000 363.26958 ? 101 DG A O6    1 
ATOM 15  N N1    . DG A 1 1  ? 15.17878  30.13488  11.94746  1.000 359.06475 ? 101 DG A N1    1 
ATOM 16  C C2    . DG A 1 1  ? 16.20487  29.37036  12.43593  1.000 357.11737 ? 101 DG A C2    1 
ATOM 17  N N2    . DG A 1 1  ? 16.14906  29.05197  13.72496  1.000 355.29930 ? 101 DG A N2    1 
ATOM 18  N N3    . DG A 1 1  ? 17.22954  28.94798  11.72023  1.000 357.16864 ? 101 DG A N3    1 
ATOM 19  C C4    . DG A 1 1  ? 17.14463  29.34953  10.42562  1.000 359.41490 ? 101 DG A C4    1 
ATOM 20  P P     . DA A 1 2  ? 20.88009  26.15774  13.28886  1.000 664.25444 ? 102 DA A P     1 
ATOM 21  O OP1   . DA A 1 2  ? 21.04414  27.59031  13.62643  1.000 675.64638 ? 102 DA A OP1   1 
ATOM 22  O OP2   . DA A 1 2  ? 21.74743  25.15639  13.92556  1.000 659.62807 ? 102 DA A OP2   1 
ATOM 23  O "O5'" . DA A 1 2  ? 19.37285  25.71138  13.60357  1.000 654.70216 ? 102 DA A "O5'" 1 
ATOM 24  C "C5'" . DA A 1 2  ? 19.08999  24.97240  14.79832  1.000 646.11050 ? 102 DA A "C5'" 1 
ATOM 25  C "C4'" . DA A 1 2  ? 17.59285  24.88295  15.07151  1.000 640.33349 ? 102 DA A "C4'" 1 
ATOM 26  O "O4'" . DA A 1 2  ? 16.91136  26.01012  14.48145  1.000 644.00118 ? 102 DA A "O4'" 1 
ATOM 27  C "C3'" . DA A 1 2  ? 16.92321  23.67468  14.47070  1.000 630.22443 ? 102 DA A "C3'" 1 
ATOM 28  O "O3'" . DA A 1 2  ? 16.89992  22.64033  15.36857  1.000 623.44270 ? 102 DA A "O3'" 1 
ATOM 29  C "C2'" . DA A 1 2  ? 15.51139  24.14751  14.19854  1.000 631.60961 ? 102 DA A "C2'" 1 
ATOM 30  C "C1'" . DA A 1 2  ? 15.72182  25.58242  13.82497  1.000 638.05582 ? 102 DA A "C1'" 1 
ATOM 31  N N9    . DA A 1 2  ? 15.91812  25.83176  12.40987  1.000 347.54358 ? 102 DA A N9    1 
ATOM 32  C C8    . DA A 1 2  ? 17.07010  25.62262  11.70277  1.000 348.50457 ? 102 DA A C8    1 
ATOM 33  N N7    . DA A 1 2  ? 17.01051  26.02024  10.44562  1.000 350.72315 ? 102 DA A N7    1 
ATOM 34  C C5    . DA A 1 2  ? 15.73567  26.54792  10.31446  1.000 351.30348 ? 102 DA A C5    1 
ATOM 35  C C6    . DA A 1 2  ? 15.06059  27.15171  9.22183   1.000 353.69566 ? 102 DA A C6    1 
ATOM 36  N N6    . DA A 1 2  ? 15.58845  27.30397  8.00449   1.000 355.97335 ? 102 DA A N6    1 
ATOM 37  N N1    . DA A 1 2  ? 13.81577  27.58621  9.43050   1.000 353.85861 ? 102 DA A N1    1 
ATOM 38  C C2    . DA A 1 2  ? 13.25900  27.42932  10.63420  1.000 351.78620 ? 102 DA A C2    1 
ATOM 39  N N3    . DA A 1 2  ? 13.77276  26.88467  11.74481  1.000 349.53189 ? 102 DA A N3    1 
ATOM 40  C C4    . DA A 1 2  ? 15.04224  26.46254  11.52011  1.000 349.41247 ? 102 DA A C4    1 
ATOM 41  P P     . DG A 1 3  ? 16.54124  21.20386  14.77966  1.000 382.24722 ? 103 DG A P     1 
ATOM 42  O OP1   . DG A 1 3  ? 16.99726  20.12139  15.70838  1.000 374.82559 ? 103 DG A OP1   1 
ATOM 43  O OP2   . DG A 1 3  ? 17.14772  21.30985  13.42441  1.000 381.72934 ? 103 DG A OP2   1 
ATOM 44  O "O5'" . DG A 1 3  ? 14.92874  21.22548  14.60995  1.000 380.79399 ? 103 DG A "O5'" 1 
ATOM 45  C "C5'" . DG A 1 3  ? 14.05316  21.36372  15.74747  1.000 381.41148 ? 103 DG A "C5'" 1 
ATOM 46  C "C4'" . DG A 1 3  ? 12.64086  21.67799  15.28189  1.000 383.89289 ? 103 DG A "C4'" 1 
ATOM 47  O "O4'" . DG A 1 3  ? 12.71059  22.80962  14.39094  1.000 390.67291 ? 103 DG A "O4'" 1 
ATOM 48  C "C3'" . DG A 1 3  ? 11.95112  20.53820  14.50980  1.000 376.37105 ? 103 DG A "C3'" 1 
ATOM 49  O "O3'" . DG A 1 3  ? 10.84702  19.94074  15.27841  1.000 368.90212 ? 103 DG A "O3'" 1 
ATOM 50  C "C2'" . DG A 1 3  ? 11.48373  21.14847  13.18706  1.000 378.78426 ? 103 DG A "C2'" 1 
ATOM 51  C "C1'" . DG A 1 3  ? 11.90372  22.61444  13.25725  1.000 387.46481 ? 103 DG A "C1'" 1 
ATOM 52  N N9    . DG A 1 3  ? 12.65383  23.02615  12.08990  1.000 390.76108 ? 103 DG A N9    1 
ATOM 53  C C8    . DG A 1 3  ? 13.98555  22.82146  11.83722  1.000 389.24952 ? 103 DG A C8    1 
ATOM 54  N N7    . DG A 1 3  ? 14.37553  23.30958  10.69525  1.000 393.28443 ? 103 DG A N7    1 
ATOM 55  C C5    . DG A 1 3  ? 13.21669  23.85128  10.15204  1.000 397.37245 ? 103 DG A C5    1 
ATOM 56  C C6    . DG A 1 3  ? 13.00386  24.52141  8.92349   1.000 402.29421 ? 103 DG A C6    1 
ATOM 57  O O6    . DG A 1 3  ? 13.81763  24.76457  8.02645   1.000 404.93463 ? 103 DG A O6    1 
ATOM 58  N N1    . DG A 1 3  ? 11.67509  24.90158  8.76773   1.000 403.28423 ? 103 DG A N1    1 
ATOM 59  C C2    . DG A 1 3  ? 10.68530  24.68044  9.68894   1.000 399.72301 ? 103 DG A C2    1 
ATOM 60  N N2    . DG A 1 3  ? 9.46418   25.12036  9.35736   1.000 398.96322 ? 103 DG A N2    1 
ATOM 61  N N3    . DG A 1 3  ? 10.87158  24.05684  10.84111  1.000 396.06765 ? 103 DG A N3    1 
ATOM 62  C C4    . DG A 1 3  ? 12.15455  23.67555  11.00331  1.000 395.28836 ? 103 DG A C4    1 
ATOM 63  P P     . DC A 1 4  ? 9.38019   20.62036  15.36246  1.000 409.73867 ? 104 DC A P     1 
ATOM 64  O OP1   . DC A 1 4  ? 9.50677   22.09674  15.39909  1.000 423.45579 ? 104 DC A OP1   1 
ATOM 65  O OP2   . DC A 1 4  ? 8.61620   19.91331  16.41802  1.000 399.36357 ? 104 DC A OP2   1 
ATOM 66  O "O5'" . DC A 1 4  ? 8.65064   20.22977  14.00526  1.000 403.60385 ? 104 DC A "O5'" 1 
ATOM 67  C "C5'" . DC A 1 4  ? 7.47830   20.91203  13.64584  1.000 399.00560 ? 104 DC A "C5'" 1 
ATOM 68  C "C4'" . DC A 1 4  ? 7.10777   20.56358  12.23890  1.000 392.58132 ? 104 DC A "C4'" 1 
ATOM 69  O "O4'" . DC A 1 4  ? 7.98172   21.25430  11.31412  1.000 401.81775 ? 104 DC A "O4'" 1 
ATOM 70  C "C3'" . DC A 1 4  ? 7.23040   19.07731  11.93050  1.000 384.25526 ? 104 DC A "C3'" 1 
ATOM 71  O "O3'" . DC A 1 4  ? 5.95359   18.52078  11.59833  1.000 371.66491 ? 104 DC A "O3'" 1 
ATOM 72  C "C2'" . DC A 1 4  ? 8.21657   19.02256  10.75574  1.000 387.62236 ? 104 DC A "C2'" 1 
ATOM 73  C "C1'" . DC A 1 4  ? 8.15087   20.44662  10.19277  1.000 398.05688 ? 104 DC A "C1'" 1 
ATOM 74  N N1    . DC A 1 4  ? 9.41504   20.85156  9.44792   1.000 408.52460 ? 104 DC A N1    1 
ATOM 75  C C2    . DC A 1 4  ? 9.36747   21.67927  8.29015   1.000 417.86324 ? 104 DC A C2    1 
ATOM 76  O O2    . DC A 1 4  ? 8.29217   22.10523  7.86732   1.000 421.11647 ? 104 DC A O2    1 
ATOM 77  N N3    . DC A 1 4  ? 10.53172  21.97287  7.63691   1.000 426.97200 ? 104 DC A N3    1 
ATOM 78  C C4    . DC A 1 4  ? 11.68773  21.49451  8.09026   1.000 423.83400 ? 104 DC A C4    1 
ATOM 79  N N4    . DC A 1 4  ? 12.80208  21.81864  7.42220   1.000 433.91059 ? 104 DC A N4    1 
ATOM 80  C C5    . DC A 1 4  ? 11.75494  20.65699  9.24881   1.000 416.58935 ? 104 DC A C5    1 
ATOM 81  C C6    . DC A 1 4  ? 10.60995  20.35972  9.88008   1.000 410.17656 ? 104 DC A C6    1 
ATOM 82  P P     . DA A 1 5  ? 4.56655   19.30987  11.88173  1.000 340.11172 ? 105 DA A P     1 
ATOM 83  O OP1   . DA A 1 5  ? 4.46199   19.83190  13.26958  1.000 341.26609 ? 105 DA A OP1   1 
ATOM 84  O OP2   . DA A 1 5  ? 3.51691   18.37682  11.42451  1.000 326.28242 ? 105 DA A OP2   1 
ATOM 85  O "O5'" . DA A 1 5  ? 4.54830   20.49366  10.79889  1.000 346.80222 ? 105 DA A "O5'" 1 
ATOM 86  C "C5'" . DA A 1 5  ? 3.32662   21.16679  10.48715  1.000 342.99081 ? 105 DA A "C5'" 1 
ATOM 87  C "C4'" . DA A 1 5  ? 3.04024   21.10945  8.99410   1.000 339.85446 ? 105 DA A "C4'" 1 
ATOM 88  O "O4'" . DA A 1 5  ? 4.29327   20.99785  8.25793   1.000 349.37156 ? 105 DA A "O4'" 1 
ATOM 89  C "C3'" . DA A 1 5  ? 2.18162   19.93028  8.53707   1.000 327.02762 ? 105 DA A "C3'" 1 
ATOM 90  O "O3'" . DA A 1 5  ? 1.31628   20.35135  7.47807   1.000 321.94517 ? 105 DA A "O3'" 1 
ATOM 91  C "C2'" . DA A 1 5  ? 3.22518   18.92457  8.04464   1.000 330.68988 ? 105 DA A "C2'" 1 
ATOM 92  C "C1'" . DA A 1 5  ? 4.25147   19.85498  7.41613   1.000 343.77647 ? 105 DA A "C1'" 1 
ATOM 93  N N9    . DA A 1 5  ? 5.60755   19.27411  7.30577   1.000 351.81191 ? 105 DA A N9    1 
ATOM 94  C C8    . DA A 1 5  ? 6.29972   18.61236  8.27277   1.000 353.09345 ? 105 DA A C8    1 
ATOM 95  N N7    . DA A 1 5  ? 7.49423   18.20614  7.89513   1.000 359.58859 ? 105 DA A N7    1 
ATOM 96  C C5    . DA A 1 5  ? 7.59182   18.61871  6.58109   1.000 363.02315 ? 105 DA A C5    1 
ATOM 97  C C6    . DA A 1 5  ? 8.61988   18.49548  5.61167   1.000 368.77488 ? 105 DA A C6    1 
ATOM 98  N N6    . DA A 1 5  ? 9.77994   17.88687  5.85693   1.000 371.00637 ? 105 DA A N6    1 
ATOM 99  N N1    . DA A 1 5  ? 8.39591   19.00949  4.37279   1.000 370.96086 ? 105 DA A N1    1 
ATOM 100 C C2    . DA A 1 5  ? 7.21637   19.61558  4.14863   1.000 367.20449 ? 105 DA A C2    1 
ATOM 101 N N3    . DA A 1 5  ? 6.18109   19.79454  4.98381   1.000 360.43177 ? 105 DA A N3    1 
ATOM 102 C C4    . DA A 1 5  ? 6.44509   19.29441  6.20045   1.000 358.78336 ? 105 DA A C4    1 
ATOM 103 P P     . DG A 1 6  ? 0.21137   19.35070  6.87572   1.000 343.57158 ? 106 DG A P     1 
ATOM 104 O OP1   . DG A 1 6  ? -1.01586  20.17781  6.76264   1.000 337.19868 ? 106 DG A OP1   1 
ATOM 105 O OP2   . DG A 1 6  ? 0.27590   18.05499  7.62680   1.000 336.18094 ? 106 DG A OP2   1 
ATOM 106 O "O5'" . DG A 1 6  ? 0.69765   19.06890  5.37113   1.000 348.38583 ? 106 DG A "O5'" 1 
ATOM 107 C "C5'" . DG A 1 6  ? 0.57960   20.09479  4.36020   1.000 355.83470 ? 106 DG A "C5'" 1 
ATOM 108 C "C4'" . DG A 1 6  ? 1.29722   19.69446  3.06471   1.000 361.36153 ? 106 DG A "C4'" 1 
ATOM 109 O "O4'" . DG A 1 6  ? 2.72452   19.48353  3.33092   1.000 369.66039 ? 106 DG A "O4'" 1 
ATOM 110 C "C3'" . DG A 1 6  ? 0.80318   18.39469  2.40465   1.000 351.71973 ? 106 DG A "C3'" 1 
ATOM 111 O "O3'" . DG A 1 6  ? 0.85676   18.49174  0.93560   1.000 355.25214 ? 106 DG A "O3'" 1 
ATOM 112 C "C2'" . DG A 1 6  ? 1.80900   17.39113  2.93617   1.000 353.01702 ? 106 DG A "C2'" 1 
ATOM 113 C "C1'" . DG A 1 6  ? 3.09131   18.20647  2.84867   1.000 366.23980 ? 106 DG A "C1'" 1 
ATOM 114 N N9    . DG A 1 6  ? 4.19528   17.65789  3.65204   1.000 370.42195 ? 106 DG A N9    1 
ATOM 115 C C8    . DG A 1 6  ? 4.23632   17.53401  5.01914   1.000 368.77133 ? 106 DG A C8    1 
ATOM 116 N N7    . DG A 1 6  ? 5.32636   16.96807  5.45934   1.000 373.81308 ? 106 DG A N7    1 
ATOM 117 C C5    . DG A 1 6  ? 6.07001   16.71569  4.31736   1.000 378.29306 ? 106 DG A C5    1 
ATOM 118 C C6    . DG A 1 6  ? 7.34563   16.12304  4.17926   1.000 382.91648 ? 106 DG A C6    1 
ATOM 119 O O6    . DG A 1 6  ? 8.09948   15.72290  5.07153   1.000 383.89467 ? 106 DG A O6    1 
ATOM 120 N N1    . DG A 1 6  ? 7.74686   16.04455  2.84743   1.000 385.46613 ? 106 DG A N1    1 
ATOM 121 C C2    . DG A 1 6  ? 6.99083   16.45956  1.77870   1.000 384.47795 ? 106 DG A C2    1 
ATOM 122 N N2    . DG A 1 6  ? 7.54230   16.27906  0.55814   1.000 387.81901 ? 106 DG A N2    1 
ATOM 123 N N3    . DG A 1 6  ? 5.78187   17.02405  1.89499   1.000 380.01284 ? 106 DG A N3    1 
ATOM 124 C C4    . DG A 1 6  ? 5.38845   17.11934  3.18876   1.000 376.64515 ? 106 DG A C4    1 
ATOM 125 P P     . DC A 1 7  ? 0.74833   17.17705  -0.00346  1.000 334.78969 ? 107 DC A P     1 
ATOM 126 O OP1   . DC A 1 7  ? 0.71934   17.60124  -1.42146  1.000 339.28875 ? 107 DC A OP1   1 
ATOM 127 O OP2   . DC A 1 7  ? -0.36997  16.33936  0.51025   1.000 321.86409 ? 107 DC A OP2   1 
ATOM 128 O "O5'" . DC A 1 7  ? 2.15231   16.42194  0.21776   1.000 337.43654 ? 107 DC A "O5'" 1 
ATOM 129 C "C5'" . DC A 1 7  ? 3.36583   16.87492  -0.41769  1.000 349.29945 ? 107 DC A "C5'" 1 
ATOM 130 C "C4'" . DC A 1 7  ? 4.19668   15.67892  -0.83987  1.000 348.67791 ? 107 DC A "C4'" 1 
ATOM 131 O "O4'" . DC A 1 7  ? 5.03554   15.24024  0.25247   1.000 349.40165 ? 107 DC A "O4'" 1 
ATOM 132 C "C3'" . DC A 1 7  ? 3.36946   14.47315  -1.22047  1.000 337.66459 ? 107 DC A "C3'" 1 
ATOM 133 O "O3'" . DC A 1 7  ? 4.00924   13.75892  -2.24746  1.000 339.88686 ? 107 DC A "O3'" 1 
ATOM 134 C "C2'" . DC A 1 7  ? 3.26930   13.67666  0.08952   1.000 330.54771 ? 107 DC A "C2'" 1 
ATOM 135 C "C1'" . DC A 1 7  ? 4.58222   14.00549  0.77283   1.000 340.30960 ? 107 DC A "C1'" 1 
ATOM 136 N N1    . DC A 1 7  ? 4.54392   14.05722  2.27046   1.000 338.04466 ? 107 DC A N1    1 
ATOM 137 C C2    . DC A 1 7  ? 5.56574   13.46415  3.00524   1.000 341.12408 ? 107 DC A C2    1 
ATOM 138 O O2    . DC A 1 7  ? 6.42891   12.85501  2.40732   1.000 344.64796 ? 107 DC A O2    1 
ATOM 139 N N3    . DC A 1 7  ? 5.51897   13.50146  4.36045   1.000 339.20072 ? 107 DC A N3    1 
ATOM 140 C C4    . DC A 1 7  ? 4.51127   14.12681  4.97415   1.000 334.06916 ? 107 DC A C4    1 
ATOM 141 N N4    . DC A 1 7  ? 4.50877   14.16991  6.31589   1.000 331.62405 ? 107 DC A N4    1 
ATOM 142 C C5    . DC A 1 7  ? 3.46071   14.73537  4.23687   1.000 330.14786 ? 107 DC A C5    1 
ATOM 143 C C6    . DC A 1 7  ? 3.52199   14.67689  2.90012   1.000 332.52242 ? 107 DC A C6    1 
ATOM 144 P P     . DC A 1 8  ? 3.59827   14.05135  -3.77050  1.000 311.03903 ? 108 DC A P     1 
ATOM 145 O OP1   . DC A 1 8  ? 2.80278   15.30072  -3.77973  1.000 315.88447 ? 108 DC A OP1   1 
ATOM 146 O OP2   . DC A 1 8  ? 2.99903   12.83182  -4.35552  1.000 299.92416 ? 108 DC A OP2   1 
ATOM 147 O "O5'" . DC A 1 8  ? 5.01256   14.24261  -4.49224  1.000 321.81524 ? 108 DC A "O5'" 1 
ATOM 148 C "C5'" . DC A 1 8  ? 5.50036   13.21240  -5.35892  1.000 319.04784 ? 108 DC A "C5'" 1 
ATOM 149 C "C4'" . DC A 1 8  ? 7.00016   12.97747  -5.20398  1.000 323.44259 ? 108 DC A "C4'" 1 
ATOM 150 O "O4'" . DC A 1 8  ? 7.47857   13.53401  -3.95725  1.000 327.86362 ? 108 DC A "O4'" 1 
ATOM 151 C "C3'" . DC A 1 8  ? 7.40818   11.51703  -5.14875  1.000 314.39616 ? 108 DC A "C3'" 1 
ATOM 152 O "O3'" . DC A 1 8  ? 7.53457   10.98454  -6.46711  1.000 311.42775 ? 108 DC A "O3'" 1 
ATOM 153 C "C2'" . DC A 1 8  ? 8.75585   11.59365  -4.45064  1.000 318.68878 ? 108 DC A "C2'" 1 
ATOM 154 C "C1'" . DC A 1 8  ? 8.54209   12.73630  -3.45806  1.000 325.71382 ? 108 DC A "C1'" 1 
ATOM 155 N N1    . DC A 1 8  ? 8.14797   12.28866  -2.13484  1.000 319.77753 ? 108 DC A N1    1 
ATOM 156 C C2    . DC A 1 8  ? 9.02754   11.54567  -1.33705  1.000 317.57149 ? 108 DC A C2    1 
ATOM 157 O O2    . DC A 1 8  ? 10.15386  11.26522  -1.77131  1.000 319.04107 ? 108 DC A O2    1 
ATOM 158 N N3    . DC A 1 8  ? 8.61387   11.15428  -0.10321  1.000 312.66539 ? 108 DC A N3    1 
ATOM 159 C C4    . DC A 1 8  ? 7.39789   11.47819  0.30399   1.000 309.65644 ? 108 DC A C4    1 
ATOM 160 N N4    . DC A 1 8  ? 7.00596   11.08908  1.51905   1.000 304.87966 ? 108 DC A N4    1 
ATOM 161 C C5    . DC A 1 8  ? 6.52312   12.22750  -0.50426  1.000 310.70179 ? 108 DC A C5    1 
ATOM 162 C C6    . DC A 1 8  ? 6.92451   12.61273  -1.69015  1.000 316.03622 ? 108 DC A C6    1 
ATOM 163 P P     . DT A 1 9  ? 7.01461   9.49423   -6.77909  1.000 352.91815 ? 109 DT A P     1 
ATOM 164 O OP1   . DT A 1 9  ? 7.23991   9.22004   -8.22395  1.000 352.16947 ? 109 DT A OP1   1 
ATOM 165 O OP2   . DT A 1 9  ? 5.64465   9.40581   -6.22088  1.000 347.56919 ? 109 DT A OP2   1 
ATOM 166 O "O5'" . DT A 1 9  ? 7.95667   8.55861   -5.86571  1.000 348.09815 ? 109 DT A "O5'" 1 
ATOM 167 C "C5'" . DT A 1 9  ? 9.37336   8.54803   -6.08749  1.000 351.06219 ? 109 DT A "C5'" 1 
ATOM 168 C "C4'" . DT A 1 9  ? 10.15106  8.17519   -4.82947  1.000 349.02498 ? 109 DT A "C4'" 1 
ATOM 169 O "O4'" . DT A 1 9  ? 9.47857   8.65219   -3.65879  1.000 351.36955 ? 109 DT A "O4'" 1 
ATOM 170 C "C3'" . DT A 1 9  ? 10.30991  6.68569   -4.58517  1.000 335.45912 ? 109 DT A "C3'" 1 
ATOM 171 O "O3'" . DT A 1 9  ? 11.51031  6.25565   -5.11710  1.000 334.00485 ? 109 DT A "O3'" 1 
ATOM 172 C "C2'" . DT A 1 9  ? 10.37018  6.56454   -3.06421  1.000 333.18300 ? 109 DT A "C2'" 1 
ATOM 173 C "C1'" . DT A 1 9  ? 10.00069  7.95011   -2.55884  1.000 345.30638 ? 109 DT A "C1'" 1 
ATOM 174 N N1    . DT A 1 9  ? 8.99399   7.89017   -1.53809  1.000 342.72348 ? 109 DT A N1    1 
ATOM 175 C C2    . DT A 1 9  ? 9.24993   7.18351   -0.38604  1.000 337.96505 ? 109 DT A C2    1 
ATOM 176 O O2    . DT A 1 9  ? 10.30328  6.61774   -0.15365  1.000 334.48417 ? 109 DT A O2    1 
ATOM 177 N N3    . DT A 1 9  ? 8.23914   7.17672   0.50532   1.000 336.07279 ? 109 DT A N3    1 
ATOM 178 C C4    . DT A 1 9  ? 7.01189   7.79227   0.36586   1.000 337.18147 ? 109 DT A C4    1 
ATOM 179 O O4    . DT A 1 9  ? 6.15732   7.73032   1.23405   1.000 334.01467 ? 109 DT A O4    1 
ATOM 180 C C5    . DT A 1 9  ? 6.80749   8.50243   -0.87328  1.000 340.82895 ? 109 DT A C5    1 
ATOM 181 C C7    . DT A 1 9  ? 5.51218   9.19380   -1.14263  1.000 339.89911 ? 109 DT A C7    1 
ATOM 182 C C6    . DT A 1 9  ? 7.79644   8.51026   -1.75731  1.000 343.92300 ? 109 DT A C6    1 
ATOM 183 P P     . DG A 1 10 ? 11.56359  5.49163   -6.52043  1.000 300.00951 ? 110 DG A P     1 
ATOM 184 O OP1   . DG A 1 10 ? 12.79986  4.67085   -6.46674  1.000 292.50033 ? 110 DG A OP1   1 
ATOM 185 O OP2   . DG A 1 10 ? 11.46008  6.56767   -7.52703  1.000 311.72659 ? 110 DG A OP2   1 
ATOM 186 O "O5'" . DG A 1 10 ? 10.23163  4.57442   -6.57393  1.000 288.80894 ? 110 DG A "O5'" 1 
ATOM 187 C "C5'" . DG A 1 10 ? 10.34095  3.14152   -6.59578  1.000 275.29966 ? 110 DG A "C5'" 1 
ATOM 188 C "C4'" . DG A 1 10 ? 10.97975  2.66439   -5.31249  1.000 267.72040 ? 110 DG A "C4'" 1 
ATOM 189 O "O4'" . DG A 1 10 ? 10.56031  3.55912   -4.27086  1.000 273.60924 ? 110 DG A "O4'" 1 
ATOM 190 C "C3'" . DG A 1 10 ? 10.60008  1.25883   -4.87701  1.000 262.75912 ? 110 DG A "C3'" 1 
ATOM 191 O "O3'" . DG A 1 10 ? 11.73886  0.50077   -4.52021  1.000 259.60033 ? 110 DG A "O3'" 1 
ATOM 192 C "C2'" . DG A 1 10 ? 9.71219   1.45114   -3.66893  1.000 260.41437 ? 110 DG A "C2'" 1 
ATOM 193 C "C1'" . DG A 1 10 ? 9.99572   2.86083   -3.20978  1.000 263.58556 ? 110 DG A "C1'" 1 
ATOM 194 N N9    . DG A 1 10 ? 8.78512   3.52329   -2.79151  1.000 270.02505 ? 110 DG A N9    1 
ATOM 195 C C8    . DG A 1 10 ? 8.02302   4.45318   -3.46684  1.000 278.88757 ? 110 DG A C8    1 
ATOM 196 N N7    . DG A 1 10 ? 6.96497   4.82678   -2.80020  1.000 282.07249 ? 110 DG A N7    1 
ATOM 197 C C5    . DG A 1 10 ? 7.03084   4.05759   -1.63725  1.000 275.96807 ? 110 DG A C5    1 
ATOM 198 C C6    . DG A 1 10 ? 6.16666   3.99088   -0.52643  1.000 275.63882 ? 110 DG A C6    1 
ATOM 199 O O6    . DG A 1 10 ? 5.12797   4.61327   -0.30306  1.000 280.21440 ? 110 DG A O6    1 
ATOM 200 N N1    . DG A 1 10 ? 6.62881   3.07262   0.41509   1.000 267.59198 ? 110 DG A N1    1 
ATOM 201 C C2    . DG A 1 10 ? 7.76357   2.32854   0.28486   1.000 259.50217 ? 110 DG A C2    1 
ATOM 202 N N2    . DG A 1 10 ? 8.05107   1.49174   1.27941   1.000 250.11313 ? 110 DG A N2    1 
ATOM 203 N N3    . DG A 1 10 ? 8.56341   2.38212   -0.73956  1.000 259.22153 ? 110 DG A N3    1 
ATOM 204 C C4    . DG A 1 10 ? 8.13543   3.26255   -1.65430  1.000 268.29323 ? 110 DG A C4    1 
ATOM 205 P P     . DT A 1 11 ? 12.26989  -0.66872  -5.48562  1.000 285.30531 ? 111 DT A P     1 
ATOM 206 O OP1   . DT A 1 11 ? 13.67615  -0.93694  -5.09978  1.000 286.16872 ? 111 DT A OP1   1 
ATOM 207 O OP2   . DT A 1 11 ? 11.94637  -0.21701  -6.85931  1.000 291.36014 ? 111 DT A OP2   1 
ATOM 208 O "O5'" . DT A 1 11 ? 11.40238  -1.98559  -5.13636  1.000 270.58184 ? 111 DT A "O5'" 1 
ATOM 209 C "C5'" . DT A 1 11 ? 10.27267  -1.91259  -4.30919  1.000 266.20428 ? 111 DT A "C5'" 1 
ATOM 210 C "C4'" . DT A 1 11 ? 10.59727  -2.44681  -2.95027  1.000 257.78348 ? 111 DT A "C4'" 1 
ATOM 211 O "O4'" . DT A 1 11 ? 9.94992   -1.63511  -1.93497  1.000 264.28695 ? 111 DT A "O4'" 1 
ATOM 212 C "C3'" . DT A 1 11 ? 10.06186  -3.82127  -2.73340  1.000 245.06807 ? 111 DT A "C3'" 1 
ATOM 213 O "O3'" . DT A 1 11 ? 10.72331  -4.40339  -1.65893  1.000 239.98270 ? 111 DT A "O3'" 1 
ATOM 214 C "C2'" . DT A 1 11 ? 8.61534   -3.50452  -2.39237  1.000 248.10734 ? 111 DT A "C2'" 1 
ATOM 215 C "C1'" . DT A 1 11 ? 8.79393   -2.30726  -1.46411  1.000 258.16246 ? 111 DT A "C1'" 1 
ATOM 216 N N1    . DT A 1 11 ? 7.64135   -1.31825  -1.46842  1.000 269.75946 ? 111 DT A N1    1 
ATOM 217 C C2    . DT A 1 11 ? 6.81124   -1.19375  -0.35892  1.000 269.94923 ? 111 DT A C2    1 
ATOM 218 O O2    . DT A 1 11 ? 6.92647   -1.86781  0.65204   1.000 260.76976 ? 111 DT A O2    1 
ATOM 219 N N3    . DT A 1 11 ? 5.82144   -0.24351  -0.49747  1.000 280.09621 ? 111 DT A N3    1 
ATOM 220 C C4    . DT A 1 11 ? 5.58829   0.57286   -1.56781  1.000 288.58712 ? 111 DT A C4    1 
ATOM 221 O O4    . DT A 1 11 ? 4.68096   1.39752   -1.59350  1.000 295.26495 ? 111 DT A O4    1 
ATOM 222 C C5    . DT A 1 11 ? 6.48279   0.39769   -2.67229  1.000 287.86403 ? 111 DT A C5    1 
ATOM 223 C C7    . DT A 1 11 ? 6.30754   1.23686   -3.89587  1.000 295.78064 ? 111 DT A C7    1 
ATOM 224 C C6    . DT A 1 11 ? 7.45017   -0.53018  -2.57510  1.000 279.00522 ? 111 DT A C6    1 
ATOM 225 P P     . DA A 1 12 ? 10.46792  -5.95108  -1.33779  1.000 251.35971 ? 112 DA A P     1 
ATOM 226 O OP1   . DA A 1 12 ? 11.54309  -6.47181  -0.46492  1.000 244.30876 ? 112 DA A OP1   1 
ATOM 227 O OP2   . DA A 1 12 ? 10.04545  -6.57532  -2.62012  1.000 250.74971 ? 112 DA A OP2   1 
ATOM 228 O "O5'" . DA A 1 12 ? 9.22724   -5.94297  -0.35758  1.000 250.18239 ? 112 DA A "O5'" 1 
ATOM 229 C "C5'" . DA A 1 12 ? 9.39917   -6.27420  1.01821   1.000 246.09794 ? 112 DA A "C5'" 1 
ATOM 230 C "C4'" . DA A 1 12 ? 8.19525   -7.05985  1.50238   1.000 238.25377 ? 112 DA A "C4'" 1 
ATOM 231 O "O4'" . DA A 1 12 ? 6.99436   -6.23433  1.34822   1.000 246.99135 ? 112 DA A "O4'" 1 
ATOM 232 C "C3'" . DA A 1 12 ? 7.93769   -8.34382  0.71581   1.000 229.15754 ? 112 DA A "C3'" 1 
ATOM 233 O "O3'" . DA A 1 12 ? 7.50152   -9.44303  1.57104   1.000 222.57240 ? 112 DA A "O3'" 1 
ATOM 234 C "C2'" . DA A 1 12 ? 6.89303   -7.93190  -0.34431  1.000 236.36422 ? 112 DA A "C2'" 1 
ATOM 235 C "C1'" . DA A 1 12 ? 6.13725   -6.76554  0.33313   1.000 246.65521 ? 112 DA A "C1'" 1 
ATOM 236 N N9    . DA A 1 12 ? 5.66942   -5.68856  -0.59163  1.000 259.91378 ? 112 DA A N9    1 
ATOM 237 C C8    . DA A 1 12 ? 6.13176   -5.44778  -1.86025  1.000 262.08026 ? 112 DA A C8    1 
ATOM 238 N N7    . DA A 1 12 ? 5.53874   -4.44290  -2.48226  1.000 273.47683 ? 112 DA A N7    1 
ATOM 239 C C5    . DA A 1 12 ? 4.60361   -3.98841  -1.57178  1.000 278.96465 ? 112 DA A C5    1 
ATOM 240 C C6    . DA A 1 12 ? 3.65489   -2.94350  -1.63398  1.000 289.30934 ? 112 DA A C6    1 
ATOM 241 N N6    . DA A 1 12 ? 3.49375   -2.14293  -2.69534  1.000 296.17917 ? 112 DA A N6    1 
ATOM 242 N N1    . DA A 1 12 ? 2.87654   -2.75557  -0.56041  1.000 291.31596 ? 112 DA A N1    1 
ATOM 243 C C2    . DA A 1 12 ? 3.03603   -3.55835  0.50927   1.000 284.23006 ? 112 DA A C2    1 
ATOM 244 N N3    . DA A 1 12 ? 3.88679   -4.57197  0.69675   1.000 273.76874 ? 112 DA A N3    1 
ATOM 245 C C4    . DA A 1 12 ? 4.65351   -4.74291  -0.39134  1.000 271.33655 ? 112 DA A C4    1 
ATOM 246 P P     . DC A 1 13 ? 6.62796   -9.24354  2.92318   1.000 228.29455 ? 113 DC A P     1 
ATOM 247 O OP1   . DC A 1 13 ? 7.44233   -8.63656  4.01408   1.000 231.72212 ? 113 DC A OP1   1 
ATOM 248 O OP2   . DC A 1 13 ? 6.13193   -10.61311 3.16933   1.000 217.96435 ? 113 DC A OP2   1 
ATOM 249 O "O5'" . DC A 1 13 ? 5.32015   -8.39541  2.46993   1.000 237.68525 ? 113 DC A "O5'" 1 
ATOM 250 C "C5'" . DC A 1 13 ? 4.52081   -7.58149  3.40415   1.000 243.48628 ? 113 DC A "C5'" 1 
ATOM 251 C "C4'" . DC A 1 13 ? 3.14728   -8.21272  3.62417   1.000 244.80532 ? 113 DC A "C4'" 1 
ATOM 252 O "O4'" . DC A 1 13 ? 2.16400   -7.61102  2.73969   1.000 258.44394 ? 113 DC A "O4'" 1 
ATOM 253 C "C3'" . DC A 1 13 ? 3.11145   -9.70042  3.30458   1.000 233.21641 ? 113 DC A "C3'" 1 
ATOM 254 O "O3'" . DC A 1 13 ? 2.11639   -10.35640 4.06517   1.000 231.54343 ? 113 DC A "O3'" 1 
ATOM 255 C "C2'" . DC A 1 13 ? 2.77193   -9.70850  1.82310   1.000 238.40630 ? 113 DC A "C2'" 1 
ATOM 256 C "C1'" . DC A 1 13 ? 1.82156   -8.52983  1.71399   1.000 254.46367 ? 113 DC A "C1'" 1 
ATOM 257 N N1    . DC A 1 13 ? 1.92223   -7.87254  0.42354   1.000 262.13316 ? 113 DC A N1    1 
ATOM 258 C C2    . DC A 1 13 ? 0.96229   -6.95811  0.02405   1.000 274.20518 ? 113 DC A C2    1 
ATOM 259 O O2    . DC A 1 13 ? 0.03412   -6.69889  0.77935   1.000 278.09450 ? 113 DC A O2    1 
ATOM 260 N N3    . DC A 1 13 ? 1.07938   -6.36670  -1.18320  1.000 280.30200 ? 113 DC A N3    1 
ATOM 261 C C4    . DC A 1 13 ? 2.10398   -6.66446  -1.96375  1.000 275.64832 ? 113 DC A C4    1 
ATOM 262 N N4    . DC A 1 13 ? 2.19694   -6.04713  -3.14551  1.000 281.96917 ? 113 DC A N4    1 
ATOM 263 C C5    . DC A 1 13 ? 3.08371   -7.61071  -1.57253  1.000 263.26367 ? 113 DC A C5    1 
ATOM 264 C C6    . DC A 1 13 ? 2.94937   -8.18588  -0.38594  1.000 256.43535 ? 113 DC A C6    1 
ATOM 265 P P     . DG A 1 14 ? 2.49834   -11.54638 5.08886   1.000 217.69990 ? 114 DG A P     1 
ATOM 266 O OP1   . DG A 1 14 ? 3.94030   -11.49633 5.47817   1.000 214.14479 ? 114 DG A OP1   1 
ATOM 267 O OP2   . DG A 1 14 ? 2.09044   -12.82143 4.44108   1.000 215.64741 ? 114 DG A OP2   1 
ATOM 268 O "O5'" . DG A 1 14 ? 1.52740   -11.20013 6.34011   1.000 218.05764 ? 114 DG A "O5'" 1 
ATOM 269 C "C5'" . DG A 1 14 ? 0.22106   -11.78929 6.42497   1.000 216.30251 ? 114 DG A "C5'" 1 
ATOM 270 C "C4'" . DG A 1 14 ? -0.86043  -10.77001 6.74226   1.000 230.40414 ? 114 DG A "C4'" 1 
ATOM 271 O "O4'" . DG A 1 14 ? -0.87964  -9.76794  5.69379   1.000 244.69014 ? 114 DG A "O4'" 1 
ATOM 272 C "C3'" . DG A 1 14 ? -2.25429  -11.37863 6.70795   1.000 232.66125 ? 114 DG A "C3'" 1 
ATOM 273 O "O3'" . DG A 1 14 ? -3.21167  -10.51285 7.33755   1.000 239.88572 ? 114 DG A "O3'" 1 
ATOM 274 C "C2'" . DG A 1 14 ? -2.44301  -11.46836 5.22021   1.000 241.72405 ? 114 DG A "C2'" 1 
ATOM 275 C "C1'" . DG A 1 14 ? -1.88786  -10.12461 4.77122   1.000 251.29470 ? 114 DG A "C1'" 1 
ATOM 276 N N9    . DG A 1 14 ? -1.32477  -10.18664 3.45442   1.000 253.58803 ? 114 DG A N9    1 
ATOM 277 C C8    . DG A 1 14 ? -0.39347  -11.06934 2.99394   1.000 244.85596 ? 114 DG A C8    1 
ATOM 278 N N7    . DG A 1 14 ? -0.10084  -10.89946 1.74488   1.000 249.82173 ? 114 DG A N7    1 
ATOM 279 C C5    . DG A 1 14 ? -0.90925  -9.85050  1.35936   1.000 261.49600 ? 114 DG A C5    1 
ATOM 280 C C6    . DG A 1 14 ? -1.02218  -9.21574  0.12054   1.000 269.53316 ? 114 DG A C6    1 
ATOM 281 O O6    . DG A 1 14 ? -0.41276  -9.46816  -0.91692  1.000 269.22565 ? 114 DG A O6    1 
ATOM 282 N N1    . DG A 1 14 ? -1.96592  -8.18934  0.15671   1.000 277.46272 ? 114 DG A N1    1 
ATOM 283 C C2    . DG A 1 14 ? -2.69310  -7.83107  1.27268   1.000 277.79781 ? 114 DG A C2    1 
ATOM 284 N N2    . DG A 1 14 ? -3.56463  -6.82552  1.13701   1.000 283.76607 ? 114 DG A N2    1 
ATOM 285 N N3    . DG A 1 14 ? -2.57929  -8.42128  2.43629   1.000 271.62772 ? 114 DG A N3    1 
ATOM 286 C C4    . DG A 1 14 ? -1.66307  -9.40594  2.40606   1.000 263.56170 ? 114 DG A C4    1 
ATOM 287 P P     . DG A 1 15 ? -4.77370  -10.49497 6.92044   1.000 235.38063 ? 115 DG A P     1 
ATOM 288 O OP1   . DG A 1 15 ? -5.56925  -10.24114 8.13549   1.000 228.20334 ? 115 DG A OP1   1 
ATOM 289 O OP2   . DG A 1 15 ? -5.13894  -11.68169 6.11947   1.000 233.65826 ? 115 DG A OP2   1 
ATOM 290 O "O5'" . DG A 1 15 ? -4.88699  -9.14744  6.06004   1.000 246.14235 ? 115 DG A "O5'" 1 
ATOM 291 C "C5'" . DG A 1 15 ? -5.92812  -8.21705  6.31824   1.000 249.76373 ? 115 DG A "C5'" 1 
ATOM 292 C "C4'" . DG A 1 15 ? -6.81125  -8.15908  5.10774   1.000 254.47573 ? 115 DG A "C4'" 1 
ATOM 293 O "O4'" . DG A 1 15 ? -5.94391  -8.35295  3.95594   1.000 254.64544 ? 115 DG A "O4'" 1 
ATOM 294 C "C3'" . DG A 1 15 ? -7.87162  -9.27808  5.05131   1.000 252.87223 ? 115 DG A "C3'" 1 
ATOM 295 O "O3'" . DG A 1 15 ? -9.30524  -8.81318  4.71340   1.000 257.73172 ? 115 DG A "O3'" 1 
ATOM 296 C "C2'" . DG A 1 15 ? -7.30306  -10.27281 4.03291   1.000 251.56344 ? 115 DG A "C2'" 1 
ATOM 297 C "C1'" . DG A 1 15 ? -6.43877  -9.38726  3.14914   1.000 254.20475 ? 115 DG A "C1'" 1 
ATOM 298 N N9    . DG A 1 15 ? -5.34204  -10.12011 2.51709   1.000 248.53785 ? 115 DG A N9    1 
ATOM 299 C C8    . DG A 1 15 ? -4.60827  -11.13570 3.06735   1.000 238.11915 ? 115 DG A C8    1 
ATOM 300 N N7    . DG A 1 15 ? -3.71013  -11.63680 2.26462   1.000 232.76534 ? 115 DG A N7    1 
ATOM 301 C C5    . DG A 1 15 ? -3.89627  -10.93878 1.08595   1.000 241.61327 ? 115 DG A C5    1 
ATOM 302 C C6    . DG A 1 15 ? -3.23192  -11.05435 -0.14802  1.000 241.33015 ? 115 DG A C6    1 
ATOM 303 O O6    . DG A 1 15 ? -2.28903  -11.80547 -0.45105  1.000 232.88676 ? 115 DG A O6    1 
ATOM 304 N N1    . DG A 1 15 ? -3.72321  -10.14502 -1.06772  1.000 251.50776 ? 115 DG A N1    1 
ATOM 305 C C2    . DG A 1 15 ? -4.72406  -9.23746  -0.83231  1.000 259.56904 ? 115 DG A C2    1 
ATOM 306 N N2    . DG A 1 15 ? -5.07327  -8.45219  -1.85520  1.000 267.27168 ? 115 DG A N2    1 
ATOM 307 N N3    . DG A 1 15 ? -5.35561  -9.12241  0.31777   1.000 259.30662 ? 115 DG A N3    1 
ATOM 308 C C4    . DG A 1 15 ? -4.89901  -10.00400 1.22589   1.000 250.81760 ? 115 DG A C4    1 
ATOM 309 P P     . DA A 1 16 ? -9.71728  -7.27318  4.36849   1.000 252.63343 ? 116 DA A P     1 
ATOM 310 O OP1   . DA A 1 16 ? -9.37473  -6.51382  5.59284   1.000 248.20594 ? 116 DA A OP1   1 
ATOM 311 O OP2   . DA A 1 16 ? -11.12063 -7.08982  3.86332   1.000 257.08162 ? 116 DA A OP2   1 
ATOM 312 O "O5'" . DA A 1 16 ? -8.71773  -6.93240  3.15664   1.000 257.06544 ? 116 DA A "O5'" 1 
ATOM 313 C "C5'" . DA A 1 16 ? -8.72525  -5.68098  2.50677   1.000 261.87548 ? 116 DA A "C5'" 1 
ATOM 314 C "C4'" . DA A 1 16 ? -9.08374  -5.84464  1.03507   1.000 267.79091 ? 116 DA A "C4'" 1 
ATOM 315 O "O4'" . DA A 1 16 ? -8.22552  -6.82345  0.36477   1.000 266.68357 ? 116 DA A "O4'" 1 
ATOM 316 C "C3'" . DA A 1 16 ? -10.51858 -6.26389  0.76748   1.000 271.71672 ? 116 DA A "C3'" 1 
ATOM 317 O "O3'" . DA A 1 16 ? -11.00893 -5.41082  -0.23067  1.000 279.07372 ? 116 DA A "O3'" 1 
ATOM 318 C "C2'" . DA A 1 16 ? -10.39747 -7.72973  0.29748   1.000 271.63868 ? 116 DA A "C2'" 1 
ATOM 319 C "C1'" . DA A 1 16 ? -9.02452  -7.73593  -0.37811  1.000 270.11103 ? 116 DA A "C1'" 1 
ATOM 320 N N9    . DA A 1 16 ? -8.33177  -9.04304  -0.36735  1.000 265.23697 ? 116 DA A N9    1 
ATOM 321 C C8    . DA A 1 16 ? -8.15484  -9.86035  0.70097   1.000 258.37680 ? 116 DA A C8    1 
ATOM 322 N N7    . DA A 1 16 ? -7.47515  -10.94659 0.43297   1.000 253.90188 ? 116 DA A N7    1 
ATOM 323 C C5    . DA A 1 16 ? -7.19089  -10.84450 -0.90518  1.000 258.48213 ? 116 DA A C5    1 
ATOM 324 C C6    . DA A 1 16 ? -6.50149  -11.67155 -1.78953  1.000 256.22988 ? 116 DA A C6    1 
ATOM 325 N N6    . DA A 1 16 ? -5.94883  -12.82060 -1.39870  1.000 247.25072 ? 116 DA A N6    1 
ATOM 326 N N1    . DA A 1 16 ? -6.39121  -11.29020 -3.07333  1.000 262.57349 ? 116 DA A N1    1 
ATOM 327 C C2    . DA A 1 16 ? -6.95328  -10.13220 -3.44342  1.000 270.36356 ? 116 DA A C2    1 
ATOM 328 N N3    . DA A 1 16 ? -7.62022  -9.25070  -2.69890  1.000 272.23896 ? 116 DA A N3    1 
ATOM 329 C C4    . DA A 1 16 ? -7.72268  -9.66817  -1.43465  1.000 266.09620 ? 116 DA A C4    1 
ATOM 330 P P     . DC A 1 17 ? -12.52656 -5.48893  -0.70401  1.000 288.17380 ? 117 DC A P     1 
ATOM 331 O OP1   . DC A 1 17 ? -12.90801 -4.13316  -1.17197  1.000 293.97988 ? 117 DC A OP1   1 
ATOM 332 O OP2   . DC A 1 17 ? -13.26108 -6.20380  0.37460   1.000 283.88128 ? 117 DC A OP2   1 
ATOM 333 O "O5'" . DC A 1 17 ? -12.41996 -6.37871  -2.01848  1.000 294.56720 ? 117 DC A "O5'" 1 
ATOM 334 C "C5'" . DC A 1 17 ? -11.30232 -6.19959  -2.90741  1.000 295.69350 ? 117 DC A "C5'" 1 
ATOM 335 C "C4'" . DC A 1 17 ? -11.39968 -7.16949  -4.06086  1.000 300.63173 ? 117 DC A "C4'" 1 
ATOM 336 O "O4'" . DC A 1 17 ? -10.54102 -8.31125  -3.80233  1.000 292.17291 ? 117 DC A "O4'" 1 
ATOM 337 C "C3'" . DC A 1 17 ? -12.80087 -7.76058  -4.26293  1.000 310.50019 ? 117 DC A "C3'" 1 
ATOM 338 O "O3'" . DC A 1 17 ? -12.98356 -8.09439  -5.61818  1.000 319.65839 ? 117 DC A "O3'" 1 
ATOM 339 C "C2'" . DC A 1 17 ? -12.72972 -9.02039  -3.41864  1.000 303.42935 ? 117 DC A "C2'" 1 
ATOM 340 C "C1'" . DC A 1 17 ? -11.34273 -9.47240  -3.80878  1.000 295.36011 ? 117 DC A "C1'" 1 
ATOM 341 N N1    . DC A 1 17 ? -10.75751 -10.51613 -2.94424  1.000 285.59912 ? 117 DC A N1    1 
ATOM 342 C C2    . DC A 1 17 ? -9.91527  -11.44536 -3.53369  1.000 282.07183 ? 117 DC A C2    1 
ATOM 343 O O2    . DC A 1 17 ? -9.67768  -11.31720 -4.74699  1.000 287.73085 ? 117 DC A O2    1 
ATOM 344 N N3    . DC A 1 17 ? -9.36400  -12.42221 -2.76958  1.000 272.01840 ? 117 DC A N3    1 
ATOM 345 C C4    . DC A 1 17 ? -9.67235  -12.47735 -1.45342  1.000 266.58222 ? 117 DC A C4    1 
ATOM 346 N N4    . DC A 1 17 ? -9.11575  -13.44155 -0.71518  1.000 256.16113 ? 117 DC A N4    1 
ATOM 347 C C5    . DC A 1 17 ? -10.54729 -11.53024 -0.83846  1.000 270.73631 ? 117 DC A C5    1 
ATOM 348 C C6    . DC A 1 17 ? -11.07011 -10.58152 -1.61664  1.000 279.69446 ? 117 DC A C6    1 
ATOM 349 P P     . DA A 1 18 ? -13.81654 -7.13310  -6.59513  1.000 315.66072 ? 118 DA A P     1 
ATOM 350 O OP1   . DA A 1 18 ? -13.08933 -5.84462  -6.65524  1.000 310.29678 ? 118 DA A OP1   1 
ATOM 351 O OP2   . DA A 1 18 ? -15.23800 -7.16774  -6.18077  1.000 324.46428 ? 118 DA A OP2   1 
ATOM 352 O "O5'" . DA A 1 18 ? -13.61630 -7.80993  -8.03178  1.000 323.48133 ? 118 DA A "O5'" 1 
ATOM 353 C "C5'" . DA A 1 18 ? -12.35730 -7.65574  -8.70326  1.000 319.45748 ? 118 DA A "C5'" 1 
ATOM 354 C "C4'" . DA A 1 18 ? -11.91492 -8.94621  -9.38040  1.000 315.15689 ? 118 DA A "C4'" 1 
ATOM 355 O "O4'" . DA A 1 18 ? -11.39656 -9.89418  -8.40227  1.000 303.81870 ? 118 DA A "O4'" 1 
ATOM 356 C "C3'" . DA A 1 18 ? -13.00114 -9.69740  -10.14507 1.000 327.33343 ? 118 DA A "C3'" 1 
ATOM 357 O "O3'" . DA A 1 18 ? -12.41848 -10.23083 -11.32785 1.000 325.22949 ? 118 DA A "O3'" 1 
ATOM 358 C "C2'" . DA A 1 18 ? -13.40255 -10.78371 -9.15687  1.000 324.32966 ? 118 DA A "C2'" 1 
ATOM 359 C "C1'" . DA A 1 18 ? -12.05882 -11.13408 -8.56713  1.000 307.21380 ? 118 DA A "C1'" 1 
ATOM 360 N N9    . DA A 1 18 ? -12.13601 -11.77896 -7.26604  1.000 300.50949 ? 118 DA A N9    1 
ATOM 361 C C8    . DA A 1 18 ? -12.62509 -11.24531 -6.10931  1.000 300.27917 ? 118 DA A C8    1 
ATOM 362 N N7    . DA A 1 18 ? -12.54666 -12.05165 -5.07549  1.000 292.86415 ? 118 DA A N7    1 
ATOM 363 C C5    . DA A 1 18 ? -11.95223 -13.18360 -5.58706  1.000 287.43212 ? 118 DA A C5    1 
ATOM 364 C C6    . DA A 1 18 ? -11.59087 -14.40949 -4.99800  1.000 277.73865 ? 118 DA A C6    1 
ATOM 365 N N6    . DA A 1 18 ? -11.78812 -14.69814 -3.70176  1.000 272.04213 ? 118 DA A N6    1 
ATOM 366 N N1    . DA A 1 18 ? -11.01846 -15.32857 -5.79234  1.000 273.32254 ? 118 DA A N1    1 
ATOM 367 C C2    . DA A 1 18 ? -10.82331 -15.04015 -7.09139  1.000 278.81300 ? 118 DA A C2    1 
ATOM 368 N N3    . DA A 1 18 ? -11.12651 -13.92722 -7.75928  1.000 288.17023 ? 118 DA A N3    1 
ATOM 369 C C4    . DA A 1 18 ? -11.68795 -13.03095 -6.94106  1.000 291.97453 ? 118 DA A C4    1 
ATOM 370 P P     . DT A 1 19 ? -12.94433 -11.57893 -12.02532 1.000 299.08542 ? 119 DT A P     1 
ATOM 371 O OP1   . DT A 1 19 ? -12.61311 -11.42056 -13.44941 1.000 299.39593 ? 119 DT A OP1   1 
ATOM 372 O OP2   . DT A 1 19 ? -14.33600 -11.90846 -11.67065 1.000 314.34606 ? 119 DT A OP2   1 
ATOM 373 O "O5'" . DT A 1 19 ? -11.94097 -12.68406 -11.48169 1.000 286.53270 ? 119 DT A "O5'" 1 
ATOM 374 C "C5'" . DT A 1 19 ? -11.40323 -13.63694 -12.37025 1.000 284.67957 ? 119 DT A "C5'" 1 
ATOM 375 C "C4'" . DT A 1 19 ? -12.05132 -14.96531 -12.09864 1.000 285.35657 ? 119 DT A "C4'" 1 
ATOM 376 O "O4'" . DT A 1 19 ? -12.17415 -15.07176 -10.66789 1.000 278.91943 ? 119 DT A "O4'" 1 
ATOM 377 C "C3'" . DT A 1 19 ? -13.48644 -15.09404 -12.63989 1.000 304.64883 ? 119 DT A "C3'" 1 
ATOM 378 O "O3'" . DT A 1 19 ? -13.62137 -15.94584 -13.89770 1.000 309.60794 ? 119 DT A "O3'" 1 
ATOM 379 C "C2'" . DT A 1 19 ? -14.32887 -15.58679 -11.45447 1.000 304.64252 ? 119 DT A "C2'" 1 
ATOM 380 C "C1'" . DT A 1 19 ? -13.29427 -15.84293 -10.35832 1.000 285.63256 ? 119 DT A "C1'" 1 
ATOM 381 N N1    . DT A 1 19 ? -13.75347 -15.50688 -8.95597  1.000 284.12472 ? 119 DT A N1    1 
ATOM 382 C C2    . DT A 1 19 ? -13.54693 -16.42966 -7.96584  1.000 272.41681 ? 119 DT A C2    1 
ATOM 383 O O2    . DT A 1 19 ? -13.01592 -17.50061 -8.16512  1.000 268.28923 ? 119 DT A O2    1 
ATOM 384 N N3    . DT A 1 19 ? -13.99732 -16.06246 -6.72996  1.000 271.23706 ? 119 DT A N3    1 
ATOM 385 C C4    . DT A 1 19 ? -14.59402 -14.89776 -6.37316  1.000 280.07661 ? 119 DT A C4    1 
ATOM 386 O O4    . DT A 1 19 ? -14.94464 -14.67487 -5.21951  1.000 277.47385 ? 119 DT A O4    1 
ATOM 387 C C5    . DT A 1 19 ? -14.78738 -13.95808 -7.44658  1.000 292.21403 ? 119 DT A C5    1 
ATOM 388 C C7    . DT A 1 19 ? -15.45034 -12.65217 -7.16728  1.000 302.27409 ? 119 DT A C7    1 
ATOM 389 C C6    . DT A 1 19 ? -14.36172 -14.29841 -8.68144  1.000 293.75692 ? 119 DT A C6    1 
ATOM 390 P P     . DC A 1 20 ? -13.00125 -17.43322 -14.12406 1.000 368.93586 ? 120 DC A P     1 
ATOM 391 O OP1   . DC A 1 20 ? -11.99910 -17.79198 -13.09612 1.000 349.63823 ? 120 DC A OP1   1 
ATOM 392 O OP2   . DC A 1 20 ? -12.59397 -17.45819 -15.54881 1.000 371.63527 ? 120 DC A OP2   1 
ATOM 393 O "O5'" . DC A 1 20 ? -14.26844 -18.43220 -14.05663 1.000 383.02587 ? 120 DC A "O5'" 1 
ATOM 394 C "C5'" . DC A 1 20 ? -14.15535 -19.81736 -14.51729 1.000 382.40404 ? 120 DC A "C5'" 1 
ATOM 395 C "C4'" . DC A 1 20 ? -13.39061 -20.65821 -13.50224 1.000 364.01019 ? 120 DC A "C4'" 1 
ATOM 396 O "O4'" . DC A 1 20 ? -13.47079 -19.98089 -12.22212 1.000 357.66249 ? 120 DC A "O4'" 1 
ATOM 397 C "C3'" . DC A 1 20 ? -13.98558 -22.02905 -13.17117 1.000 365.53478 ? 120 DC A "C3'" 1 
ATOM 398 O "O3'" . DC A 1 20 ? -13.07803 -22.69418 -12.19323 1.000 345.92215 ? 120 DC A "O3'" 1 
ATOM 399 C "C2'" . DC A 1 20 ? -15.17881 -21.51613 -12.42087 1.000 371.56131 ? 120 DC A "C2'" 1 
ATOM 400 C "C1'" . DC A 1 20 ? -14.35149 -20.74137 -11.41689 1.000 357.03890 ? 120 DC A "C1'" 1 
ATOM 401 N N1    . DC A 1 20 ? -15.01139 -19.85785 -10.44720 1.000 359.10713 ? 120 DC A N1    1 
ATOM 402 C C2    . DC A 1 20 ? -14.92890 -20.19054 -9.09788  1.000 346.68001 ? 120 DC A C2    1 
ATOM 403 O O2    . DC A 1 20 ? -14.45400 -21.28338 -8.78670  1.000 333.71988 ? 120 DC A O2    1 
ATOM 404 N N3    . DC A 1 20 ? -15.46359 -19.35955 -8.17993  1.000 348.65416 ? 120 DC A N3    1 
ATOM 405 C C4    . DC A 1 20 ? -16.01012 -18.21654 -8.57288  1.000 361.90771 ? 120 DC A C4    1 
ATOM 406 N N4    . DC A 1 20 ? -16.51689 -17.41255 -7.63670  1.000 362.85878 ? 120 DC A N4    1 
ATOM 407 C C5    . DC A 1 20 ? -16.05380 -17.83734 -9.94139  1.000 374.24951 ? 120 DC A C5    1 
ATOM 408 C C6    . DC A 1 20 ? -15.52488 -18.67055 -10.83707 1.000 372.23392 ? 120 DC A C6    1 
ATOM 409 P P     . DA A 1 21 ? -12.53094 -24.20992 -12.33781 1.000 400.71452 ? 121 DA A P     1 
ATOM 410 O OP1   . DA A 1 21 ? -11.10920 -24.23019 -11.88173 1.000 378.88639 ? 121 DA A OP1   1 
ATOM 411 O OP2   . DA A 1 21 ? -12.91599 -24.72860 -13.67650 1.000 414.42112 ? 121 DA A OP2   1 
ATOM 412 O "O5'" . DA A 1 21 ? -13.32747 -25.02767 -11.22415 1.000 402.93057 ? 121 DA A "O5'" 1 
ATOM 413 C "C5'" . DA A 1 21 ? -14.09772 -26.12987 -11.60830 1.000 419.20561 ? 121 DA A "C5'" 1 
ATOM 414 C "C4'" . DA A 1 21 ? -15.53835 -25.80989 -11.39220 1.000 422.86458 ? 121 DA A "C4'" 1 
ATOM 415 O "O4'" . DA A 1 21 ? -15.62216 -24.65612 -10.54467 1.000 419.57812 ? 121 DA A "O4'" 1 
ATOM 416 C "C3'" . DA A 1 21 ? -16.31657 -25.42327 -12.65757 1.000 444.59335 ? 121 DA A "C3'" 1 
ATOM 417 O "O3'" . DA A 1 21 ? -17.17068 -26.49359 -13.03655 1.000 444.43948 ? 121 DA A "O3'" 1 
ATOM 418 C "C2'" . DA A 1 21 ? -17.11523 -24.17614 -12.23343 1.000 454.97956 ? 121 DA A "C2'" 1 
ATOM 419 C "C1'" . DA A 1 21 ? -16.90220 -24.18536 -10.72913 1.000 436.82751 ? 121 DA A "C1'" 1 
ATOM 420 N N9    . DA A 1 21 ? -17.14105 -22.93058 -10.02594 1.000 439.15668 ? 121 DA A N9    1 
ATOM 421 C C8    . DA A 1 21 ? -17.48804 -21.72328 -10.57620 1.000 452.11303 ? 121 DA A C8    1 
ATOM 422 N N7    . DA A 1 21 ? -17.68655 -20.77510 -9.70086  1.000 449.80883 ? 121 DA A N7    1 
ATOM 423 C C5    . DA A 1 21 ? -17.51643 -21.41386 -8.48262  1.000 435.48320 ? 121 DA A C5    1 
ATOM 424 C C6    . DA A 1 21 ? -17.58193 -20.92941 -7.16267  1.000 426.75567 ? 121 DA A C6    1 
ATOM 425 N N6    . DA A 1 21 ? -17.86227 -19.67894 -6.86737  1.000 431.67094 ? 121 DA A N6    1 
ATOM 426 N N1    . DA A 1 21 ? -17.32331 -21.78692 -6.16694  1.000 412.49800 ? 121 DA A N1    1 
ATOM 427 C C2    . DA A 1 21 ? -17.03400 -23.05188 -6.47793  1.000 406.63287 ? 121 DA A C2    1 
ATOM 428 N N3    . DA A 1 21 ? -16.92190 -23.62313 -7.69027  1.000 413.22110 ? 121 DA A N3    1 
ATOM 429 C C4    . DA A 1 21 ? -17.17300 -22.72250 -8.66056  1.000 428.17742 ? 121 DA A C4    1 
ATOM 430 P P     . DC B 2 1  ? 1.69234   -9.08763  -8.52246  1.000 203.03714 ? 119 DC B P     1 
ATOM 431 O OP1   . DC B 2 1  ? 2.31914   -10.25824 -9.20595  1.000 197.53991 ? 119 DC B OP1   1 
ATOM 432 O OP2   . DC B 2 1  ? 1.98551   -7.73359  -9.03860  1.000 219.16850 ? 119 DC B OP2   1 
ATOM 433 O "O5'" . DC B 2 1  ? 0.07526   -9.12865  -8.42537  1.000 202.73311 ? 119 DC B "O5'" 1 
ATOM 434 C "C5'" . DC B 2 1  ? -0.72574  -8.24265  -9.21360  1.000 206.04964 ? 119 DC B "C5'" 1 
ATOM 435 C "C4'" . DC B 2 1  ? -2.20859  -8.44122  -8.95298  1.000 207.19494 ? 119 DC B "C4'" 1 
ATOM 436 O "O4'" . DC B 2 1  ? -2.45134  -9.58056  -8.13237  1.000 204.45389 ? 119 DC B "O4'" 1 
ATOM 437 C "C3'" . DC B 2 1  ? -2.85882  -7.29044  -8.27612  1.000 210.68972 ? 119 DC B "C3'" 1 
ATOM 438 O "O3'" . DC B 2 1  ? -3.88848  -6.96733  -8.97524  1.000 212.83640 ? 119 DC B "O3'" 1 
ATOM 439 C "C2'" . DC B 2 1  ? -3.27227  -7.73710  -6.90339  1.000 209.77686 ? 119 DC B "C2'" 1 
ATOM 440 C "C1'" . DC B 2 1  ? -3.18870  -9.23440  -6.97525  1.000 205.94280 ? 119 DC B "C1'" 1 
ATOM 441 N N1    . DC B 2 1  ? -2.47999  -9.80627  -5.76847  1.000 203.44500 ? 119 DC B N1    1 
ATOM 442 C C2    . DC B 2 1  ? -3.00350  -9.57744  -4.47493  1.000 204.39840 ? 119 DC B C2    1 
ATOM 443 O O2    . DC B 2 1  ? -4.07454  -8.92980  -4.34251  1.000 207.27236 ? 119 DC B O2    1 
ATOM 444 N N3    . DC B 2 1  ? -2.31968  -10.08826 -3.39053  1.000 202.11759 ? 119 DC B N3    1 
ATOM 445 C C4    . DC B 2 1  ? -1.17616  -10.78129 -3.55119  1.000 199.05288 ? 119 DC B C4    1 
ATOM 446 N N4    . DC B 2 1  ? -0.56570  -11.24667 -2.44542  1.000 197.71080 ? 119 DC B N4    1 
ATOM 447 C C5    . DC B 2 1  ? -0.62606  -11.01957 -4.85447  1.000 198.05406 ? 119 DC B C5    1 
ATOM 448 C C6    . DC B 2 1  ? -1.30099  -10.51501 -5.92215  1.000 200.31902 ? 119 DC B C6    1 
ATOM 449 P P     . DC B 2 2  ? -3.90271  -5.45741  -9.43293  1.000 219.26898 ? 120 DC B P     1 
ATOM 450 O OP1   . DC B 2 2  ? -5.17211  -5.18734  -10.13776 1.000 219.03092 ? 120 DC B OP1   1 
ATOM 451 O OP2   . DC B 2 2  ? -2.63083  -5.19397  -10.14787 1.000 219.36075 ? 120 DC B OP2   1 
ATOM 452 O "O5'" . DC B 2 2  ? -3.76568  -4.70849  -8.02730  1.000 227.46143 ? 120 DC B "O5'" 1 
ATOM 453 C "C5'" . DC B 2 2  ? -4.82655  -4.71635  -7.04463  1.000 229.65232 ? 120 DC B "C5'" 1 
ATOM 454 C "C4'" . DC B 2 2  ? -4.49973  -3.68872  -5.99742  1.000 238.34055 ? 120 DC B "C4'" 1 
ATOM 455 O "O4'" . DC B 2 2  ? -3.85572  -4.36367  -4.89622  1.000 238.98530 ? 120 DC B "O4'" 1 
ATOM 456 C "C3'" . DC B 2 2  ? -3.49838  -2.62868  -6.50960  1.000 244.38195 ? 120 DC B "C3'" 1 
ATOM 457 O "O3'" . DC B 2 2  ? -3.66751  -1.30074  -5.89013  1.000 254.41295 ? 120 DC B "O3'" 1 
ATOM 458 C "C2'" . DC B 2 2  ? -2.15483  -3.23453  -6.12260  1.000 246.27787 ? 120 DC B "C2'" 1 
ATOM 459 C "C1'" . DC B 2 2  ? -2.50042  -3.98234  -4.83551  1.000 248.27193 ? 120 DC B "C1'" 1 
ATOM 460 N N1    . DC B 2 2  ? -1.67151  -5.17659  -4.61441  1.000 246.32410 ? 120 DC B N1    1 
ATOM 461 C C2    . DC B 2 2  ? -1.77097  -5.85157  -3.40967  1.000 246.27963 ? 120 DC B C2    1 
ATOM 462 O O2    . DC B 2 2  ? -2.58510  -5.45067  -2.56437  1.000 247.97590 ? 120 DC B O2    1 
ATOM 463 N N3    . DC B 2 2  ? -0.98201  -6.93637  -3.20052  1.000 244.00253 ? 120 DC B N3    1 
ATOM 464 C C4    . DC B 2 2  ? -0.12904  -7.33590  -4.14174  1.000 242.52821 ? 120 DC B C4    1 
ATOM 465 N N4    . DC B 2 2  ? 0.63181   -8.40021  -3.88220  1.000 240.18917 ? 120 DC B N4    1 
ATOM 466 C C5    . DC B 2 2  ? 0.00024   -6.64520  -5.37490  1.000 243.06275 ? 120 DC B C5    1 
ATOM 467 C C6    . DC B 2 2  ? -0.78164  -5.57820  -5.56669  1.000 244.63259 ? 120 DC B C6    1 
ATOM 468 P P     . DG B 2 3  ? -4.84716  -0.24781  -6.28025  1.000 230.57441 ? 121 DG B P     1 
ATOM 469 O OP1   . DG B 2 3  ? -5.75284  -0.86227  -7.30839  1.000 230.18685 ? 121 DG B OP1   1 
ATOM 470 O OP2   . DG B 2 3  ? -4.20125  1.09412   -6.56134  1.000 235.78009 ? 121 DG B OP2   1 
ATOM 471 O "O5'" . DG B 2 3  ? -5.64014  -0.11148  -4.85014  1.000 235.80910 ? 121 DG B "O5'" 1 
ATOM 472 C "C5'" . DG B 2 3  ? -5.72461  -1.29203  -3.88814  1.000 234.37543 ? 121 DG B "C5'" 1 
ATOM 473 C "C4'" . DG B 2 3  ? -5.81194  -0.89003  -2.38511  1.000 245.88847 ? 121 DG B "C4'" 1 
ATOM 474 O "O4'" . DG B 2 3  ? -4.69276  -1.45905  -1.64927  1.000 249.57351 ? 121 DG B "O4'" 1 
ATOM 475 C "C3'" . DG B 2 3  ? -5.74759  0.60891   -2.04387  1.000 255.19823 ? 121 DG B "C3'" 1 
ATOM 476 O "O3'" . DG B 2 3  ? -6.37717  0.84697   -0.70707  1.000 263.21161 ? 121 DG B "O3'" 1 
ATOM 477 C "C2'" . DG B 2 3  ? -4.22872  0.87004   -2.06007  1.000 258.47133 ? 121 DG B "C2'" 1 
ATOM 478 C "C1'" . DG B 2 3  ? -3.66395  -0.46414  -1.52556  1.000 259.32805 ? 121 DG B "C1'" 1 
ATOM 479 N N9    . DG B 2 3  ? -2.49038  -0.96643  -2.23744  1.000 259.09056 ? 121 DG B N9    1 
ATOM 480 C C8    . DG B 2 3  ? -1.99322  -0.60470  -3.46535  1.000 254.18542 ? 121 DG B C8    1 
ATOM 481 N N7    . DG B 2 3  ? -0.94560  -1.29597  -3.81099  1.000 255.44751 ? 121 DG B N7    1 
ATOM 482 C C5    . DG B 2 3  ? -0.77672  -2.16323  -2.76814  1.000 261.42969 ? 121 DG B C5    1 
ATOM 483 C C6    . DG B 2 3  ? 0.17523   -3.15153  -2.56838  1.000 265.12218 ? 121 DG B C6    1 
ATOM 484 O O6    . DG B 2 3  ? 1.10207   -3.46683  -3.31982  1.000 264.20154 ? 121 DG B O6    1 
ATOM 485 N N1    . DG B 2 3  ? -0.01962  -3.80437  -1.36986  1.000 269.56012 ? 121 DG B N1    1 
ATOM 486 C C2    . DG B 2 3  ? -1.03101  -3.51640  -0.47295  1.000 271.24385 ? 121 DG B C2    1 
ATOM 487 N N2    . DG B 2 3  ? -1.08414  -4.23919  0.63821   1.000 274.38930 ? 121 DG B N2    1 
ATOM 488 N N3    . DG B 2 3  ? -1.91818  -2.59636  -0.65578  1.000 268.78049 ? 121 DG B N3    1 
ATOM 489 C C4    . DG B 2 3  ? -1.73585  -1.97433  -1.79924  1.000 263.58670 ? 121 DG B C4    1 
ATOM 490 P P     . DT B 2 4  ? -5.92844  2.03977   0.29853   1.000 266.31260 ? 122 DT B P     1 
ATOM 491 O OP1   . DT B 2 4  ? -7.10406  2.15971   1.19878   1.000 270.09203 ? 122 DT B OP1   1 
ATOM 492 O OP2   . DT B 2 4  ? -5.40167  3.24293   -0.42502  1.000 265.55272 ? 122 DT B OP2   1 
ATOM 493 O "O5'" . DT B 2 4  ? -4.70188  1.41694   1.15380   1.000 272.06957 ? 122 DT B "O5'" 1 
ATOM 494 C "C5'" . DT B 2 4  ? -4.84223  0.19970   1.96554   1.000 275.43056 ? 122 DT B "C5'" 1 
ATOM 495 C "C4'" . DT B 2 4  ? -3.64992  0.04425   2.91170   1.000 283.62594 ? 122 DT B "C4'" 1 
ATOM 496 O "O4'" . DT B 2 4  ? -2.51208  -0.53779  2.20576   1.000 284.57721 ? 122 DT B "O4'" 1 
ATOM 497 C "C3'" . DT B 2 4  ? -3.13040  1.36580   3.44840   1.000 285.29188 ? 122 DT B "C3'" 1 
ATOM 498 O "O3'" . DT B 2 4  ? -2.53283  1.20154   4.69642   1.000 288.76225 ? 122 DT B "O3'" 1 
ATOM 499 C "C2'" . DT B 2 4  ? -2.07913  1.73234   2.42518   1.000 285.10231 ? 122 DT B "C2'" 1 
ATOM 500 C "C1'" . DT B 2 4  ? -1.43654  0.38824   2.23942   1.000 287.10825 ? 122 DT B "C1'" 1 
ATOM 501 N N1    . DT B 2 4  ? -0.72083  0.31076   1.01342   1.000 285.11207 ? 122 DT B N1    1 
ATOM 502 C C2    . DT B 2 4  ? 0.24212   -0.62318  0.88802   1.000 288.31457 ? 122 DT B C2    1 
ATOM 503 O O2    . DT B 2 4  ? 0.51185   -1.39727  1.76997   1.000 292.71717 ? 122 DT B O2    1 
ATOM 504 N N3    . DT B 2 4  ? 0.87802   -0.63754  -0.30701  1.000 284.96137 ? 122 DT B N3    1 
ATOM 505 C C4    . DT B 2 4  ? 0.64588   0.20485   -1.36448  1.000 278.47161 ? 122 DT B C4    1 
ATOM 506 O O4    . DT B 2 4  ? 1.27128   0.10653   -2.40753  1.000 274.23274 ? 122 DT B O4    1 
ATOM 507 C C5    . DT B 2 4  ? -0.39247  1.19409   -1.15466  1.000 276.18220 ? 122 DT B C5    1 
ATOM 508 C C7    . DT B 2 4  ? -0.74995  2.17800   -2.22830  1.000 269.69013 ? 122 DT B C7    1 
ATOM 509 C C6    . DT B 2 4  ? -1.00673  1.20059   0.01884   1.000 279.47611 ? 122 DT B C6    1 
ATOM 510 P P     . DA B 2 5  ? -2.25392  2.52035   5.57939   1.000 276.32622 ? 123 DA B P     1 
ATOM 511 O OP1   . DA B 2 5  ? -3.53945  2.60437   6.33580   1.000 277.21945 ? 123 DA B OP1   1 
ATOM 512 O OP2   . DA B 2 5  ? -1.81054  3.66814   4.72448   1.000 276.38261 ? 123 DA B OP2   1 
ATOM 513 O "O5'" . DA B 2 5  ? -0.94947  2.16308   6.48916   1.000 278.19408 ? 123 DA B "O5'" 1 
ATOM 514 C "C5'" . DA B 2 5  ? -1.04586  1.27283   7.64750   1.000 280.39554 ? 123 DA B "C5'" 1 
ATOM 515 C "C4'" . DA B 2 5  ? 0.08740   0.25165   7.66886   1.000 282.07427 ? 123 DA B "C4'" 1 
ATOM 516 O "O4'" . DA B 2 5  ? 0.44542   -0.10858  6.29719   1.000 282.81013 ? 123 DA B "O4'" 1 
ATOM 517 C "C3'" . DA B 2 5  ? 1.38586   0.76116   8.25937   1.000 281.31181 ? 123 DA B "C3'" 1 
ATOM 518 O "O3'" . DA B 2 5  ? 2.22278   -0.31874  8.44873   1.000 281.84285 ? 123 DA B "O3'" 1 
ATOM 519 C "C2'" . DA B 2 5  ? 1.89430   1.54588   7.09202   1.000 281.75518 ? 123 DA B "C2'" 1 
ATOM 520 C "C1'" . DA B 2 5  ? 1.69484   0.48626   6.00528   1.000 283.07728 ? 123 DA B "C1'" 1 
ATOM 521 N N9    . DA B 2 5  ? 1.72000   1.03008   4.65057   1.000 282.03091 ? 123 DA B N9    1 
ATOM 522 C C8    . DA B 2 5  ? 0.91994   1.99936   4.12091   1.000 279.14836 ? 123 DA B C8    1 
ATOM 523 N N7    . DA B 2 5  ? 1.21150   2.30835   2.88233   1.000 277.33838 ? 123 DA B N7    1 
ATOM 524 C C5    . DA B 2 5  ? 2.28499   1.49792   2.59371   1.000 279.51146 ? 123 DA B C5    1 
ATOM 525 C C6    . DA B 2 5  ? 3.06150   1.34895   1.44856   1.000 278.33179 ? 123 DA B C6    1 
ATOM 526 N N6    . DA B 2 5  ? 2.84859   2.04762   0.33820   1.000 273.95517 ? 123 DA B N6    1 
ATOM 527 N N1    . DA B 2 5  ? 4.06900   0.44625   1.48924   1.000 280.27313 ? 123 DA B N1    1 
ATOM 528 C C2    . DA B 2 5  ? 4.26496   -0.24736  2.61277   1.000 283.67260 ? 123 DA B C2    1 
ATOM 529 N N3    . DA B 2 5  ? 3.59865   -0.18752  3.75441   1.000 284.79273 ? 123 DA B N3    1 
ATOM 530 C C4    . DA B 2 5  ? 2.60845   0.70536   3.67182   1.000 282.63576 ? 123 DA B C4    1 
ATOM 531 P P     . DC B 2 6  ? 3.07136   -0.45055  9.79057   1.000 219.48156 ? 124 DC B P     1 
ATOM 532 O OP1   . DC B 2 6  ? 3.85375   -1.70873  9.56324   1.000 215.21318 ? 124 DC B OP1   1 
ATOM 533 O OP2   . DC B 2 6  ? 2.06078   -0.20747  10.87242  1.000 221.27906 ? 124 DC B OP2   1 
ATOM 534 O "O5'" . DC B 2 6  ? 4.07358   0.82644   9.79212   1.000 221.77604 ? 124 DC B "O5'" 1 
ATOM 535 C "C5'" . DC B 2 6  ? 5.54046   0.66754   9.66486   1.000 219.68848 ? 124 DC B "C5'" 1 
ATOM 536 C "C4'" . DC B 2 6  ? 5.96023   0.34130   8.24096   1.000 218.40447 ? 124 DC B "C4'" 1 
ATOM 537 O "O4'" . DC B 2 6  ? 5.24447   1.13592   7.30328   1.000 221.40965 ? 124 DC B "O4'" 1 
ATOM 538 C "C3'" . DC B 2 6  ? 7.42191   0.58565   7.90491   1.000 217.46248 ? 124 DC B "C3'" 1 
ATOM 539 O "O3'" . DC B 2 6  ? 8.17713   -0.56462  8.26086   1.000 213.68625 ? 124 DC B "O3'" 1 
ATOM 540 C "C2'" . DC B 2 6  ? 7.39617   0.79193   6.38981   1.000 218.16176 ? 124 DC B "C2'" 1 
ATOM 541 C "C1'" . DC B 2 6  ? 5.89168   0.94902   6.08020   1.000 220.26837 ? 124 DC B "C1'" 1 
ATOM 542 N N1    . DC B 2 6  ? 5.45450   2.04710   5.10016   1.000 223.79645 ? 124 DC B N1    1 
ATOM 543 C C2    . DC B 2 6  ? 6.18458   2.33239   3.93033   1.000 223.87079 ? 124 DC B C2    1 
ATOM 544 O O2    . DC B 2 6  ? 7.22615   1.76438   3.71895   1.000 221.22348 ? 124 DC B O2    1 
ATOM 545 N N3    . DC B 2 6  ? 5.72593   3.27217   3.07863   1.000 226.99578 ? 124 DC B N3    1 
ATOM 546 C C4    . DC B 2 6  ? 4.57300   3.87895   3.33294   1.000 229.87139 ? 124 DC B C4    1 
ATOM 547 N N4    . DC B 2 6  ? 4.14585   4.80685   2.47836   1.000 232.92928 ? 124 DC B N4    1 
ATOM 548 C C5    . DC B 2 6  ? 3.80970   3.58698   4.49065   1.000 229.82554 ? 124 DC B C5    1 
ATOM 549 C C6    . DC B 2 6  ? 4.27923   2.67508   5.32742   1.000 226.77694 ? 124 DC B C6    1 
ATOM 550 P P     . DA B 2 7  ? 9.11635   -0.48850  9.55521   1.000 233.73339 ? 125 DA B P     1 
ATOM 551 O OP1   . DA B 2 7  ? 8.99368   -1.73373  10.36242  1.000 233.80140 ? 125 DA B OP1   1 
ATOM 552 O OP2   . DA B 2 7  ? 8.70937   0.82352   10.17272  1.000 233.72279 ? 125 DA B OP2   1 
ATOM 553 O "O5'" . DA B 2 7  ? 10.61609  -0.52539  8.93213   1.000 233.12190 ? 125 DA B "O5'" 1 
ATOM 554 C "C5'" . DA B 2 7  ? 10.86311  -0.15217  7.54348   1.000 235.13504 ? 125 DA B "C5'" 1 
ATOM 555 C "C4'" . DA B 2 7  ? 11.75486  1.09106   7.45146   1.000 233.45371 ? 125 DA B "C4'" 1 
ATOM 556 O "O4'" . DA B 2 7  ? 11.30904  1.93369   6.34505   1.000 233.27825 ? 125 DA B "O4'" 1 
ATOM 557 C "C3'" . DA B 2 7  ? 11.73794  2.00693   8.68956   1.000 236.68762 ? 125 DA B "C3'" 1 
ATOM 558 O "O3'" . DA B 2 7  ? 12.97774  2.67289   8.85112   1.000 240.30186 ? 125 DA B "O3'" 1 
ATOM 559 C "C2'" . DA B 2 7  ? 10.65367  3.00609   8.34547   1.000 238.06214 ? 125 DA B "C2'" 1 
ATOM 560 C "C1'" . DA B 2 7  ? 10.90144  3.20634   6.85791   1.000 236.54273 ? 125 DA B "C1'" 1 
ATOM 561 N N9    . DA B 2 7  ? 9.70376   3.70156   6.15599   1.000 235.58263 ? 125 DA B N9    1 
ATOM 562 C C8    . DA B 2 7  ? 8.39400   3.53697   6.53943   1.000 235.08952 ? 125 DA B C8    1 
ATOM 563 N N7    . DA B 2 7  ? 7.52660   4.10403   5.74431   1.000 234.38563 ? 125 DA B N7    1 
ATOM 564 C C5    . DA B 2 7  ? 8.31845   4.74890   4.79985   1.000 234.45543 ? 125 DA B C5    1 
ATOM 565 C C6    . DA B 2 7  ? 8.00426   5.55501   3.68223   1.000 233.91213 ? 125 DA B C6    1 
ATOM 566 N N6    . DA B 2 7  ? 6.74506   5.84212   3.32986   1.000 233.23406 ? 125 DA B N6    1 
ATOM 567 N N1    . DA B 2 7  ? 9.03237   6.06071   2.95261   1.000 234.19861 ? 125 DA B N1    1 
ATOM 568 C C2    . DA B 2 7  ? 10.30183  5.75389   3.30144   1.000 234.97049 ? 125 DA B C2    1 
ATOM 569 N N3    . DA B 2 7  ? 10.72456  5.01007   4.33860   1.000 235.59258 ? 125 DA B N3    1 
ATOM 570 C C4    . DA B 2 7  ? 9.67240   4.53457   5.05302   1.000 235.25326 ? 125 DA B C4    1 
ATOM 571 P P     . DG C 3 1  ? 14.84956  8.45383   9.65827   1.000 315.53307 ? 209 DG C P     1 
ATOM 572 O OP1   . DG C 3 1  ? 13.92458  9.59674   9.49682   1.000 306.88197 ? 209 DG C OP1   1 
ATOM 573 O OP2   . DG C 3 1  ? 16.27515  8.48968   9.22788   1.000 319.92330 ? 209 DG C OP2   1 
ATOM 574 O "O5'" . DG C 3 1  ? 14.17741  7.31947   8.78933   1.000 320.32172 ? 209 DG C "O5'" 1 
ATOM 575 C "C5'" . DG C 3 1  ? 14.90540  6.78374   7.70616   1.000 324.16804 ? 209 DG C "C5'" 1 
ATOM 576 C "C4'" . DG C 3 1  ? 14.22240  7.04491   6.37138   1.000 319.11212 ? 209 DG C "C4'" 1 
ATOM 577 O "O4'" . DG C 3 1  ? 12.80876  6.82832   6.48766   1.000 318.33855 ? 209 DG C "O4'" 1 
ATOM 578 C "C3'" . DG C 3 1  ? 14.26796  8.45751   5.82617   1.000 313.40101 ? 209 DG C "C3'" 1 
ATOM 579 O "O3'" . DG C 3 1  ? 15.54195  8.79039   5.31527   1.000 317.37441 ? 209 DG C "O3'" 1 
ATOM 580 C "C2'" . DG C 3 1  ? 13.24148  8.33432   4.71672   1.000 310.51540 ? 209 DG C "C2'" 1 
ATOM 581 C "C1'" . DG C 3 1  ? 12.21170  7.41415   5.35740   1.000 312.39341 ? 209 DG C "C1'" 1 
ATOM 582 N N9    . DG C 3 1  ? 10.96848  8.06412   5.72028   1.000 307.66070 ? 209 DG C N9    1 
ATOM 583 C C8    . DG C 3 1  ? 10.41124  8.19533   6.96850   1.000 309.18184 ? 209 DG C C8    1 
ATOM 584 N N7    . DG C 3 1  ? 9.26346   8.82014   6.95855   1.000 304.61414 ? 209 DG C N7    1 
ATOM 585 C C5    . DG C 3 1  ? 9.05769   9.10551   5.60900   1.000 299.70665 ? 209 DG C C5    1 
ATOM 586 C C6    . DG C 3 1  ? 7.98835   9.76849   4.94731   1.000 299.75927 ? 209 DG C C6    1 
ATOM 587 O O6    . DG C 3 1  ? 6.95935   10.25837  5.42969   1.000 303.19046 ? 209 DG C O6    1 
ATOM 588 N N1    . DG C 3 1  ? 8.19783   9.83091   3.57267   1.000 297.57315 ? 209 DG C N1    1 
ATOM 589 C C2    . DG C 3 1  ? 9.29084   9.32486   2.92151   1.000 294.52820 ? 209 DG C C2    1 
ATOM 590 N N2    . DG C 3 1  ? 9.32405   9.48508   1.60173   1.000 294.40228 ? 209 DG C N2    1 
ATOM 591 N N3    . DG C 3 1  ? 10.28581  8.71591   3.51963   1.000 298.99404 ? 209 DG C N3    1 
ATOM 592 C C4    . DG C 3 1  ? 10.10353  8.63814   4.85307   1.000 301.56929 ? 209 DG C C4    1 
ATOM 593 P P     . DG C 3 2  ? 16.08813  10.27663  5.54056   1.000 330.76095 ? 210 DG C P     1 
ATOM 594 O OP1   . DG C 3 2  ? 17.48540  10.22241  6.02282   1.000 334.02089 ? 210 DG C OP1   1 
ATOM 595 O OP2   . DG C 3 2  ? 15.05015  10.91355  6.37410   1.000 328.05820 ? 210 DG C OP2   1 
ATOM 596 O "O5'" . DG C 3 2  ? 16.10002  10.87309  4.08361   1.000 328.98868 ? 210 DG C "O5'" 1 
ATOM 597 C "C5'" . DG C 3 2  ? 16.17576  9.96421   3.03437   1.000 330.27024 ? 210 DG C "C5'" 1 
ATOM 598 C "C4'" . DG C 3 2  ? 15.29034  10.37980  1.90168   1.000 328.28386 ? 210 DG C "C4'" 1 
ATOM 599 O "O4'" . DG C 3 2  ? 13.92361  9.97848   2.16618   1.000 329.54900 ? 210 DG C "O4'" 1 
ATOM 600 C "C3'" . DG C 3 2  ? 15.25214  11.87635  1.68557   1.000 326.79605 ? 210 DG C "C3'" 1 
ATOM 601 O "O3'" . DG C 3 2  ? 16.25300  12.24255  0.77092   1.000 323.46604 ? 210 DG C "O3'" 1 
ATOM 602 C "C2'" . DG C 3 2  ? 13.86089  12.09521  1.11549   1.000 333.23077 ? 210 DG C "C2'" 1 
ATOM 603 C "C1'" . DG C 3 2  ? 13.05957  11.06033  1.89161   1.000 334.18969 ? 210 DG C "C1'" 1 
ATOM 604 N N9    . DG C 3 2  ? 12.53592  11.52110  3.15646   1.000 338.25063 ? 210 DG C N9    1 
ATOM 605 C C8    . DG C 3 2  ? 13.09269  11.35493  4.39228   1.000 336.46005 ? 210 DG C C8    1 
ATOM 606 N N7    . DG C 3 2  ? 12.36655  11.82635  5.35936   1.000 339.79192 ? 210 DG C N7    1 
ATOM 607 C C5    . DG C 3 2  ? 11.25694  12.35202  4.70828   1.000 347.74538 ? 210 DG C C5    1 
ATOM 608 C C6    . DG C 3 2  ? 10.11247  13.01091  5.22396   1.000 359.50891 ? 210 DG C C6    1 
ATOM 609 O O6    . DG C 3 2  ? 9.84702   13.28496  6.41266   1.000 360.28180 ? 210 DG C O6    1 
ATOM 610 N N1    . DG C 3 2  ? 9.22791   13.37986  4.19665   1.000 369.27245 ? 210 DG C N1    1 
ATOM 611 C C2    . DG C 3 2  ? 9.43687   13.13579  2.85823   1.000 368.20406 ? 210 DG C C2    1 
ATOM 612 N N2    . DG C 3 2  ? 8.48628   13.55501  2.02676   1.000 378.69508 ? 210 DG C N2    1 
ATOM 613 N N3    . DG C 3 2  ? 10.49459  12.51441  2.37691   1.000 355.66924 ? 210 DG C N3    1 
ATOM 614 C C4    . DG C 3 2  ? 11.35517  12.15690  3.35159   1.000 345.97985 ? 210 DG C C4    1 
ATOM 615 P P     . DC C 3 3  ? 17.21010  13.48125  1.10640   1.000 310.17447 ? 211 DC C P     1 
ATOM 616 O OP1   . DC C 3 3  ? 18.45204  12.94412  1.73236   1.000 316.25051 ? 211 DC C OP1   1 
ATOM 617 O OP2   . DC C 3 3  ? 16.38703  14.40888  1.90413   1.000 304.86504 ? 211 DC C OP2   1 
ATOM 618 O "O5'" . DC C 3 3  ? 17.43576  14.16056  -0.33590  1.000 309.90768 ? 211 DC C "O5'" 1 
ATOM 619 C "C5'" . DC C 3 3  ? 17.00105  15.47112  -0.55566  1.000 313.66429 ? 211 DC C "C5'" 1 
ATOM 620 C "C4'" . DC C 3 3  ? 15.58192  15.50374  -1.06759  1.000 319.60642 ? 211 DC C "C4'" 1 
ATOM 621 O "O4'" . DC C 3 3  ? 14.68090  14.87260  -0.15196  1.000 321.34664 ? 211 DC C "O4'" 1 
ATOM 622 C "C3'" . DC C 3 3  ? 15.05892  16.89214  -1.23970  1.000 343.18135 ? 211 DC C "C3'" 1 
ATOM 623 O "O3'" . DC C 3 3  ? 15.41274  17.27462  -2.54940  1.000 336.82473 ? 211 DC C "O3'" 1 
ATOM 624 C "C2'" . DC C 3 3  ? 13.53788  16.73561  -1.05870  1.000 354.49652 ? 211 DC C "C2'" 1 
ATOM 625 C "C1'" . DC C 3 3  ? 13.38312  15.39832  -0.33523  1.000 342.44100 ? 211 DC C "C1'" 1 
ATOM 626 N N1    . DC C 3 3  ? 12.73167  15.49942  1.01124   1.000 349.65434 ? 211 DC C N1    1 
ATOM 627 C C2    . DC C 3 3  ? 11.35664  15.83231  1.15022   1.000 363.30515 ? 211 DC C C2    1 
ATOM 628 O O2    . DC C 3 3  ? 10.66388  16.05283  0.15537   1.000 371.73006 ? 211 DC C O2    1 
ATOM 629 N N3    . DC C 3 3  ? 10.82187  15.90226  2.40704   1.000 364.66009 ? 211 DC C N3    1 
ATOM 630 C C4    . DC C 3 3  ? 11.58835  15.65279  3.46421   1.000 354.89768 ? 211 DC C C4    1 
ATOM 631 N N4    . DC C 3 3  ? 11.04184  15.73148  4.68322   1.000 355.05347 ? 211 DC C N4    1 
ATOM 632 C C5    . DC C 3 3  ? 12.96670  15.31728  3.33006   1.000 342.84526 ? 211 DC C C5    1 
ATOM 633 C C6    . DC C 3 3  ? 13.48483  15.25833  2.10625   1.000 339.90906 ? 211 DC C C6    1 
ATOM 634 P P     . DT C 3 4  ? 14.96975  18.68449  -3.17778  1.000 484.77058 ? 212 DT C P     1 
ATOM 635 O OP1   . DT C 3 4  ? 13.68236  18.47345  -3.89711  1.000 486.91434 ? 212 DT C OP1   1 
ATOM 636 O OP2   . DT C 3 4  ? 16.12538  19.20311  -3.95203  1.000 472.99340 ? 212 DT C OP2   1 
ATOM 637 O "O5'" . DT C 3 4  ? 14.82798  19.61473  -1.88656  1.000 509.24031 ? 212 DT C "O5'" 1 
ATOM 638 C "C5'" . DT C 3 4  ? 14.53991  20.98509  -2.02859  1.000 527.42711 ? 212 DT C "C5'" 1 
ATOM 639 C "C4'" . DT C 3 4  ? 13.14626  21.17324  -2.57965  1.000 537.27012 ? 212 DT C "C4'" 1 
ATOM 640 O "O4'" . DT C 3 4  ? 12.31103  20.05961  -2.17586  1.000 532.06510 ? 212 DT C "O4'" 1 
ATOM 641 C "C3'" . DT C 3 4  ? 12.46243  22.44989  -2.13383  1.000 544.67105 ? 212 DT C "C3'" 1 
ATOM 642 O "O3'" . DT C 3 4  ? 12.46874  23.36287  -3.24807  1.000 546.44557 ? 212 DT C "O3'" 1 
ATOM 643 C "C2'" . DT C 3 4  ? 11.05065  22.00103  -1.70487  1.000 541.01570 ? 212 DT C "C2'" 1 
ATOM 644 C "C1'" . DT C 3 4  ? 11.20957  20.50182  -1.42866  1.000 537.24669 ? 212 DT C "C1'" 1 
ATOM 645 N N1    . DT C 3 4  ? 11.40438  20.05920  0.04686   1.000 528.96230 ? 212 DT C N1    1 
ATOM 646 C C2    . DT C 3 4  ? 10.32714  20.04438  0.92041   1.000 523.04405 ? 212 DT C C2    1 
ATOM 647 O O2    . DT C 3 4  ? 9.21365   20.43391  0.60698   1.000 521.72812 ? 212 DT C O2    1 
ATOM 648 N N3    . DT C 3 4  ? 10.62602  19.57477  2.20101   1.000 515.31617 ? 212 DT C N3    1 
ATOM 649 C C4    . DT C 3 4  ? 11.85214  19.11173  2.65785   1.000 512.41895 ? 212 DT C C4    1 
ATOM 650 O O4    . DT C 3 4  ? 12.02702  18.71634  3.81168   1.000 504.84823 ? 212 DT C O4    1 
ATOM 651 C C5    . DT C 3 4  ? 12.91844  19.13564  1.68360   1.000 516.50962 ? 212 DT C C5    1 
ATOM 652 C C7    . DT C 3 4  ? 14.29200  18.66294  2.05766   1.000 509.67208 ? 212 DT C C7    1 
ATOM 653 C C6    . DT C 3 4  ? 12.64273  19.58883  0.44796   1.000 524.47238 ? 212 DT C C6    1 
ATOM 654 P P     . DG C 3 5  ? 11.57978  24.70015  -3.27894  1.000 449.75262 ? 213 DG C P     1 
ATOM 655 O OP1   . DG C 3 5  ? 10.20526  24.24814  -3.61577  1.000 446.34819 ? 213 DG C OP1   1 
ATOM 656 O OP2   . DG C 3 5  ? 12.23030  25.63409  -4.22562  1.000 440.05610 ? 213 DG C OP2   1 
ATOM 657 O "O5'" . DG C 3 5  ? 11.77002  25.37338  -1.82739  1.000 436.11686 ? 213 DG C "O5'" 1 
ATOM 658 C "C5'" . DG C 3 5  ? 10.94099  26.47551  -1.44940  1.000 412.14321 ? 213 DG C "C5'" 1 
ATOM 659 C "C4'" . DG C 3 5  ? 9.50251   26.03638  -1.52667  1.000 404.15642 ? 213 DG C "C4'" 1 
ATOM 660 O "O4'" . DG C 3 5  ? 9.45908   24.68811  -1.01094  1.000 415.51938 ? 213 DG C "O4'" 1 
ATOM 661 C "C3'" . DG C 3 5  ? 8.55385   26.75119  -0.62138  1.000 374.34778 ? 213 DG C "C3'" 1 
ATOM 662 O "O3'" . DG C 3 5  ? 7.23571   26.17943  -0.82694  1.000 367.83166 ? 213 DG C "O3'" 1 
ATOM 663 C "C2'" . DG C 3 5  ? 9.14148   26.26632  0.68110   1.000 374.20549 ? 213 DG C "C2'" 1 
ATOM 664 C "C1'" . DG C 3 5  ? 9.21784   24.77267  0.37724   1.000 398.96769 ? 213 DG C "C1'" 1 
ATOM 665 N N9    . DG C 3 5  ? 10.27333  24.06383  1.09315   1.000 409.50251 ? 213 DG C N9    1 
ATOM 666 C C8    . DG C 3 5  ? 11.56828  23.88409  0.69975   1.000 423.65189 ? 213 DG C C8    1 
ATOM 667 N N7    . DG C 3 5  ? 12.27618  23.17908  1.54107   1.000 426.42358 ? 213 DG C N7    1 
ATOM 668 C C5    . DG C 3 5  ? 11.39180  22.88943  2.57650   1.000 414.87573 ? 213 DG C C5    1 
ATOM 669 C C6    . DG C 3 5  ? 11.57749  22.16264  3.79993   1.000 410.18355 ? 213 DG C C6    1 
ATOM 670 O O6    . DG C 3 5  ? 12.61202  21.60824  4.21818   1.000 412.48518 ? 213 DG C O6    1 
ATOM 671 N N1    . DG C 3 5  ? 10.40168  22.12513  4.57397   1.000 399.26266 ? 213 DG C N1    1 
ATOM 672 C C2    . DG C 3 5  ? 9.19945   22.70026  4.18936   1.000 391.59438 ? 213 DG C C2    1 
ATOM 673 N N2    . DG C 3 5  ? 8.15473   22.56597  5.04133   1.000 380.74599 ? 213 DG C N2    1 
ATOM 674 N N3    . DG C 3 5  ? 9.02798   23.37917  3.05800   1.000 392.61647 ? 213 DG C N3    1 
ATOM 675 C C4    . DG C 3 5  ? 10.14463  23.42194  2.30144   1.000 405.24733 ? 213 DG C C4    1 
ATOM 676 P P     . DC C 3 6  ? 5.88185   27.06042  -0.81651  1.000 393.34258 ? 214 DC C P     1 
ATOM 677 O OP1   . DC C 3 6  ? 4.88075   26.34960  -1.63877  1.000 393.55112 ? 214 DC C OP1   1 
ATOM 678 O OP2   . DC C 3 6  ? 6.19276   28.44960  -1.19970  1.000 376.06325 ? 214 DC C OP2   1 
ATOM 679 O "O5'" . DC C 3 6  ? 5.42289   27.04399  0.73173   1.000 381.66049 ? 214 DC C "O5'" 1 
ATOM 680 C "C5'" . DC C 3 6  ? 5.95885   26.04158  1.65185   1.000 395.01846 ? 214 DC C "C5'" 1 
ATOM 681 C "C4'" . DC C 3 6  ? 6.09453   26.55562  3.09820   1.000 383.89937 ? 214 DC C "C4'" 1 
ATOM 682 O "O4'" . DC C 3 6  ? 7.12484   25.78347  3.78399   1.000 400.93598 ? 214 DC C "O4'" 1 
ATOM 683 C "C3'" . DC C 3 6  ? 6.55126   28.02404  3.27107   1.000 357.64736 ? 214 DC C "C3'" 1 
ATOM 684 O "O3'" . DC C 3 6  ? 5.97464   28.59109  4.45914   1.000 344.72884 ? 214 DC C "O3'" 1 
ATOM 685 C "C2'" . DC C 3 6  ? 8.04719   27.87642  3.44753   1.000 365.53329 ? 214 DC C "C2'" 1 
ATOM 686 C "C1'" . DC C 3 6  ? 8.02565   26.70600  4.38477   1.000 387.02094 ? 214 DC C "C1'" 1 
ATOM 687 N N1    . DC C 3 6  ? 9.35515   26.10192  4.61199   1.000 402.73270 ? 214 DC C N1    1 
ATOM 688 C C2    . DC C 3 6  ? 9.59932   25.41329  5.80563   1.000 405.30760 ? 214 DC C C2    1 
ATOM 689 O O2    . DC C 3 6  ? 8.70578   25.31875  6.65248   1.000 396.83004 ? 214 DC C O2    1 
ATOM 690 N N3    . DC C 3 6  ? 10.82993  24.88594  6.01489   1.000 418.00751 ? 214 DC C N3    1 
ATOM 691 C C4    . DC C 3 6  ? 11.77495  25.00862  5.08506   1.000 429.11661 ? 214 DC C C4    1 
ATOM 692 N N4    . DC C 3 6  ? 12.97359  24.47541  5.33561   1.000 439.75298 ? 214 DC C N4    1 
ATOM 693 C C5    . DC C 3 6  ? 11.54002  25.70075  3.86331   1.000 427.79230 ? 214 DC C C5    1 
ATOM 694 C C6    . DC C 3 6  ? 10.33033  26.22852  3.67206   1.000 413.99520 ? 214 DC C C6    1 
ATOM 695 O "O5'" . DC D 4 1  ? -29.25081 -15.61217 -4.10214  1.000 835.02008 ? 201 DC D "O5'" 1 
ATOM 696 C "C5'" . DC D 4 1  ? -28.89098 -16.94069 -4.45662  1.000 821.95166 ? 201 DC D "C5'" 1 
ATOM 697 C "C4'" . DC D 4 1  ? -27.41293 -17.03338 -4.74411  1.000 794.85868 ? 201 DC D "C4'" 1 
ATOM 698 O "O4'" . DC D 4 1  ? -27.18545 -17.96348 -5.84376  1.000 795.65066 ? 201 DC D "O4'" 1 
ATOM 699 C "C3'" . DC D 4 1  ? -26.77288 -15.70418 -5.17666  1.000 776.92635 ? 201 DC D "C3'" 1 
ATOM 700 O "O3'" . DC D 4 1  ? -25.71490 -15.36297 -4.29713  1.000 755.65041 ? 201 DC D "O3'" 1 
ATOM 701 C "C2'" . DC D 4 1  ? -26.26998 -15.98765 -6.60116  1.000 776.49343 ? 201 DC D "C2'" 1 
ATOM 702 C "C1'" . DC D 4 1  ? -26.06608 -17.48236 -6.53797  1.000 778.30365 ? 201 DC D "C1'" 1 
ATOM 703 N N1    . DC D 4 1  ? -25.80872 -18.20241 -7.88306  1.000 437.39437 ? 201 DC D N1    1 
ATOM 704 C C2    . DC D 4 1  ? -25.70809 -19.59460 -7.88695  1.000 439.94864 ? 201 DC D C2    1 
ATOM 705 O O2    . DC D 4 1  ? -25.91253 -20.19390 -6.83414  1.000 445.48206 ? 201 DC D O2    1 
ATOM 706 N N3    . DC D 4 1  ? -25.44566 -20.24319 -9.04665  1.000 437.05897 ? 201 DC D N3    1 
ATOM 707 C C4    . DC D 4 1  ? -25.23066 -19.53905 -10.15667 1.000 431.51833 ? 201 DC D C4    1 
ATOM 708 N N4    . DC D 4 1  ? -24.97551 -20.20915 -11.27345 1.000 429.49456 ? 201 DC D N4    1 
ATOM 709 C C5    . DC D 4 1  ? -25.28376 -18.10667 -10.17438 1.000 428.29449 ? 201 DC D C5    1 
ATOM 710 C C6    . DC D 4 1  ? -25.55172 -17.48239 -9.02293  1.000 431.17013 ? 201 DC D C6    1 
ATOM 711 P P     . DT D 4 2  ? -26.01774 -14.65109 -2.88740  1.000 703.05648 ? 202 DT D P     1 
ATOM 712 O OP1   . DT D 4 2  ? -27.46437 -14.70828 -2.59710  1.000 724.60524 ? 202 DT D OP1   1 
ATOM 713 O OP2   . DT D 4 2  ? -25.32694 -13.35398 -2.89064  1.000 684.80139 ? 202 DT D OP2   1 
ATOM 714 O "O5'" . DT D 4 2  ? -25.24019 -15.55060 -1.83157  1.000 696.65896 ? 202 DT D "O5'" 1 
ATOM 715 C "C5'" . DT D 4 2  ? -25.93334 -16.53690 -1.12781  1.000 716.09538 ? 202 DT D "C5'" 1 
ATOM 716 C "C4'" . DT D 4 2  ? -25.11258 -17.80618 -1.02445  1.000 707.76787 ? 202 DT D "C4'" 1 
ATOM 717 O "O4'" . DT D 4 2  ? -24.85394 -18.34982 -2.34268  1.000 710.16120 ? 202 DT D "O4'" 1 
ATOM 718 C "C3'" . DT D 4 2  ? -23.73818 -17.65734 -0.38824  1.000 688.63331 ? 202 DT D "C3'" 1 
ATOM 719 O "O3'" . DT D 4 2  ? -23.46889 -18.85508 0.33340   1.000 689.14703 ? 202 DT D "O3'" 1 
ATOM 720 C "C2'" . DT D 4 2  ? -22.83372 -17.51042 -1.60786  1.000 678.97632 ? 202 DT D "C2'" 1 
ATOM 721 C "C1'" . DT D 4 2  ? -23.46171 -18.55245 -2.48743  1.000 694.29757 ? 202 DT D "C1'" 1 
ATOM 722 N N1    . DT D 4 2  ? -23.14905 -18.45391 -3.89229  1.000 371.16840 ? 202 DT D N1    1 
ATOM 723 C C2    . DT D 4 2  ? -22.90475 -19.62259 -4.57868  1.000 370.12999 ? 202 DT D C2    1 
ATOM 724 O O2    . DT D 4 2  ? -22.85083 -20.70849 -4.04258  1.000 374.05986 ? 202 DT D O2    1 
ATOM 725 N N3    . DT D 4 2  ? -22.69549 -19.46674 -5.91502  1.000 364.47361 ? 202 DT D N3    1 
ATOM 726 C C4    . DT D 4 2  ? -22.71723 -18.28924 -6.62488  1.000 359.80728 ? 202 DT D C4    1 
ATOM 727 O O4    . DT D 4 2  ? -22.50050 -18.25209 -7.83278  1.000 355.17094 ? 202 DT D O4    1 
ATOM 728 C C5    . DT D 4 2  ? -23.01021 -17.09346 -5.84847  1.000 361.15240 ? 202 DT D C5    1 
ATOM 729 C C7    . DT D 4 2  ? -23.05994 -15.75649 -6.52336  1.000 356.56678 ? 202 DT D C7    1 
ATOM 730 C C6    . DT D 4 2  ? -23.22130 -17.23717 -4.52741  1.000 366.90543 ? 202 DT D C6    1 
ATOM 731 P P     . DT D 4 3  ? -22.00977 -19.52494 0.35915   1.000 422.35978 ? 203 DT D P     1 
ATOM 732 O OP1   . DT D 4 3  ? -21.04517 -18.45372 0.65503   1.000 404.70108 ? 203 DT D OP1   1 
ATOM 733 O OP2   . DT D 4 3  ? -21.85593 -20.38473 -0.83612  1.000 427.21374 ? 203 DT D OP2   1 
ATOM 734 O "O5'" . DT D 4 3  ? -22.03978 -20.49024 1.62761   1.000 426.87251 ? 203 DT D "O5'" 1 
ATOM 735 C "C5'" . DT D 4 3  ? -20.88405 -20.61745 2.41239   1.000 414.10953 ? 203 DT D "C5'" 1 
ATOM 736 C "C4'" . DT D 4 3  ? -20.03679 -21.78959 1.96043   1.000 411.78878 ? 203 DT D "C4'" 1 
ATOM 737 O "O4'" . DT D 4 3  ? -20.05614 -21.90690 0.50984   1.000 416.55418 ? 203 DT D "O4'" 1 
ATOM 738 C "C3'" . DT D 4 3  ? -18.57299 -21.67208 2.32904   1.000 398.13763 ? 203 DT D "C3'" 1 
ATOM 739 O "O3'" . DT D 4 3  ? -18.03996 -22.94150 2.52374   1.000 401.18773 ? 203 DT D "O3'" 1 
ATOM 740 C "C2'" . DT D 4 3  ? -17.98460 -21.03013 1.08876   1.000 389.85047 ? 203 DT D "C2'" 1 
ATOM 741 C "C1'" . DT D 4 3  ? -18.73781 -21.78530 0.01137   1.000 404.63953 ? 203 DT D "C1'" 1 
ATOM 742 N N1    . DT D 4 3  ? -18.78901 -21.06650 -1.30096  1.000 401.28311 ? 203 DT D N1    1 
ATOM 743 C C2    . DT D 4 3  ? -18.58801 -21.75833 -2.47602  1.000 408.12559 ? 203 DT D C2    1 
ATOM 744 O O2    . DT D 4 3  ? -18.37049 -22.95054 -2.51011  1.000 417.01999 ? 203 DT D O2    1 
ATOM 745 N N3    . DT D 4 3  ? -18.67047 -20.98650 -3.61787  1.000 403.74514 ? 203 DT D N3    1 
ATOM 746 C C4    . DT D 4 3  ? -18.90892 -19.63205 -3.68137  1.000 392.01482 ? 203 DT D C4    1 
ATOM 747 O O4    . DT D 4 3  ? -18.96780 -19.01551 -4.72818  1.000 389.10232 ? 203 DT D O4    1 
ATOM 748 C C5    . DT D 4 3  ? -19.09827 -18.98347 -2.42279  1.000 385.88499 ? 203 DT D C5    1 
ATOM 749 C C7    . DT D 4 3  ? -19.36118 -17.51333 -2.38281  1.000 372.83218 ? 203 DT D C7    1 
ATOM 750 C C6    . DT D 4 3  ? -19.02550 -19.71779 -1.30790  1.000 391.17656 ? 203 DT D C6    1 
ATOM 751 P P     . DG D 4 4  ? -16.58216 -23.09191 3.17068   1.000 456.34063 ? 204 DG D P     1 
ATOM 752 O OP1   . DG D 4 4  ? -16.66702 -24.17505 4.16843   1.000 462.25170 ? 204 DG D OP1   1 
ATOM 753 O OP2   . DG D 4 4  ? -16.10541 -21.75529 3.59429   1.000 441.51890 ? 204 DG D OP2   1 
ATOM 754 O "O5'" . DG D 4 4  ? -15.66806 -23.54731 1.94937   1.000 449.51137 ? 204 DG D "O5'" 1 
ATOM 755 C "C5'" . DG D 4 4  ? -16.05528 -24.63035 1.12273   1.000 462.56098 ? 204 DG D "C5'" 1 
ATOM 756 C "C4'" . DG D 4 4  ? -14.96286 -24.93537 0.11536   1.000 452.58868 ? 204 DG D "C4'" 1 
ATOM 757 O "O4'" . DG D 4 4  ? -15.24026 -24.23204 -1.12277  1.000 449.93385 ? 204 DG D "O4'" 1 
ATOM 758 C "C3'" . DG D 4 4  ? -13.56258 -24.49084 0.53126   1.000 428.32939 ? 204 DG D "C3'" 1 
ATOM 759 O "O3'" . DG D 4 4  ? -12.58456 -25.35306 -0.06201  1.000 423.47958 ? 204 DG D "O3'" 1 
ATOM 760 C "C2'" . DG D 4 4  ? -13.49578 -23.08014 -0.04501  1.000 412.51388 ? 204 DG D "C2'" 1 
ATOM 761 C "C1'" . DG D 4 4  ? -14.23585 -23.26274 -1.36170  1.000 426.41633 ? 204 DG D "C1'" 1 
ATOM 762 N N9    . DG D 4 4  ? -14.87436 -22.04302 -1.86228  1.000 421.50669 ? 204 DG D N9    1 
ATOM 763 C C8    . DG D 4 4  ? -15.67946 -21.18080 -1.16869  1.000 421.58300 ? 204 DG D C8    1 
ATOM 764 N N7    . DG D 4 4  ? -16.11025 -20.17572 -1.88572  1.000 418.27853 ? 204 DG D N7    1 
ATOM 765 C C5    . DG D 4 4  ? -15.55654 -20.38626 -3.13726  1.000 417.58993 ? 204 DG D C5    1 
ATOM 766 C C6    . DG D 4 4  ? -15.66013 -19.61921 -4.33280  1.000 416.30299 ? 204 DG D C6    1 
ATOM 767 O O6    . DG D 4 4  ? -16.29396 -18.57420 -4.52546  1.000 414.99966 ? 204 DG D O6    1 
ATOM 768 N N1    . DG D 4 4  ? -14.92698 -20.18510 -5.37060  1.000 417.22326 ? 204 DG D N1    1 
ATOM 769 C C2    . DG D 4 4  ? -14.18296 -21.34146 -5.25593  1.000 419.53445 ? 204 DG D C2    1 
ATOM 770 N N2    . DG D 4 4  ? -13.53668 -21.74345 -6.35272  1.000 420.66675 ? 204 DG D N2    1 
ATOM 771 N N3    . DG D 4 4  ? -14.07989 -22.06076 -4.14728  1.000 420.99217 ? 204 DG D N3    1 
ATOM 772 C C4    . DG D 4 4  ? -14.78504 -21.52718 -3.13486  1.000 419.64839 ? 204 DG D C4    1 
ATOM 773 P P     . DA D 4 5  ? -11.01467 -25.19458 0.26625   1.000 409.55332 ? 205 DA D P     1 
ATOM 774 O OP1   . DA D 4 5  ? -10.59235 -26.37836 1.04616   1.000 416.31313 ? 205 DA D OP1   1 
ATOM 775 O OP2   . DA D 4 5  ? -10.73621 -23.85172 0.82307   1.000 392.26593 ? 205 DA D OP2   1 
ATOM 776 O "O5'" . DA D 4 5  ? -10.33396 -25.29627 -1.17663  1.000 401.35777 ? 205 DA D "O5'" 1 
ATOM 777 C "C5'" . DA D 4 5  ? -11.08268 -24.95792 -2.34216  1.000 407.07479 ? 205 DA D "C5'" 1 
ATOM 778 C "C4'" . DA D 4 5  ? -10.42511 -23.80769 -3.07403  1.000 387.45057 ? 205 DA D "C4'" 1 
ATOM 779 O "O4'" . DA D 4 5  ? -11.37986 -22.72366 -3.25372  1.000 388.70636 ? 205 DA D "O4'" 1 
ATOM 780 C "C3'" . DA D 4 5  ? -9.22458  -23.18702 -2.34331  1.000 368.16944 ? 205 DA D "C3'" 1 
ATOM 781 O "O3'" . DA D 4 5  ? -8.19451  -22.89845 -3.27094  1.000 356.87667 ? 205 DA D "O3'" 1 
ATOM 782 C "C2'" . DA D 4 5  ? -9.81404  -21.90646 -1.77530  1.000 362.08868 ? 205 DA D "C2'" 1 
ATOM 783 C "C1'" . DA D 4 5  ? -10.72929 -21.52723 -2.91759  1.000 370.38500 ? 205 DA D "C1'" 1 
ATOM 784 N N9    . DA D 4 5  ? -11.70129 -20.48078 -2.59911  1.000 372.26418 ? 205 DA D N9    1 
ATOM 785 C C8    . DA D 4 5  ? -12.40079 -20.30844 -1.44189  1.000 377.74028 ? 205 DA D C8    1 
ATOM 786 N N7    . DA D 4 5  ? -13.18924 -19.25326 -1.45089  1.000 380.23922 ? 205 DA D N7    1 
ATOM 787 C C5    . DA D 4 5  ? -12.97382 -18.69074 -2.69406  1.000 375.20843 ? 205 DA D C5    1 
ATOM 788 C C6    . DA D 4 5  ? -13.50428 -17.54963 -3.33712  1.000 376.44305 ? 205 DA D C6    1 
ATOM 789 N N6    . DA D 4 5  ? -14.40322 -16.72948 -2.77650  1.000 380.91799 ? 205 DA D N6    1 
ATOM 790 N N1    . DA D 4 5  ? -13.07194 -17.29310 -4.59031  1.000 374.26490 ? 205 DA D N1    1 
ATOM 791 C C2    . DA D 4 5  ? -12.17860 -18.11470 -5.13213  1.000 370.76735 ? 205 DA D C2    1 
ATOM 792 N N3    . DA D 4 5  ? -11.61484 -19.19892 -4.63459  1.000 369.42343 ? 205 DA D N3    1 
ATOM 793 C C4    . DA D 4 5  ? -12.05869 -19.43804 -3.40721  1.000 371.81162 ? 205 DA D C4    1 
ATOM 794 P P     . DT D 4 6  ? -7.13405  -24.03206 -3.68299  1.000 353.12069 ? 206 DT D P     1 
ATOM 795 O OP1   . DT D 4 6  ? -7.52944  -25.28901 -3.00587  1.000 369.23219 ? 206 DT D OP1   1 
ATOM 796 O OP2   . DT D 4 6  ? -5.77252  -23.47459 -3.49649  1.000 339.53090 ? 206 DT D OP2   1 
ATOM 797 O "O5'" . DT D 4 6  ? -7.36017  -24.20140 -5.25138  1.000 358.34454 ? 206 DT D "O5'" 1 
ATOM 798 C "C5'" . DT D 4 6  ? -8.34000  -23.42368 -5.89404  1.000 362.42491 ? 206 DT D "C5'" 1 
ATOM 799 C "C4'" . DT D 4 6  ? -7.70425  -22.25423 -6.61042  1.000 351.19464 ? 206 DT D "C4'" 1 
ATOM 800 O "O4'" . DT D 4 6  ? -8.37562  -21.02032 -6.25768  1.000 345.21618 ? 206 DT D "O4'" 1 
ATOM 801 C "C3'" . DT D 4 6  ? -6.24302  -22.00385 -6.28581  1.000 343.32226 ? 206 DT D "C3'" 1 
ATOM 802 O "O3'" . DT D 4 6  ? -5.64865  -21.48880 -7.42251  1.000 345.59750 ? 206 DT D "O3'" 1 
ATOM 803 C "C2'" . DT D 4 6  ? -6.33877  -20.93021 -5.20946  1.000 329.96849 ? 206 DT D "C2'" 1 
ATOM 804 C "C1'" . DT D 4 6  ? -7.40646  -20.08262 -5.84666  1.000 333.13456 ? 206 DT D "C1'" 1 
ATOM 805 N N1    . DT D 4 6  ? -8.06434  -19.13922 -4.94908  1.000 326.42707 ? 206 DT D N1    1 
ATOM 806 C C2    . DT D 4 6  ? -8.78929  -18.11723 -5.49507  1.000 326.13802 ? 206 DT D C2    1 
ATOM 807 O O2    . DT D 4 6  ? -8.88175  -17.93354 -6.69232  1.000 331.02361 ? 206 DT D O2    1 
ATOM 808 N N3    . DT D 4 6  ? -9.39532  -17.29917 -4.59346  1.000 321.53624 ? 206 DT D N3    1 
ATOM 809 C C4    . DT D 4 6  ? -9.37401  -17.41202 -3.22457  1.000 319.01038 ? 206 DT D C4    1 
ATOM 810 O O4    . DT D 4 6  ? -9.96328  -16.61988 -2.49596  1.000 317.11484 ? 206 DT D O4    1 
ATOM 811 C C5    . DT D 4 6  ? -8.59701  -18.52210 -2.71425  1.000 319.67376 ? 206 DT D C5    1 
ATOM 812 C C7    . DT D 4 6  ? -8.47781  -18.75424 -1.24266  1.000 318.08373 ? 206 DT D C7    1 
ATOM 813 C C6    . DT D 4 6  ? -7.99539  -19.32545 -3.59576  1.000 322.71152 ? 206 DT D C6    1 
ATOM 814 P P     . DG D 4 7  ? -4.05881  -21.44795 -7.54121  1.000 286.30596 ? 207 DG D P     1 
ATOM 815 O OP1   . DG D 4 7  ? -3.64168  -22.82294 -7.92828  1.000 302.15296 ? 207 DG D OP1   1 
ATOM 816 O OP2   . DG D 4 7  ? -3.51359  -20.91045 -6.27230  1.000 275.38704 ? 207 DG D OP2   1 
ATOM 817 O "O5'" . DG D 4 7  ? -3.80913  -20.35790 -8.70462  1.000 277.45335 ? 207 DG D "O5'" 1 
ATOM 818 C "C5'" . DG D 4 7  ? -4.85743  -20.03450 -9.62290  1.000 283.44203 ? 207 DG D "C5'" 1 
ATOM 819 C "C4'" . DG D 4 7  ? -5.07933  -18.53790 -9.69200  1.000 271.87537 ? 207 DG D "C4'" 1 
ATOM 820 O "O4'" . DG D 4 7  ? -5.82271  -18.11277 -8.53909  1.000 264.05039 ? 207 DG D "O4'" 1 
ATOM 821 C "C3'" . DG D 4 7  ? -3.80906  -17.69173 -9.71687  1.000 261.85287 ? 207 DG D "C3'" 1 
ATOM 822 O "O3'" . DG D 4 7  ? -3.79877  -16.88596 -10.86666 1.000 262.68417 ? 207 DG D "O3'" 1 
ATOM 823 C "C2'" . DG D 4 7  ? -3.89948  -16.84623 -8.45226  1.000 246.79677 ? 207 DG D "C2'" 1 
ATOM 824 C "C1'" . DG D 4 7  ? -5.38022  -16.84995 -8.15359  1.000 250.98132 ? 207 DG D "C1'" 1 
ATOM 825 N N9    . DG D 4 7  ? -5.63198  -16.73283 -6.75075  1.000 244.36109 ? 207 DG D N9    1 
ATOM 826 C C8    . DG D 4 7  ? -5.09691  -17.51657 -5.77880  1.000 241.73342 ? 207 DG D C8    1 
ATOM 827 N N7    . DG D 4 7  ? -5.47985  -17.19723 -4.58823  1.000 240.71555 ? 207 DG D N7    1 
ATOM 828 C C5    . DG D 4 7  ? -6.32468  -16.12916 -4.78605  1.000 240.74356 ? 207 DG D C5    1 
ATOM 829 C C6    . DG D 4 7  ? -7.03013  -15.37646 -3.84724  1.000 244.81881 ? 207 DG D C6    1 
ATOM 830 O O6    . DG D 4 7  ? -7.04654  -15.52275 -2.62236  1.000 249.38503 ? 207 DG D O6    1 
ATOM 831 N N1    . DG D 4 7  ? -7.78580  -14.37162 -4.45274  1.000 243.83285 ? 207 DG D N1    1 
ATOM 832 C C2    . DG D 4 7  ? -7.82127  -14.14323 -5.80914  1.000 239.27035 ? 207 DG D C2    1 
ATOM 833 N N2    . DG D 4 7  ? -8.60278  -13.13442 -6.23638  1.000 240.58782 ? 207 DG D N2    1 
ATOM 834 N N3    . DG D 4 7  ? -7.14667  -14.85803 -6.69806  1.000 242.29783 ? 207 DG D N3    1 
ATOM 835 C C4    . DG D 4 7  ? -6.42562  -15.82875 -6.11130  1.000 240.38536 ? 207 DG D C4    1 
ATOM 836 P P     . DT D 4 8  ? -2.47053  -16.78051 -11.76214 1.000 265.00415 ? 208 DT D P     1 
ATOM 837 O OP1   . DT D 4 8  ? -2.68090  -17.56915 -13.00588 1.000 280.12660 ? 208 DT D OP1   1 
ATOM 838 O OP2   . DT D 4 8  ? -1.34266  -17.19571 -10.89339 1.000 258.86081 ? 208 DT D OP2   1 
ATOM 839 O "O5'" . DT D 4 8  ? -2.35673  -15.20100 -12.08220 1.000 254.85278 ? 208 DT D "O5'" 1 
ATOM 840 C "C5'" . DT D 4 8  ? -2.07492  -14.30294 -11.03893 1.000 239.56810 ? 208 DT D "C5'" 1 
ATOM 841 C "C4'" . DT D 4 8  ? -3.34541  -13.86672 -10.39052 1.000 236.61464 ? 208 DT D "C4'" 1 
ATOM 842 O "O4'" . DT D 4 8  ? -3.29657  -14.09077 -8.97231  1.000 230.89320 ? 208 DT D "O4'" 1 
ATOM 843 C "C3'" . DT D 4 8  ? -3.63159  -12.40196 -10.55484 1.000 227.24655 ? 208 DT D "C3'" 1 
ATOM 844 O "O3'" . DT D 4 8  ? -4.68543  -12.25824 -11.44532 1.000 239.52177 ? 208 DT D "O3'" 1 
ATOM 845 C "C2'" . DT D 4 8  ? -4.02102  -11.93840 -9.14904  1.000 220.86738 ? 208 DT D "C2'" 1 
ATOM 846 C "C1'" . DT D 4 8  ? -4.24469  -13.24277 -8.41505  1.000 227.75081 ? 208 DT D "C1'" 1 
ATOM 847 N N1    . DT D 4 8  ? -4.08269  -13.15807 -6.88878  1.000 219.01581 ? 208 DT D N1    1 
ATOM 848 C C2    . DT D 4 8  ? -4.71755  -12.14755 -6.17312  1.000 217.51534 ? 208 DT D C2    1 
ATOM 849 O O2    . DT D 4 8  ? -5.39281  -11.26588 -6.68365  1.000 216.85414 ? 208 DT D O2    1 
ATOM 850 N N3    . DT D 4 8  ? -4.50873  -12.18906 -4.82198  1.000 220.84894 ? 208 DT D N3    1 
ATOM 851 C C4    . DT D 4 8  ? -3.79373  -13.10138 -4.11148  1.000 222.34335 ? 208 DT D C4    1 
ATOM 852 O O4    . DT D 4 8  ? -3.68128  -13.04000 -2.90028  1.000 225.83443 ? 208 DT D O4    1 
ATOM 853 C C5    . DT D 4 8  ? -3.18068  -14.12983 -4.88795  1.000 220.05188 ? 208 DT D C5    1 
ATOM 854 C C7    . DT D 4 8  ? -2.36348  -15.18013 -4.19906  1.000 221.82858 ? 208 DT D C7    1 
ATOM 855 C C6    . DT D 4 8  ? -3.35711  -14.11724 -6.22651  1.000 217.90150 ? 208 DT D C6    1 
# 
loop_
_atom_site_anisotrop.id 
_atom_site_anisotrop.type_symbol 
_atom_site_anisotrop.pdbx_label_atom_id 
_atom_site_anisotrop.pdbx_label_alt_id 
_atom_site_anisotrop.pdbx_label_comp_id 
_atom_site_anisotrop.pdbx_label_asym_id 
_atom_site_anisotrop.pdbx_label_seq_id 
_atom_site_anisotrop.pdbx_PDB_ins_code 
_atom_site_anisotrop.U[1][1] 
_atom_site_anisotrop.U[2][2] 
_atom_site_anisotrop.U[3][3] 
_atom_site_anisotrop.U[1][2] 
_atom_site_anisotrop.U[1][3] 
_atom_site_anisotrop.U[2][3] 
_atom_site_anisotrop.pdbx_auth_seq_id 
_atom_site_anisotrop.pdbx_auth_comp_id 
_atom_site_anisotrop.pdbx_auth_asym_id 
_atom_site_anisotrop.pdbx_auth_atom_id 
1   O "O5'" . DG A 1  ? 9.72216  7.54196 8.57093  -0.74055 0.01862  -0.81899 101 DG A "O5'" 
2   C "C5'" . DG A 1  ? 9.74666  7.51863 8.61601  -0.64180 -0.00688 -0.93082 101 DG A "C5'" 
3   C "C4'" . DG A 1  ? 9.96300  7.60330 8.81175  -0.63312 -0.03739 -0.95073 101 DG A "C4'" 
4   O "O4'" . DG A 1  ? 10.05778 7.63734 8.85506  -0.67729 -0.03386 -0.82208 101 DG A "O4'" 
5   C "C3'" . DG A 1  ? 10.03687 7.57084 8.85374  -0.46174 -0.07269 -0.97418 101 DG A "C3'" 
6   O "O3'" . DG A 1  ? 10.02950 7.57875 8.88964  -0.41180 -0.09027 -1.11340 101 DG A "O3'" 
7   C "C2'" . DG A 1  ? 10.24105 7.64543 9.02256  -0.47565 -0.09491 -0.93592 101 DG A "C2'" 
8   C "C1'" . DG A 1  ? 10.22250 7.66455 8.99154  -0.61547 -0.06594 -0.82897 101 DG A "C1'" 
9   N N9    . DG A 1  ? 5.87400  3.23310 4.57689  -0.57302 -0.06972 -0.68550 101 DG A N9    
10  C C8    . DG A 1  ? 5.91856  3.27020 4.59777  -0.68195 -0.05487 -0.58528 101 DG A C8    
11  N N7    . DG A 1  ? 5.97418  3.24525 4.59831  -0.61425 -0.06315 -0.46746 101 DG A N7    
12  C C5    . DG A 1  ? 5.96986  3.18695 4.57721  -0.44834 -0.08261 -0.48938 101 DG A C5    
13  C C6    . DG A 1  ? 6.01967  3.13970 4.57209  -0.31537 -0.09494 -0.39615 101 DG A C6    
14  O O6    . DG A 1  ? 6.07559  3.13871 4.58829  -0.31884 -0.09302 -0.27533 101 DG A O6    
15  N N1    . DG A 1  ? 6.00338  3.09110 4.54834  -0.16432 -0.11001 -0.45674 101 DG A N1    
16  C C2    . DG A 1  ? 5.94640  3.08961 4.53282  -0.14528 -0.11581 -0.59100 101 DG A C2    
17  N N2    . DG A 1  ? 5.94596  3.04286 4.51092  0.01192  -0.13140 -0.63156 101 DG A N2    
18  N N3    . DG A 1  ? 5.89721  3.13230 4.54127  -0.26969 -0.10622 -0.68022 101 DG A N3    
19  C C4    . DG A 1  ? 5.91261  3.17957 4.56394  -0.41912 -0.08827 -0.62265 101 DG A C4    
20  P P     . DA A 2  ? 9.65535  7.10655 8.47673  -0.21926 -0.12655 -1.14881 102 DA A P     
21  O OP1   . DA A 2  ? 9.85594  7.16809 8.64747  -0.19856 -0.16075 -1.15296 102 DA A OP1   
22  O OP2   . DA A 2  ? 9.55906  7.07667 8.42712  -0.17211 -0.13238 -1.27318 102 DA A OP2   
23  O "O5'" . DA A 2  ? 9.55561  7.00221 8.31788  -0.11314 -0.10885 -1.01358 102 DA A "O5'" 
24  C "C5'" . DA A 2  ? 9.45682  6.89450 8.19793  0.04877  -0.11466 -1.03369 102 DA A "C5'" 
25  C "C4'" . DA A 2  ? 9.41419  6.81724 8.09832  0.14712  -0.09820 -0.89054 102 DA A "C4'" 
26  O "O4'" . DA A 2  ? 9.49773  6.82629 8.14508  0.09543  -0.10079 -0.78475 102 DA A "O4'" 
27  C "C3'" . DA A 2  ? 9.23415  6.76468 7.94683  0.11382  -0.05743 -0.82472 102 DA A "C3'" 
28  O "O3'" . DA A 2  ? 9.13401  6.70038 7.85359  0.23289  -0.04967 -0.86467 102 DA A "O3'" 
29  C "C2'" . DA A 2  ? 9.28333  6.76476 7.95020  0.13764  -0.04563 -0.66531 102 DA A "C2'" 
30  C "C1'" . DA A 2  ? 9.40687  6.79001 8.04633  0.07155  -0.06927 -0.65124 102 DA A "C1'" 
31  N N9    . DA A 2  ? 5.69776  3.14235 4.36496  -0.10725 -0.05584 -0.62549 102 DA A N9    
32  C C8    . DA A 2  ? 5.66755  3.18683 4.38721  -0.23827 -0.05170 -0.72472 102 DA A C8    
33  N N7    . DA A 2  ? 5.68362  3.23319 4.40907  -0.38543 -0.03774 -0.67370 102 DA A N7    
34  C C5    . DA A 2  ? 5.72722  3.21876 4.40194  -0.35004 -0.03618 -0.53185 102 DA A C5    
35  C C6    . DA A 2  ? 5.76753  3.25240 4.41890  -0.45135 -0.02645 -0.41981 102 DA A C6    
36  N N6    . DA A 2  ? 5.77209  3.31048 4.44279  -0.61345 -0.01335 -0.43292 102 DA A N6    
37  N N1    . DA A 2  ? 5.80664  3.22562 4.41275  -0.37734 -0.02966 -0.29241 102 DA A N1    
38  C C2    . DA A 2  ? 5.80685  3.16850 4.39092  -0.21349 -0.03795 -0.27447 102 DA A C2    
39  N N3    . DA A 2  ? 5.77660  3.13295 4.37107  -0.10179 -0.04581 -0.36912 102 DA A N3    
40  C C4    . DA A 2  ? 5.73671  3.16150 4.37787  -0.17932 -0.04656 -0.49916 102 DA A C4    
41  P P     . DG A 3  ? 6.01165  3.72990 4.78210  0.18914  -0.00806 -0.83571 103 DG A P     
42  O OP1   . DG A 3  ? 5.89479  3.65917 4.68771  0.29275  -0.00322 -0.92425 103 DG A OP1   
43  O OP2   . DG A 3  ? 5.96433  3.76110 4.77854  -0.00174 0.00063  -0.85860 103 DG A OP2   
44  O "O5'" . DG A 3  ? 6.01094  3.70938 4.74811  0.23750  0.01347  -0.66738 103 DG A "O5'" 
45  C "C5'" . DG A 3  ? 6.06773  3.67069 4.75348  0.41302  0.01134  -0.60509 103 DG A "C5'" 
46  C "C4'" . DG A 3  ? 6.11378  3.69356 4.77884  0.41387  0.02795  -0.44363 103 DG A "C4'" 
47  O "O4'" . DG A 3  ? 6.21916  3.75674 4.86789  0.29265  0.01124  -0.40838 103 DG A "O4'" 
48  C "C3'" . DG A 3  ? 5.95638  3.66901 4.67499  0.35887  0.06446  -0.37449 103 DG A "C3'" 
49  O "O3'" . DG A 3  ? 5.86836  3.56666 4.58158  0.50543  0.08752  -0.29060 103 DG A "O3'" 
50  C "C2'" . DG A 3  ? 5.98045  3.71098 4.70064  0.21358  0.06422  -0.28427 103 DG A "C2'" 
51  C "C1'" . DG A 3  ? 6.14815  3.75583 4.81792  0.19212  0.03181  -0.30105 103 DG A "C1'" 
52  N N9    . DG A 3  ? 6.16955  3.82020 4.85739  0.01732  0.02535  -0.33943 103 DG A N9    
53  C C8    . DG A 3  ? 6.12160  3.82468 4.84342  -0.06801 0.02008  -0.47081 103 DG A C8    
54  N N7    . DG A 3  ? 6.16144  3.88968 4.89192  -0.22284 0.02015  -0.47003 103 DG A N7    
55  C C5    . DG A 3  ? 6.23615  3.92883 4.93337  -0.24079 0.02331  -0.32890 103 DG A C5    
56  C C6    . DG A 3  ? 6.30237  3.99708 4.98590  -0.37862 0.02465  -0.26097 103 DG A C6    
57  O O6    . DG A 3  ? 6.31973  4.04891 5.01703  -0.51758 0.02715  -0.31210 103 DG A O6    
58  N N1    . DG A 3  ? 6.34026  3.99139 4.99131  -0.34251 0.02497  -0.11648 103 DG A N1    
59  C C2    . DG A 3  ? 6.31362  3.92235 4.95169  -0.19249 0.02674  -0.04631 103 DG A C2    
60  N N2    . DG A 3  ? 6.32441  3.89534 4.93903  -0.18182 0.02728  0.09399  103 DG A N2    
61  N N3    . DG A 3  ? 6.26574  3.86920 4.91383  -0.06162 0.02937  -0.10747 103 DG A N3    
62  C C4    . DG A 3  ? 6.23241  3.87914 4.90760  -0.09459 0.02600  -0.24836 103 DG A C4    
63  P P     . DC A 4  ? 6.42721  4.03684 5.10415  0.57291  0.09280  -0.13036 104 DC A P     
64  O OP1   . DC A 4  ? 6.66312  4.14573 5.28055  0.55937  0.06123  -0.11769 104 DC A OP1   
65  O OP2   . DC A 4  ? 6.30285  3.89260 4.97854  0.74240  0.11793  -0.08771 104 DC A OP2   
66  O "O5'" . DC A 4  ? 6.29825  4.01289 5.02397  0.44140  0.11056  -0.03294 104 DC A "O5'" 
67  C "C5'" . DC A 4  ? 6.26491  3.92386 4.97162  0.44243  0.10984  0.10738  104 DC A "C5'" 
68  C "C4'" . DC A 4  ? 6.13323  3.89962 4.88345  0.29147  0.11743  0.16822  104 DC A "C4'" 
69  O "O4'" . DC A 4  ? 6.25346  4.02692 4.98687  0.13868  0.09660  0.11437  104 DC A "O4'" 
70  C "C3'" . DC A 4  ? 5.95578  3.86869 4.77548  0.26067  0.14382  0.13177  104 DC A "C3'" 
71  O "O3'" . DC A 4  ? 5.76706  3.72710 4.62741  0.27950  0.16309  0.25508  104 DC A "O3'" 
72  C "C2'" . DC A 4  ? 5.96505  3.96313 4.79970  0.07911  0.13537  0.05609  104 DC A "C2'" 
73  C "C1'" . DC A 4  ? 6.14570  4.05211 4.92653  0.00506  0.10924  0.10495  104 DC A "C1'" 
74  N N1    . DC A 4  ? 6.27334  4.20281 5.04592  -0.13884 0.09629  0.00433  104 DC A N1    
75  C C2    . DC A 4  ? 6.40387  4.32120 5.15184  -0.27669 0.08455  0.05377  104 DC A C2    
76  O O2    . DC A 4  ? 6.46069  4.34828 5.19154  -0.28245 0.08069  0.17950  104 DC A O2    
77  N N3    . DC A 4  ? 6.51220  4.45244 5.25836  -0.40305 0.07926  -0.03916 104 DC A N3    
78  C C4    . DC A 4  ? 6.45217  4.42694 5.22466  -0.39697 0.08263  -0.17453 104 DC A C4    
79  N N4    . DC A 4  ? 6.57169  4.56595 5.34899  -0.52289 0.07963  -0.26036 104 DC A N4    
80  C C5    . DC A 4  ? 6.34734  4.33702 5.14413  -0.26013 0.09057  -0.22710 104 DC A C5    
81  C C6    . DC A 4  ? 6.27514  4.24123 5.06848  -0.13566 0.09838  -0.13472 104 DC A C6    
82  P P     . DA A 5  ? 5.41047  3.26609 4.24613  0.36664  0.16043  0.40602  105 DA A P     
83  O OP1   . DA A 5  ? 5.48421  3.21067 4.27167  0.53446  0.16077  0.40083  105 DA A OP1   
84  O OP2   . DA A 5  ? 5.18232  3.12850 4.08643  0.36351  0.18248  0.50020  105 DA A OP2   
85  O "O5'" . DA A 5  ? 5.52120  3.33795 4.31775  0.22967  0.13177  0.45449  105 DA A "O5'" 
86  C "C5'" . DA A 5  ? 5.49533  3.25485 4.28191  0.24006  0.12535  0.59864  105 DA A "C5'" 
87  C "C4'" . DA A 5  ? 5.42056  3.26372 4.22865  0.07763  0.11577  0.65516  105 DA A "C4'" 
88  O "O4'" . DA A 5  ? 5.52219  3.43068 4.32165  -0.06027 0.10838  0.54205  105 DA A "O4'" 
89  C "C3'" . DA A 5  ? 5.19545  3.15193 4.07818  0.06879  0.13384  0.72155  105 DA A "C3'" 
90  O "O3'" . DA A 5  ? 5.12727  3.09275 4.01243  -0.01974 0.11741  0.83699  105 DA A "O3'" 
91  C "C2'" . DA A 5  ? 5.18984  3.27126 4.10361  -0.02603 0.14344  0.60279  105 DA A "C2'" 
92  C "C1'" . DA A 5  ? 5.38624  3.43431 4.24139  -0.14806 0.12132  0.53547  105 DA A "C1'" 
93  N N9    . DA A 5  ? 5.46057  3.58079 4.32588  -0.21442 0.12879  0.39008  105 DA A N9    
94  C C8    . DA A 5  ? 5.46455  3.60138 4.35000  -0.12774 0.14362  0.28743  105 DA A C8    
95  N N7    . DA A 5  ? 5.52005  3.72624 4.41644  -0.21934 0.14686  0.16803  105 DA A N7    
96  C C5    . DA A 5  ? 5.55918  3.79530 4.43873  -0.37708 0.13616  0.19464  105 DA A C5    
97  C C6    . DA A 5  ? 5.60949  3.91351 4.48875  -0.52977 0.13747  0.11171  105 DA A C6    
98  N N6    . DA A 5  ? 5.61084  3.96968 4.51604  -0.54713 0.14940  -0.02021 105 DA A N6    
99  N N1    . DA A 5  ? 5.64379  3.95604 4.49499  -0.66252 0.12746  0.17185  105 DA A N1    
100 C C2    . DA A 5  ? 5.62232  3.87937 4.45040  -0.64135 0.11349  0.30549  105 DA A C2    
101 N N3    . DA A 5  ? 5.55631  3.74942 4.38904  -0.50546 0.11021  0.39311  105 DA A N3    
102 C C4    . DA A 5  ? 5.53093  3.71345 4.38775  -0.37622 0.12332  0.33048  105 DA A C4    
103 P P     . DG A 6  ? 5.34104  3.40863 4.30449  -0.03596 0.12664  0.93181  106 DG A P     
104 O OP1   . DG A 6  ? 5.28915  3.27766 4.24520  -0.00202 0.11233  1.07636  106 DG A OP1   
105 O OP2   . DG A 6  ? 5.20221  3.34125 4.22988  0.05596  0.15821  0.88055  106 DG A OP2   
106 O "O5'" . DG A 6  ? 5.36762  3.53969 4.32977  -0.22627 0.11156  0.90198  106 DG A "O5'" 
107 C "C5'" . DG A 6  ? 5.49330  3.62544 4.40136  -0.34080 0.08324  0.95806  106 DG A "C5'" 
108 C "C4'" . DG A 6  ? 5.53315  3.76528 4.43166  -0.51283 0.07644  0.90010  106 DG A "C4'" 
109 O "O4'" . DG A 6  ? 5.63690  3.89035 4.51816  -0.54229 0.08991  0.75162  106 DG A "O4'" 
110 C "C3'" . DG A 6  ? 5.34382  3.70854 4.31139  -0.55815 0.08321  0.92289  106 DG A "C3'" 
111 O "O3'" . DG A 6  ? 5.38065  3.79841 4.31890  -0.72139 0.06313  0.94481  106 DG A "O3'" 
112 C "C2'" . DG A 6  ? 5.32547  3.76202 4.32555  -0.53644 0.11072  0.78968  106 DG A "C2'" 
113 C "C1'" . DG A 6  ? 5.53324  3.91861 4.46358  -0.60421 0.10553  0.69032  106 DG A "C1'" 
114 N N9    . DG A 6  ? 5.57319  3.98219 4.51897  -0.55849 0.12690  0.55528  106 DG A N9    
115 C C8    . DG A 6  ? 5.56369  3.92280 4.52514  -0.40622 0.14035  0.52371  106 DG A C8    
116 N N7    . DG A 6  ? 5.60979  4.00930 4.58409  -0.39894 0.15557  0.39592  106 DG A N7    
117 C C5    . DG A 6  ? 5.64098  4.12149 4.61095  -0.55755 0.15457  0.33858  106 DG A C5    
118 C C6    . DG A 6  ? 5.67148  4.22241 4.65519  -0.62317 0.16864  0.20377  106 DG A C6    
119 O O6    . DG A 6  ? 5.67617  4.23115 4.67893  -0.55199 0.18136  0.10486  106 DG A O6    
120 N N1    . DG A 6  ? 5.68623  4.30308 4.65665  -0.78788 0.16664  0.18846  106 DG A N1    
121 C C2    . DG A 6  ? 5.68334  4.29912 4.62594  -0.87606 0.15051  0.29104  106 DG A C2    
122 N N2    . DG A 6  ? 5.70963  4.39125 4.63448  -1.03095 0.15277  0.25710  106 DG A N2    
123 N N3    . DG A 6  ? 5.65203  4.20354 4.58319  -0.81568 0.13348  0.41859  106 DG A N3    
124 C C4    . DG A 6  ? 5.62500  4.11202 4.57378  -0.65710 0.13785  0.43498  106 DG A C4    
125 P P     . DC A 7  ? 5.05564  3.61886 4.04597  -0.81231 0.06677  0.93185  107 DC A P     
126 O OP1   . DC A 7  ? 5.12510  3.70486 4.06146  -0.96459 0.04149  0.96972  107 DC A OP1   
127 O OP2   . DC A 7  ? 4.84918  3.45226 3.92793  -0.70627 0.07446  1.00521  107 DC A OP2   
128 O "O5'" . DC A 7  ? 5.06431  3.69497 4.06177  -0.84357 0.09439  0.77367  107 DC A "O5'" 
129 C "C5'" . DC A 7  ? 5.23673  3.86413 4.17092  -0.96465 0.09418  0.68315  107 DC A "C5'" 
130 C "C4'" . DC A 7  ? 5.17699  3.92639 4.14480  -1.03909 0.11584  0.57759  107 DC A "C4'" 
131 O "O4'" . DC A 7  ? 5.17392  3.92886 4.17289  -0.95446 0.14099  0.46829  107 DC A "O4'" 
132 C "C3'" . DC A 7  ? 4.97904  3.83450 4.01618  -1.04010 0.11852  0.62519  107 DC A "C3'" 
133 O "O3'" . DC A 7  ? 4.97576  3.92981 4.00859  -1.17289 0.12573  0.56050  107 DC A "O3'" 
134 C "C2'" . DC A 7  ? 4.85769  3.73212 3.96949  -0.89126 0.14416  0.59133  107 DC A "C2'" 
135 C "C1'" . DC A 7  ? 5.00530  3.83964 4.08527  -0.87311 0.15972  0.46739  107 DC A "C1'" 
136 N N1    . DC A 7  ? 4.98975  3.76156 4.09284  -0.70717 0.17312  0.44872  107 DC A N1    
137 C C2    . DC A 7  ? 5.01123  3.81376 4.13617  -0.66503 0.19644  0.32446  107 DC A C2    
138 O O2    . DC A 7  ? 5.02463  3.91122 4.15920  -0.76432 0.20770  0.23644  107 DC A O2    
139 N N3    . DC A 7  ? 5.00289  3.74476 4.14044  -0.51108 0.20706  0.30817  107 DC A N3    
140 C C4    . DC A 7  ? 4.97154  3.62221 4.09936  -0.40293 0.19807  0.41083  107 DC A C4    
141 N N4    . DC A 7  ? 4.96142  3.54637 4.09241  -0.24965 0.21034  0.39086  107 DC A N4    
142 C C5    . DC A 7  ? 4.93705  3.55753 4.04953  -0.44584 0.17615  0.53900  107 DC A C5    
143 C C6    . DC A 7  ? 4.95015  3.63367 4.05053  -0.59784 0.16274  0.55253  107 DC A C6    
144 P P     . DC A 8  ? 4.62167  3.59490 3.60150  -1.31707 0.09885  0.63051  108 DC A P     
145 O OP1   . DC A 8  ? 4.73494  3.59918 3.66804  -1.28978 0.06997  0.74256  108 DC A OP1   
146 O OP2   . DC A 8  ? 4.42347  3.50988 3.46240  -1.34876 0.09747  0.65542  108 DC A OP2   
147 O "O5'" . DC A 8  ? 4.77407  3.76236 3.69109  -1.45109 0.11332  0.51903  108 DC A "O5'" 
148 C "C5'" . DC A 8  ? 4.69806  3.79760 3.62671  -1.55677 0.12751  0.45635  108 DC A "C5'" 
149 C "C4'" . DC A 8  ? 4.74680  3.87229 3.67025  -1.60182 0.16003  0.31155  108 DC A "C4'" 
150 O "O4'" . DC A 8  ? 4.82390  3.87462 3.75880  -1.49485 0.16877  0.26458  108 DC A "O4'" 
151 C "C3'" . DC A 8  ? 4.56841  3.81566 3.56155  -1.60773 0.18736  0.22852  108 DC A "C3'" 
152 O "O3'" . DC A 8  ? 4.51469  3.83729 3.48084  -1.74612 0.18810  0.22116  108 DC A "O3'" 
153 C "C2'" . DC A 8  ? 4.62519  3.85866 3.62487  -1.59129 0.21485  0.09882  108 DC A "C2'" 
154 C "C1'" . DC A 8  ? 4.76156  3.87299 3.74108  -1.48360 0.19962  0.13571  108 DC A "C1'" 
155 N N1    . DC A 8  ? 4.66593  3.77315 3.71101  -1.32608 0.20635  0.13593  108 DC A N1    
156 C C2    . DC A 8  ? 4.60627  3.75855 3.70145  -1.27414 0.23334  0.02098  108 DC A C2    
157 O O2    . DC A 8  ? 4.61121  3.80999 3.70092  -1.36586 0.25125  -0.08225 108 DC A O2    
158 N N3    . DC A 8  ? 4.53018  3.67139 3.67829  -1.12215 0.24038  0.02758  108 DC A N3    
159 C C4    . DC A 8  ? 4.50739  3.59611 3.66205  -1.02898 0.22434  0.14216  108 DC A C4    
160 N N4    . DC A 8  ? 4.43565  3.50920 3.63918  -0.87745 0.23588  0.14894  108 DC A N4    
161 C C5    . DC A 8  ? 4.54950  3.59534 3.66040  -1.08395 0.19681  0.25678  108 DC A C5    
162 C C6    . DC A 8  ? 4.63200  3.68813 3.68781  -1.22956 0.18734  0.24991  108 DC A C6    
163 P P     . DT A 9  ? 4.97426  4.42241 4.01261  -1.75176 0.19467  0.22400  109 DT A P     
164 O OP1   . DT A 9  ? 4.96532  4.46629 3.94923  -1.90615 0.19142  0.21599  109 DT A OP1   
165 O OP2   . DT A 9  ? 4.89312  4.32724 3.98568  -1.63836 0.17234  0.33449  109 DT A OP2   
166 O "O5'" . DT A 9  ? 4.86802  4.37885 3.97927  -1.69373 0.23471  0.09801  109 DT A "O5'" 
167 C "C5'" . DT A 9  ? 4.90922  4.43554 3.99401  -1.77449 0.26220  -0.02397 109 DT A "C5'" 
168 C "C4'" . DT A 9  ? 4.86048  4.39467 4.00620  -1.67503 0.28900  -0.12311 109 DT A "C4'" 
169 O "O4'" . DT A 9  ? 4.90699  4.36785 4.07560  -1.52679 0.27510  -0.06681 109 DT A "O4'" 
170 C "C3'" . DT A 9  ? 4.62100  4.27271 3.85220  -1.65038 0.31680  -0.18572 109 DT A "C3'" 
171 O "O3'" . DT A 9  ? 4.58607  4.29425 3.81035  -1.75338 0.34415  -0.29650 109 DT A "O3'" 
172 C "C2'" . DT A 9  ? 4.58206  4.20619 3.87118  -1.49196 0.32720  -0.21652 109 DT A "C2'" 
173 C "C1'" . DT A 9  ? 4.79718  4.29062 4.03227  -1.42889 0.30021  -0.15072 109 DT A "C1'" 
174 N N1    . DT A 9  ? 4.76118  4.22124 4.03951  -1.27780 0.29239  -0.07684 109 DT A N1    
175 C C2    . DT A 9  ? 4.67124  4.15628 4.01362  -1.16015 0.31538  -0.13635 109 DT A C2    
176 O O2    . DT A 9  ? 4.60256  4.13707 3.96924  -1.17547 0.33942  -0.25079 109 DT A O2    
177 N N3    . DT A 9  ? 4.64875  4.09510 4.02538  -1.02063 0.31052  -0.05681 109 DT A N3    
178 C C4    . DT A 9  ? 4.68763  4.07580 4.04793  -0.98828 0.28505  0.07440  109 DT A C4    
179 O O4    . DT A 9  ? 4.64629  4.00035 4.04440  -0.85670 0.28640  0.13992  109 DT A O4    
180 C C5    . DT A 9  ? 4.76165  4.13062 4.05767  -1.11851 0.25855  0.12980  109 DT A C5    
181 C C7    . DT A 9  ? 4.77628  4.08523 4.05311  -1.09730 0.22774  0.27161  109 DT A C7    
182 C C6    . DT A 9  ? 4.80233  4.20721 4.05796  -1.25477 0.26389  0.05245  109 DT A C6    
183 P P     . DG A 10 ? 4.13060  3.93052 3.33787  -1.89790 0.35284  -0.30405 110 DG A P     
184 O OP1   . DG A 10 ? 3.99783  3.87221 3.24364  -1.93992 0.39269  -0.43715 110 DG A OP1   
185 O OP2   . DG A 10 ? 4.33559  4.06570 3.44291  -1.99997 0.33057  -0.24666 110 DG A OP2   
186 O "O5'" . DG A 10 ? 3.94644  3.81310 3.21389  -1.84601 0.33886  -0.21641 110 DG A "O5'" 
187 C "C5'" . DG A 10 ? 3.71006  3.69450 3.05557  -1.84790 0.36491  -0.27048 110 DG A "C5'" 
188 C "C4'" . DG A 10 ? 3.58434  3.58595 3.00187  -1.73873 0.39458  -0.35621 110 DG A "C4'" 
189 O "O4'" . DG A 10 ? 3.69425  3.59623 3.10542  -1.61543 0.37689  -0.30565 110 DG A "O4'" 
190 C "C3'" . DG A 10 ? 3.45299  3.55673 2.97393  -1.67222 0.41594  -0.37094 110 DG A "C3'" 
191 O "O3'" . DG A 10 ? 3.37784  3.54412 2.94166  -1.67789 0.45429  -0.49640 110 DG A "O3'" 
192 C "C2'" . DG A 10 ? 3.42478  3.47748 2.99230  -1.50845 0.40577  -0.30110 110 DG A "C2'" 
193 C "C1'" . DG A 10 ? 3.53049  3.45875 3.02581  -1.47668 0.38726  -0.28966 110 DG A "C1'" 
194 N N9    . DG A 10 ? 3.63899  3.49188 3.12884  -1.38506 0.35872  -0.16813 110 DG A N9    
195 C C8    . DG A 10 ? 3.79340  3.58202 3.22104  -1.42992 0.32309  -0.06510 110 DG A C8    
196 N N7    . DG A 10 ? 3.84575  3.57694 3.29479  -1.31684 0.30612  0.03242  110 DG A N7    
197 C C5    . DG A 10 ? 3.73229  3.49313 3.26010  -1.19073 0.33429  -0.00915 110 DG A C5    
198 C C6    . DG A 10 ? 3.72261  3.44619 3.30422  -1.03351 0.33761  0.05480  110 DG A C6    
199 O O6    . DG A 10 ? 3.80505  3.46040 3.38142  -0.96908 0.31600  0.16437  110 DG A O6    
200 N N1    . DG A 10 ? 3.58232  3.35438 3.23057  -0.94407 0.37319  -0.02265 110 DG A N1    
201 C C2    . DG A 10 ? 3.44888  3.29757 3.11345  -1.00158 0.39951  -0.14457 110 DG A C2    
202 N N2    . DG A 10 ? 3.29534  3.18191 3.02591  -0.89807 0.43144  -0.20352 110 DG A N2    
203 N N3    . DG A 10 ? 3.44807  3.33287 3.06829  -1.14791 0.39715  -0.20415 110 DG A N3    
204 C C4    . DG A 10 ? 3.60206  3.43840 3.15346  -1.23439 0.36481  -0.13081 110 DG A C4    
205 P P     . DT A 11 ? 3.65515  3.94089 3.24426  -1.79702 0.48168  -0.56642 111 DT A P     
206 O OP1   . DT A 11 ? 3.65199  3.96241 3.25872  -1.81238 0.51679  -0.69932 111 DT A OP1   
207 O OP2   . DT A 11 ? 3.76324  4.03595 3.27118  -1.92900 0.45808  -0.50987 111 DT A OP2   
208 O "O5'" . DT A 11 ? 3.40244  3.78137 3.09708  -1.72002 0.49295  -0.53537 111 DT A "O5'" 
209 C "C5'" . DT A 11 ? 3.34234  3.68856 3.08365  -1.58638 0.47710  -0.44369 111 DT A "C5'" 
210 C "C4'" . DT A 11 ? 3.20624  3.56577 3.02258  -1.45097 0.50687  -0.49977 111 DT A "C4'" 
211 O "O4'" . DT A 11 ? 3.32392  3.58495 3.13283  -1.31745 0.48896  -0.42900 111 DT A "O4'" 
212 C "C3'" . DT A 11 ? 2.97574  3.43694 2.89879  -1.39976 0.53057  -0.49494 111 DT A "C3'" 
213 O "O3'" . DT A 11 ? 2.88402  3.36990 2.86433  -1.30613 0.56535  -0.57745 111 DT A "O3'" 
214 C "C2'" . DT A 11 ? 3.02182  3.43590 2.96923  -1.30503 0.50462  -0.36240 111 DT A "C2'" 
215 C "C1'" . DT A 11 ? 3.20853  3.50073 3.09973  -1.21556 0.49222  -0.35060 111 DT A "C1'" 
216 N N1    . DT A 11 ? 3.39764  3.59893 3.25306  -1.17345 0.45425  -0.22056 111 DT A N1    
217 C C2    . DT A 11 ? 3.40265  3.55206 3.30214  -1.01728 0.45600  -0.15198 111 DT A C2    
218 O O2    . DT A 11 ? 3.25700  3.42947 3.22160  -0.90558 0.48732  -0.18868 111 DT A O2    
219 N N3    . DT A 11 ? 3.57099  3.63786 3.43352  -0.99659 0.42088  -0.03549 111 DT A N3    
220 C C4    . DT A 11 ? 3.71531  3.74696 3.50273  -1.10882 0.38402  0.01740  111 DT A C4    
221 O O4    . DT A 11 ? 3.83341  3.79052 3.59479  -1.07808 0.35409  0.12287  111 DT A O4    
222 C C5    . DT A 11 ? 3.70403  3.78998 3.44351  -1.26508 0.38460  -0.05801 111 DT A C5    
223 C C7    . DT A 11 ? 3.84649  3.89570 3.49614  -1.39305 0.34804  -0.00663 111 DT A C7    
224 C C6    . DT A 11 ? 3.55258  3.71956 3.32879  -1.29013 0.42008  -0.17164 111 DT A C6    
225 P P     . DA A 12 ? 2.95049  3.55101 3.04902  -1.25309 0.60184  -0.60104 112 DA A P     
226 O OP1   . DA A 12 ? 2.84003  3.46838 2.97422  -1.19688 0.63852  -0.71501 112 DA A OP1   
227 O OP2   . DA A 12 ? 2.91111  3.59271 3.02354  -1.37490 0.59507  -0.57408 112 DA A OP2   
228 O "O5'" . DA A 12 ? 2.93035  3.49013 3.08532  -1.09318 0.59718  -0.49867 112 DA A "O5'" 
229 C "C5'" . DA A 12 ? 2.86666  3.41195 3.07200  -0.94299 0.62577  -0.53102 112 DA A "C5'" 
230 C "C4'" . DA A 12 ? 2.72205  3.30287 3.02763  -0.83454 0.64073  -0.44819 112 DA A "C4'" 
231 O "O4'" . DA A 12 ? 2.86541  3.37180 3.14734  -0.80746 0.60501  -0.31863 112 DA A "O4'" 
232 C "C3'" . DA A 12 ? 2.53572  3.24459 2.92663  -0.90748 0.65893  -0.45688 112 DA A "C3'" 
233 O "O3'" . DA A 12 ? 2.39512  3.16052 2.90111  -0.78604 0.69846  -0.45122 112 DA A "O3'" 
234 C "C2'" . DA A 12 ? 2.63684  3.33576 3.00816  -0.98736 0.61744  -0.34990 112 DA A "C2'" 
235 C "C1'" . DA A 12 ? 2.82243  3.39771 3.15163  -0.88550 0.59116  -0.25310 112 DA A "C1'" 
236 N N9    . DA A 12 ? 3.03924  3.55217 3.28412  -0.97586 0.54167  -0.17754 112 DA A N9    
237 C C8    . DA A 12 ? 3.08230  3.61809 3.25746  -1.13716 0.51923  -0.20550 112 DA A C8    
238 N N7    . DA A 12 ? 3.27283  3.73978 3.37826  -1.18592 0.47589  -0.12089 112 DA A N7    
239 C C5    . DA A 12 ? 3.35615  3.75156 3.49168  -1.04935 0.46865  -0.02968 112 DA A C5    
240 C C6    . DA A 12 ? 3.53067  3.83480 3.62698  -1.02208 0.43038  0.08544  112 DA A C6    
241 N N6    . DA A 12 ? 3.65685  3.92629 3.67032  -1.13546 0.38918  0.12918  112 DA A N6    
242 N N1    . DA A 12 ? 3.55893  3.80650 3.70327  -0.87183 0.43802  0.15512  112 DA A N1    
243 C C2    . DA A 12 ? 3.43324  3.71133 3.65488  -0.75440 0.48140  0.11294  112 DA A C2    
244 N N3    . DA A 12 ? 3.25842  3.62086 3.52269  -0.76308 0.51890  0.00719  112 DA A N3    
245 C C4    . DA A 12 ? 3.22309  3.64329 3.44317  -0.91636 0.50993  -0.06143 112 DA A C4    
246 P P     . DC A 13 ? 2.47840  3.17020 3.02556  -0.59460 0.71029  -0.37221 113 DC A P     
247 O OP1   . DC A 13 ? 2.56930  3.17934 3.05574  -0.50329 0.71901  -0.43251 113 DC A OP1   
248 O OP2   . DC A 13 ? 2.27201  3.06083 2.94881  -0.53805 0.74991  -0.36458 113 DC A OP2   
249 O "O5'" . DC A 13 ? 2.62625  3.25157 3.15314  -0.59863 0.66740  -0.23198 113 DC A "O5'" 
250 C "C5'" . DC A 13 ? 2.74140  3.25611 3.25386  -0.46141 0.65894  -0.14088 113 DC A "C5'" 
251 C "C4'" . DC A 13 ? 2.71061  3.25317 3.33771  -0.37600 0.67179  -0.03437 113 DC A "C4'" 
252 O "O4'" . DC A 13 ? 2.89570  3.41357 3.51043  -0.44256 0.62665  0.07156  113 DC A "O4'" 
253 C "C3'" . DC A 13 ? 2.48048  3.15682 3.22386  -0.40402 0.70491  -0.07077 113 DC A "C3'" 
254 O "O3'" . DC A 13 ? 2.41691  3.10531 3.27537  -0.27003 0.73638  0.00111  113 DC A "O3'" 
255 C "C2'" . DC A 13 ? 2.53079  3.26059 3.26698  -0.56315 0.66514  -0.04029 113 DC A "C2'" 
256 C "C1'" . DC A 13 ? 2.78410  3.41250 3.47186  -0.54299 0.62167  0.07744  113 DC A "C1'" 
257 N N1    . DC A 13 ? 2.91167  3.53399 3.51421  -0.69848 0.57227  0.08808  113 DC A N1    
258 C C2    . DC A 13 ? 3.09836  3.65136 3.66883  -0.70910 0.52753  0.20033  113 DC A C2    
259 O O2    . DC A 13 ? 3.15068  3.64717 3.76848  -0.58647 0.53101  0.29007  113 DC A O2    
260 N N3    . DC A 13 ? 3.20588  3.75236 3.69196  -0.85260 0.48287  0.20893  113 DC A N3    
261 C C4    . DC A 13 ? 3.14502  3.74880 3.57956  -0.98007 0.48498  0.11099  113 DC A C4    
262 N N4    . DC A 13 ? 3.25997  3.84922 3.60435  -1.11686 0.44329  0.12411  113 DC A N4    
263 C C5    . DC A 13 ? 2.95127  3.62798 3.42357  -0.97224 0.53169  -0.00401 113 DC A C5    
264 C C6    . DC A 13 ? 2.83415  3.51873 3.39050  -0.83078 0.57254  -0.01093 113 DC A C6    
265 P P     . DG A 14 ? 2.19214  2.93912 3.14034  -0.15676 0.80050  -0.06377 114 DG A P     
266 O OP1   . DG A 14 ? 2.17328  2.91648 3.04677  -0.16917 0.81523  -0.19237 114 DG A OP1   
267 O OP2   . DG A 14 ? 2.08271  2.95626 3.15465  -0.21045 0.81869  -0.06154 114 DG A OP2   
268 O "O5'" . DG A 14 ? 2.21725  2.86931 3.19864  0.03185  0.82087  0.03475  114 DG A "O5'" 
269 C "C5'" . DG A 14 ? 2.14306  2.82368 3.25177  0.09916  0.83777  0.13898  114 DG A "C5'" 
270 C "C4'" . DG A 14 ? 2.36545  2.93475 3.45410  0.17591  0.81428  0.26492  114 DG A "C4'" 
271 O "O4'" . DG A 14 ? 2.58792  3.12367 3.58552  0.04377  0.75189  0.29056  114 DG A "O4'" 
272 C "C3'" . DG A 14 ? 2.33424  2.93828 3.56755  0.23247  0.82859  0.37701  114 DG A "C3'" 
273 O "O3'" . DG A 14 ? 2.46650  2.95734 3.69072  0.34349  0.82267  0.49000  114 DG A "O3'" 
274 C "C2'" . DG A 14 ? 2.42048  3.09899 3.66493  0.06035  0.77983  0.38644  114 DG A "C2'" 
275 C "C1'" . DG A 14 ? 2.62279  3.21780 3.70746  -0.02370 0.72842  0.37093  114 DG A "C1'" 
276 N N9    . DG A 14 ? 2.64490  3.30765 3.68263  -0.20288 0.69100  0.31495  114 DG A N9    
277 C C8    . DG A 14 ? 2.49726  3.26047 3.54568  -0.29055 0.70823  0.20549  114 DG A C8    
278 N N7    . DG A 14 ? 2.56568  3.36676 3.55964  -0.44955 0.66776  0.18137  114 DG A N7    
279 C C5    . DG A 14 ? 2.75553  3.47810 3.70202  -0.46651 0.61944  0.28282  114 DG A C5    
280 C C6    . DG A 14 ? 2.88459  3.59985 3.75660  -0.60735 0.56315  0.30940  114 DG A C6    
281 O O6    . DG A 14 ? 2.87449  3.65116 3.70369  -0.74894 0.54581  0.24649  114 DG A O6    
282 N N1    . DG A 14 ? 3.02484  3.64704 3.87044  -0.56945 0.52681  0.42400  114 DG A N1    
283 C C2    . DG A 14 ? 3.04106  3.58581 3.92818  -0.41347 0.54565  0.50139  114 DG A C2    
284 N N2    . DG A 14 ? 3.15492  3.61494 4.01196  -0.39823 0.50677  0.60941  114 DG A N2    
285 N N3    . DG A 14 ? 2.94035  3.48823 3.89203  -0.28028 0.60024  0.47600  114 DG A N3    
286 C C4    . DG A 14 ? 2.79994  3.43839 3.77582  -0.31626 0.63341  0.36516  114 DG A C4    
287 P P     . DG A 15 ? 2.37251  2.86386 3.70702  0.35640  0.80483  0.63329  115 DG A P     
288 O OP1   . DG A 15 ? 2.29936  2.69835 3.67298  0.53682  0.84267  0.71937  115 DG A OP1   
289 O OP2   . DG A 15 ? 2.26246  2.88591 3.72959  0.28058  0.80886  0.63119  115 DG A OP2   
290 O "O5'" . DG A 15 ? 2.57102  2.99269 3.78858  0.24860  0.73332  0.67646  115 DG A "O5'" 
291 C "C5'" . DG A 15 ? 2.65177  2.97261 3.86550  0.31726  0.71367  0.79907  115 DG A "C5'" 
292 C "C4'" . DG A 15 ? 2.67853  3.04349 3.94690  0.20733  0.66230  0.87781  115 DG A "C4'" 
293 O "O4'" . DG A 15 ? 2.67516  3.11845 3.88175  0.03555  0.62763  0.78808  115 DG A "O4'" 
294 C "C3'" . DG A 15 ? 2.56814  3.01606 4.02380  0.24998  0.68630  0.94371  115 DG A "C3'" 
295 O "O3'" . DG A 15 ? 2.61689  3.02786 4.14788  0.26567  0.65224  1.08742  115 DG A "O3'" 
296 C "C2'" . DG A 15 ? 2.49521  3.07789 3.98516  0.11007  0.67502  0.85742  115 DG A "C2'" 
297 C "C1'" . DG A 15 ? 2.59105  3.14956 3.91803  -0.03445 0.62101  0.79991  115 DG A "C1'" 
298 N N9    . DG A 15 ? 2.49632  3.15229 3.79470  -0.14994 0.62514  0.67617  115 DG A N9    
299 C C8    . DG A 15 ? 2.32695  3.04967 3.67082  -0.11000 0.67985  0.58287  115 DG A C8    
300 N N7    . DG A 15 ? 2.24299  3.04852 3.55251  -0.23859 0.67169  0.48388  115 DG A N7    
301 C C5    . DG A 15 ? 2.38323  3.17674 3.62023  -0.37181 0.60796  0.51601  115 DG A C5    
302 C C6    . DG A 15 ? 2.38136  3.23588 3.55220  -0.54045 0.57464  0.44858  115 DG A C6    
303 O O6    . DG A 15 ? 2.25020  3.18425 3.41419  -0.61007 0.59611  0.34142  115 DG A O6    
304 N N1    . DG A 15 ? 2.54880  3.35789 3.64946  -0.62920 0.51203  0.51654  115 DG A N1    
305 C C2    . DG A 15 ? 2.68127  3.40050 3.78068  -0.56566 0.48391  0.63420  115 DG A C2    
306 N N2    . DG A 15 ? 2.81338  3.50171 3.84002  -0.67007 0.42217  0.68644  115 DG A N2    
307 N N3    . DG A 15 ? 2.67493  3.33733 3.84021  -0.40926 0.51564  0.69823  115 DG A N3    
308 C C4    . DG A 15 ? 2.53229  3.23531 3.76233  -0.31914 0.57758  0.63422  115 DG A C4    
309 P P     . DA A 16 ? 2.62719  2.92432 4.04741  0.23345  0.59363  1.16852  116 DA A P     
310 O OP1   . DA A 16 ? 2.63990  2.81856 3.97224  0.36183  0.62732  1.16444  116 DA A OP1   
311 O OP2   . DA A 16 ? 2.65139  2.94352 4.17303  0.23000  0.55826  1.30107  116 DA A OP2   
312 O "O5'" . DA A 16 ? 2.71433  3.04971 4.00328  0.04749  0.53972  1.08074  116 DA A "O5'" 
313 C "C5'" . DA A 16 ? 2.84032  3.10219 4.00756  -0.03424 0.48128  1.11642  116 DA A "C5'" 
314 C "C4'" . DA A 16 ? 2.88536  3.22026 4.06921  -0.18928 0.42132  1.13869  116 DA A "C4'" 
315 O "O4'" . DA A 16 ? 2.83253  3.28173 4.01850  -0.29699 0.42683  1.02762  116 DA A "O4'" 
316 C "C3'" . DA A 16 ? 2.87247  3.24046 4.21106  -0.15974 0.40459  1.25485  116 DA A "C3'" 
317 O "O3'" . DA A 16 ? 2.99579  3.33104 4.27670  -0.25734 0.33481  1.32200  116 DA A "O3'" 
318 C "C2'" . DA A 16 ? 2.78709  3.29470 4.23924  -0.21258 0.42066  1.19470  116 DA A "C2'" 
319 C "C1'" . DA A 16 ? 2.80012  3.34604 4.11683  -0.34561 0.40827  1.06723  116 DA A "C1'" 
320 N N9    . DA A 16 ? 2.68083  3.33798 4.05899  -0.36726 0.44965  0.96343  116 DA A N9    
321 C C8    . DA A 16 ? 2.55641  3.23975 4.02099  -0.24830 0.51754  0.92782  116 DA A C8    
322 N N7    . DA A 16 ? 2.45229  3.24011 3.95471  -0.30220 0.54238  0.83151  116 DA A N7    
323 C C5    . DA A 16 ? 2.51798  3.35015 3.95303  -0.46765 0.48778  0.80139  116 DA A C5    
324 C C6    . DA A 16 ? 2.45684  3.39232 3.88641  -0.59274 0.48260  0.70876  116 DA A C6    
325 N N6    . DA A 16 ? 2.29063  3.30960 3.79417  -0.56628 0.53643  0.62581  116 DA A N6    
326 N N1    . DA A 16 ? 2.56164  3.50958 3.90538  -0.74290 0.42286  0.70401  116 DA A N1    
327 C C2    . DA A 16 ? 2.71331  3.57585 3.98342  -0.76542 0.37009  0.78951  116 DA A C2    
328 N N3    . DA A 16 ? 2.77054  3.53318 4.04012  -0.65863 0.36815  0.88123  116 DA A N3    
329 C C4    . DA A 16 ? 2.66768  3.41962 4.02314  -0.51082 0.42885  0.88332  116 DA A C4    
330 P P     . DC A 17 ? 3.06220  3.41105 4.47605  -0.24898 0.29571  1.45460  117 DC A P     
331 O OP1   . DC A 17 ? 3.20111  3.45535 4.51344  -0.29130 0.23867  1.53189  117 DC A OP1   
332 O OP2   . DC A 17 ? 2.95079  3.30788 4.52753  -0.09336 0.35428  1.50424  117 DC A OP2   
333 O "O5'" . DC A 17 ? 3.09013  3.56282 4.53926  -0.39822 0.25580  1.40762  117 DC A "O5'" 
334 C "C5'" . DC A 17 ? 3.14521  3.64315 4.44664  -0.54327 0.22869  1.30881  117 DC A "C5'" 
335 C "C4'" . DC A 17 ? 3.14943  3.76453 4.50867  -0.66371 0.19572  1.27747  117 DC A "C4'" 
336 O "O4'" . DC A 17 ? 3.00017  3.70422 4.39684  -0.66639 0.24840  1.16373  117 DC A "O4'" 
337 C "C3'" . DC A 17 ? 3.19915  3.86036 4.73809  -0.62763 0.17303  1.37898  117 DC A "C3'" 
338 O "O3'" . DC A 17 ? 3.29351  4.02392 4.82813  -0.76749 0.11086  1.37329  117 DC A "O3'" 
339 C "C2'" . DC A 17 ? 3.03705  3.77175 4.72013  -0.53333 0.24347  1.33476  117 DC A "C2'" 
340 C "C1'" . DC A 17 ? 2.94995  3.74289 4.52949  -0.63117 0.25994  1.19393  117 DC A "C1'" 
341 N N1    . DC A 17 ? 2.78160  3.63331 4.43655  -0.55515 0.33518  1.11306  117 DC A N1    
342 C C2    . DC A 17 ? 2.70664  3.65840 4.35239  -0.65189 0.34497  1.00298  117 DC A C2    
343 O O2    . DC A 17 ? 2.79509  3.77620 4.36117  -0.79624 0.29106  0.97744  117 DC A O2    
344 N N3    . DC A 17 ? 2.53692  3.54561 4.25293  -0.58528 0.41348  0.92773  117 DC A N3    
345 C C4    . DC A 17 ? 2.45761  3.42256 4.24874  -0.42366 0.47024  0.96372  117 DC A C4    
346 N N4    . DC A 17 ? 2.28597  3.30585 4.14114  -0.35795 0.53730  0.88943  117 DC A N4    
347 C C5    . DC A 17 ? 2.54327  3.40235 4.34114  -0.32167 0.46196  1.07728  117 DC A C5    
348 C C6    . DC A 17 ? 2.69556  3.50317 4.42838  -0.39272 0.39403  1.14877  117 DC A C6    
349 P P     . DA A 18 ? 3.27748  3.95587 4.76033  -0.84184 0.02496  1.47411  118 DA A P     
350 O OP1   . DA A 18 ? 3.30710  3.88693 4.59583  -0.88053 0.01267  1.45789  118 DA A OP1   
351 O OP2   . DA A 18 ? 3.33928  4.00134 4.98754  -0.73997 0.01535  1.60023  118 DA A OP2   
352 O "O5'" . DA A 18 ? 3.35233  4.12620 4.81229  -1.00169 -0.02798 1.42079  118 DA A "O5'" 
353 C "C5'" . DA A 18 ? 3.35496  4.13856 4.64441  -1.12331 -0.03199 1.31358  118 DA A "C5'" 
354 C "C4'" . DA A 18 ? 3.24553  4.15018 4.57883  -1.20970 -0.02740 1.22180  118 DA A "C4'" 
355 O "O4'" . DA A 18 ? 3.05326  4.01224 4.47823  -1.12567 0.05158  1.14900  118 DA A "O4'" 
356 C "C3'" . DA A 18 ? 3.33000  4.30842 4.79876  -1.24496 -0.07955 1.27884  118 DA A "C3'" 
357 O "O3'" . DA A 18 ? 3.30525  4.35244 4.69955  -1.38983 -0.11073 1.19893  118 DA A "O3'" 
358 C "C2'" . DA A 18 ? 3.20448  4.24540 4.87317  -1.12368 -0.01908 1.27941  118 DA A "C2'" 
359 C "C1'" . DA A 18 ? 3.00454  4.06402 4.60416  -1.11427 0.05270  1.15723  118 DA A "C1'" 
360 N N9    . DA A 18 ? 2.86873  3.94608 4.60318  -0.97082 0.12876  1.15131  118 DA A N9    
361 C C8    . DA A 18 ? 2.87534  3.87532 4.65859  -0.82731 0.16315  1.22354  118 DA A C8    
362 N N7    . DA A 18 ? 2.73163  3.76553 4.63034  -0.71520 0.23506  1.19728  118 DA A N7    
363 C C5    . DA A 18 ? 2.61568  3.75897 4.54645  -0.79223 0.24848  1.10031  118 DA A C5    
364 C C6    . DA A 18 ? 2.42827  3.65395 4.47059  -0.73843 0.31508  1.03140  118 DA A C6    
365 N N6    . DA A 18 ? 2.32932  3.53606 4.47098  -0.58524 0.38362  1.05211  118 DA A N6    
366 N N1    . DA A 18 ? 2.33817  3.66375 4.38309  -0.84648 0.31021  0.94109  118 DA A N1    
367 C C2    . DA A 18 ? 2.43900  3.77795 4.37668  -0.99691 0.24345  0.92115  118 DA A C2    
368 N N3    . DA A 18 ? 2.61979  3.88578 4.44360  -1.05947 0.17728  0.98104  118 DA A N3    
369 C C4    . DA A 18 ? 2.69798  3.86865 4.52708  -0.95079 0.18355  1.06990  118 DA A C4    
370 P P     . DT A 19 ? 2.88741  4.05369 4.42278  -1.43903 -0.13544 1.18272  119 DT A P     
371 O OP1   . DT A 19 ? 2.93399  4.11255 4.32915  -1.59710 -0.19940 1.14843  119 DT A OP1   
372 O OP2   . DT A 19 ? 3.00907  4.19173 4.74291  -1.34704 -0.15344 1.28883  119 DT A OP2   
373 O "O5'" . DT A 19 ? 2.68798  3.93406 4.26489  -1.42160 -0.05555 1.06051  119 DT A "O5'" 
374 C "C5'" . DT A 19 ? 2.63841  3.97693 4.20119  -1.53322 -0.06350 0.96944  119 DT A "C5'" 
375 C "C4'" . DT A 19 ? 2.54231  3.97979 4.32015  -1.47828 -0.04285 0.97235  119 DT A "C4'" 
376 O "O4'" . DT A 19 ? 2.43036  3.84918 4.31813  -1.32457 0.02890  0.99425  119 DT A "O4'" 
377 C "C3'" . DT A 19 ? 2.73828  4.19240 4.64458  -1.47722 -0.11399 1.07867  119 DT A "C3'" 
378 O "O3'" . DT A 19 ? 2.76580  4.30678 4.69111  -1.59973 -0.16842 1.03923  119 DT A "O3'" 
379 C "C2'" . DT A 19 ? 2.66089  4.13053 4.78360  -1.32085 -0.06582 1.14272  119 DT A "C2'" 
380 C "C1'" . DT A 19 ? 2.42676  3.89705 4.52892  -1.24662 0.02972  1.06058  119 DT A "C1'" 
381 N N1    . DT A 19 ? 2.39692  3.80759 4.59094  -1.08020 0.08471  1.12929  119 DT A N1    
382 C C2    . DT A 19 ? 2.19034  3.65059 4.50967  -0.98029 0.16511  1.08918  119 DT A C2    
383 O O2    . DT A 19 ? 2.09221  3.64457 4.45699  -1.02078 0.19357  1.00146  119 DT A O2    
384 N N3    . DT A 19 ? 2.17349  3.56951 4.56278  -0.82879 0.21259  1.15692  119 DT A N3    
385 C C4    . DT A 19 ? 2.33424  3.62450 4.68290  -0.76864 0.19040  1.25559  119 DT A C4    
386 O O4    . DT A 19 ? 2.29772  3.53346 4.71155  -0.62813 0.24101  1.30832  119 DT A O4    
387 C C5    . DT A 19 ? 2.54536  3.79017 4.76727  -0.87981 0.10506  1.29420  119 DT A C5    
388 C C7    . DT A 19 ? 2.72729  3.85736 4.90039  -0.82588 0.07502  1.40355  119 DT A C7    
389 C C6    . DT A 19 ? 2.56891  3.87473 4.71778  -1.02885 0.05620  1.23034  119 DT A C6    
390 P P     . DC A 20 ? 3.46860  5.10766 5.44162  -1.62450 -0.12509 0.91011  120 DC A P     
391 O OP1   . DC A 20 ? 3.21290  4.87518 5.19659  -1.56757 -0.03052 0.83355  120 DC A OP1   
392 O OP2   . DC A 20 ? 3.56637  5.18978 5.36431  -1.74476 -0.17948 0.83825  120 DC A OP2   
393 O "O5'" . DC A 20 ? 3.55299  5.24963 5.75062  -1.55269 -0.14126 0.95929  120 DC A "O5'" 
394 C "C5'" . DC A 20 ? 3.50781  5.26895 5.75285  -1.56175 -0.12497 0.85683  120 DC A "C5'" 
395 C "C4'" . DC A 20 ? 3.23970  5.04236 5.54867  -1.48555 -0.02370 0.77139  120 DC A "C4'" 
396 O "O4'" . DC A 20 ? 3.14392  4.92213 5.52349  -1.39086 0.02152  0.85154  120 DC A "O4'" 
397 C "C3'" . DC A 20 ? 3.17767  5.04300 5.66800  -1.40704 0.01009  0.74508  120 DC A "C3'" 
398 O "O3'" . DC A 20 ? 2.91281  4.80610 5.42456  -1.34165 0.10831  0.65702  120 DC A "O3'" 
399 C "C2'" . DC A 20 ? 3.20913  5.05352 5.85499  -1.30977 -0.00455 0.89054  120 DC A "C2'" 
400 C "C1'" . DC A 20 ? 3.05526  4.86606 5.64453  -1.26805 0.05612  0.89760  120 DC A "C1'" 
401 N N1    . DC A 20 ? 3.06481  4.82846 5.75117  -1.16944 0.06823  1.02903  120 DC A N1    
402 C C2    . DC A 20 ? 2.86901  4.63565 5.66760  -1.03297 0.15638  1.03505  120 DC A C2    
403 O O2    . DC A 20 ? 2.68117  4.49329 5.50538  -0.99865 0.21202  0.93723  120 DC A O2    
404 N N3    . DC A 20 ? 2.90540  4.59602 5.74584  -0.92186 0.17607  1.13531  120 DC A N3    
405 C C4    . DC A 20 ? 3.12806  4.73623 5.88656  -0.94487 0.11069  1.21913  120 DC A C4    
406 N N4    . DC A 20 ? 3.16377  4.68167 5.94155  -0.82473 0.13361  1.30698  120 DC A N4    
407 C C5    . DC A 20 ? 3.32034  4.93133 5.96809  -1.09050 0.02001  1.21690  120 DC A C5    
408 C C6    . DC A 20 ? 3.27349  4.97122 5.89848  -1.20525 0.00224  1.12631  120 DC A C6    
409 P P     . DA A 21 ? 3.57993  5.52825 6.11715  -1.33931 0.16137  0.51756  121 DA A P     
410 O OP1   . DA A 21 ? 3.33779  5.27731 5.78086  -1.34349 0.23061  0.41746  121 DA A OP1   
411 O OP2   . DA A 21 ? 3.75542  5.71592 6.27478  -1.42122 0.09832  0.48522  121 DA A OP2   
412 O "O5'" . DA A 21 ? 3.53631  5.51927 6.25395  -1.20247 0.20908  0.55799  121 DA A "O5'" 
413 C "C5'" . DA A 21 ? 3.69645  5.72015 6.51130  -1.18828 0.19305  0.54217  121 DA A "C5'" 
414 C "C4'" . DA A 21 ? 3.70103  5.70360 6.66230  -1.11843 0.14789  0.68153  121 DA A "C4'" 
415 O "O4'" . DA A 21 ? 3.67184  5.62205 6.64817  -1.05622 0.16057  0.77991  121 DA A "O4'" 
416 C "C3'" . DA A 21 ? 3.98122  5.97718 6.93413  -1.20949 0.04826  0.73344  121 DA A "C3'" 
417 O "O3'" . DA A 21 ? 3.92876  5.96296 6.99495  -1.19144 0.02747  0.72503  121 DA A "O3'" 
418 C "C2'" . DA A 21 ? 4.11145  6.05315 7.12255  -1.16303 0.01113  0.88424  121 DA A "C2'" 
419 C "C1'" . DA A 21 ? 3.86273  5.78742 6.94730  -1.02996 0.10008  0.90479  121 DA A "C1'" 
420 N N9    . DA A 21 ? 3.90527  5.77180 7.00888  -0.97546 0.10251  1.01800  121 DA A N9    
421 C C8    . DA A 21 ? 4.10052  5.92642 7.15129  -1.03889 0.03181  1.10678  121 DA A C8    
422 N N7    . DA A 21 ? 4.07642  5.85016 7.16411  -0.96331 0.05616  1.20237  121 DA A N7    
423 C C5    . DA A 21 ? 3.86300  5.64221 7.04118  -0.83383 0.14877  1.17759  121 DA A C5    
424 C C6    . DA A 21 ? 3.74627  5.47847 6.99003  -0.70265 0.21781  1.24213  121 DA A C6    
425 N N6    . DA A 21 ? 3.83314  5.50371 7.06468  -0.68249 0.20467  1.34649  121 DA A N6    
426 N N1    . DA A 21 ? 3.54533  5.28360 6.84411  -0.59085 0.30090  1.18916  121 DA A N1    
427 C C2    . DA A 21 ? 3.45654  5.24582 6.74783  -0.61375 0.31229  1.08197  121 DA A C2    
428 N N3    . DA A 21 ? 3.53992  5.38245 6.77815  -0.73556 0.25655  1.01225  121 DA A N3    
429 C C4    . DA A 21 ? 3.75109  5.58440 6.93331  -0.84120 0.17558  1.06543  121 DA A C4    
430 P P     . DC B 1  ? 2.57518  2.42796 2.71134  -0.15567 -0.44422 0.76239  119 DC B P     
431 O OP1   . DC B 1  ? 2.59740  2.43537 2.47285  -0.11468 -0.47481 0.80589  119 DC B OP1   
432 O OP2   . DC B 1  ? 2.73140  2.60160 2.99440  -0.21855 -0.47226 0.76816  119 DC B OP2   
433 O "O5'" . DC B 1  ? 2.54695  2.27259 2.88340  -0.16774 -0.46745 0.78796  119 DC B "O5'" 
434 C "C5'" . DC B 1  ? 2.55839  2.18525 3.08530  -0.22721 -0.53185 0.83616  119 DC B "C5'" 
435 C "C4'" . DC B 1  ? 2.55278  2.07140 3.24827  -0.22829 -0.54228 0.85236  119 DC B "C4'" 
436 O "O4'" . DC B 1  ? 2.54508  2.07468 3.14857  -0.16798 -0.49468 0.82618  119 DC B "O4'" 
437 C "C3'" . DC B 1  ? 2.50630  2.03749 3.46147  -0.26787 -0.51234 0.81000  119 DC B "C3'" 
438 O "O3'" . DC B 1  ? 2.52531  1.93408 3.62742  -0.30481 -0.57488 0.86539  119 DC B "O3'" 
439 C "C2'" . DC B 1  ? 2.46547  2.04295 3.46216  -0.22593 -0.43342 0.74585  119 DC B "C2'" 
440 C "C1'" . DC B 1  ? 2.49653  2.04766 3.28071  -0.16596 -0.43547 0.76971  119 DC B "C1'" 
441 N N1    . DC B 1  ? 2.46395  2.13960 3.12642  -0.11159 -0.34656 0.69513  119 DC B N1    
442 C C2    . DC B 1  ? 2.41318  2.13471 3.21831  -0.09928 -0.27481 0.62847  119 DC B C2    
443 O O2    . DC B 1  ? 2.39629  2.05236 3.42676  -0.13266 -0.28610 0.63288  119 DC B O2    
444 N N3    . DC B 1  ? 2.38401  2.22142 3.07412  -0.04981 -0.19403 0.56045  119 DC B N3    
445 C C4    . DC B 1  ? 2.40280  2.30897 2.85132  -0.01441 -0.18314 0.55691  119 DC B C4    
446 N N4    . DC B 1  ? 2.38142  2.39980 2.73090  0.03298  -0.10235 0.48844  119 DC B N4    
447 C C5    . DC B 1  ? 2.45420  2.31596 2.75498  -0.02617 -0.25500 0.62383  119 DC B C5    
448 C C6    . DC B 1  ? 2.48306  2.23075 2.89740  -0.07469 -0.33456 0.69082  119 DC B C6    
449 P P     . DC B 2  ? 2.54510  1.95200 3.83414  -0.37548 -0.60490 0.87059  120 DC B P     
450 O OP1   . DC B 2  ? 2.53330  1.79701 3.99186  -0.41259 -0.67196 0.93162  120 DC B OP1   
451 O OP2   . DC B 2  ? 2.57501  2.04488 3.71482  -0.38846 -0.62695 0.88371  120 DC B OP2   
452 O "O5'" . DC B 2  ? 2.56613  2.08812 3.98825  -0.37616 -0.51541 0.77667  120 DC B "O5'" 
453 C "C5'" . DC B 2  ? 2.54610  2.04511 4.13454  -0.36544 -0.47286 0.74095  120 DC B "C5'" 
454 C "C4'" . DC B 2  ? 2.57439  2.18575 4.29572  -0.38211 -0.40308 0.65958  120 DC B "C4'" 
455 O "O4'" . DC B 2  ? 2.58958  2.31133 4.17945  -0.32596 -0.32209 0.59351  120 DC B "O4'" 
456 C "C3'" . DC B 2  ? 2.62900  2.30754 4.34886  -0.42660 -0.41907 0.65441  120 DC B "C3'" 
457 O "O3'" . DC B 2  ? 2.66633  2.39429 4.60592  -0.46875 -0.38594 0.60273  120 DC B "O3'" 
458 C "C2'" . DC B 2  ? 2.69029  2.49135 4.17580  -0.38194 -0.37043 0.61500  120 DC B "C2'" 
459 C "C1'" . DC B 2  ? 2.70587  2.54764 4.17970  -0.32788 -0.29517 0.55810  120 DC B "C1'" 
460 N N1    . DC B 2  ? 2.74622  2.64761 3.96536  -0.26752 -0.26492 0.54657  120 DC B N1    
461 C C2    . DC B 2  ? 2.73840  2.69677 3.92234  -0.21587 -0.19049 0.48891  120 DC B C2    
462 O O2    . DC B 2  ? 2.69971  2.65409 4.06816  -0.22135 -0.15264 0.45041  120 DC B O2    
463 N N3    . DC B 2  ? 2.76893  2.78475 3.71730  -0.16055 -0.16193 0.47724  120 DC B N3    
464 C C4    . DC B 2  ? 2.81418  2.83127 3.56951  -0.15621 -0.20508 0.52055  120 DC B C4    
465 N N4    . DC B 2  ? 2.84098  2.91673 3.36838  -0.10067 -0.17399 0.50614  120 DC B N4    
466 C C5    . DC B 2  ? 2.82870  2.79012 3.61645  -0.20845 -0.28066 0.57922  120 DC B C5    
467 C C6    . DC B 2  ? 2.78952  2.69483 3.81059  -0.26292 -0.30796 0.59008  120 DC B C6    
468 P P     . DG B 3  ? 2.30719  1.93366 4.51993  -0.52985 -0.43269 0.63271  121 DG B P     
469 O OP1   . DG B 3  ? 2.35378  1.83086 4.56141  -0.53480 -0.51113 0.71845  121 DG B OP1   
470 O OP2   . DG B 3  ? 2.32419  2.00829 4.62609  -0.58433 -0.44179 0.61725  121 DG B OP2   
471 O "O5'" . DG B 3  ? 2.30823  1.96452 4.68692  -0.51161 -0.35792 0.56339  121 DG B "O5'" 
472 C "C5'" . DG B 3  ? 2.31628  2.00698 4.58194  -0.44422 -0.29718 0.52699  121 DG B "C5'" 
473 C "C4'" . DG B 3  ? 2.39136  2.17851 4.77277  -0.42817 -0.20607 0.43605  121 DG B "C4'" 
474 O "O4'" . DG B 3  ? 2.45885  2.37287 4.65094  -0.37971 -0.13991 0.37998  121 DG B "O4'" 
475 C "C3'" . DG B 3  ? 2.42447  2.26393 5.00797  -0.47984 -0.18734 0.39253  121 DG B "C3'" 
476 O "O3'" . DG B 3  ? 2.46114  2.34024 5.19946  -0.46459 -0.11570 0.32410  121 DG B "O3'" 
477 C "C2'" . DG B 3  ? 2.47574  2.43983 4.90516  -0.47793 -0.16325 0.35980  121 DG B "C2'" 
478 C "C1'" . DG B 3  ? 2.54392  2.56492 4.74446  -0.40802 -0.11708 0.33770  121 DG B "C1'" 
479 N N9    . DG B 3  ? 2.60635  2.66748 4.57043  -0.39358 -0.13991 0.36360  121 DG B N9    
480 C C8    . DG B 3  ? 2.57334  2.60258 4.48197  -0.43051 -0.20830 0.42001  121 DG B C8    
481 N N7    . DG B 3  ? 2.65034  2.73031 4.32519  -0.40100 -0.21001 0.43016  121 DG B N7    
482 C C5    . DG B 3  ? 2.73808  2.88285 4.31220  -0.34218 -0.14050 0.37894  121 DG B C5    
483 C C6    . DG B 3  ? 2.84171  3.05887 4.17285  -0.28972 -0.10943 0.36349  121 DG B C6    
484 O O6    . DG B 3  ? 2.88380  3.12278 4.03189  -0.28479 -0.13923 0.39404  121 DG B O6    
485 N N1    . DG B 3  ? 2.88869  3.15505 4.19832  -0.23935 -0.03698 0.30724  121 DG B N1    
486 C C2    . DG B 3  ? 2.85144  3.09874 4.35585  -0.24021 0.00063  0.27071  121 DG B C2    
487 N N2    . DG B 3  ? 2.89019  3.19202 4.34333  -0.18733 0.07044  0.21825  121 DG B N2    
488 N N3    . DG B 3  ? 2.76721  2.94744 4.49778  -0.28871 -0.02809 0.28497  121 DG B N3    
489 C C4    . DG B 3  ? 2.71039  2.84285 4.46186  -0.33710 -0.09738 0.33844  121 DG B C4    
490 P P     . DT B 4  ? 2.41531  2.41399 5.28937  -0.48541 -0.04923 0.23871  122 DT B P     
491 O OP1   . DT B 4  ? 2.41047  2.37587 5.47593  -0.47891 -0.01346 0.20821  122 DT B OP1   
492 O OP2   . DT B 4  ? 2.37742  2.39103 5.32134  -0.54544 -0.08884 0.25197  122 DT B OP2   
493 O "O5'" . DT B 4  ? 2.50939  2.65008 5.17794  -0.43126 0.02604  0.17431  122 DT B "O5'" 
494 C "C5'" . DT B 4  ? 2.58362  2.74559 5.13589  -0.36557 0.07760  0.14876  122 DT B "C5'" 
495 C "C4'" . DT B 4  ? 2.68206  2.99675 5.09768  -0.32803 0.15659  0.07250  122 DT B "C4'" 
496 O "O4'" . DT B 4  ? 2.76271  3.11305 4.93688  -0.31187 0.13369  0.09978  122 DT B "O4'" 
497 C "C3'" . DT B 4  ? 2.62822  3.03952 5.17205  -0.36382 0.19414  0.01059  122 DT B "C3'" 
498 O "O3'" . DT B 4  ? 2.64875  3.18462 5.13828  -0.32352 0.28162  -0.07139 122 DT B "O3'" 
499 C "C2'" . DT B 4  ? 2.65618  3.09148 5.08491  -0.39368 0.14716  0.04390  122 DT B "C2'" 
500 C "C1'" . DT B 4  ? 2.76354  3.21669 4.92858  -0.33925 0.15088  0.06261  122 DT B "C1'" 
501 N N1    . DT B 4  ? 2.79217  3.22325 4.81753  -0.35807 0.08745  0.12135  122 DT B N1    
502 C C2    . DT B 4  ? 2.89722  3.38219 4.67524  -0.31554 0.09881  0.12403  122 DT B C2    
503 O O2    . DT B 4  ? 2.96688  3.51672 4.63831  -0.26260 0.16017  0.07896  122 DT B O2    
504 N N3    . DT B 4  ? 2.90329  3.36343 4.56051  -0.33613 0.03586  0.18182  122 DT B N3    
505 C C4    . DT B 4  ? 2.80982  3.19853 4.57230  -0.39521 -0.03576 0.23566  122 DT B C4    
506 O O4    . DT B 4  ? 2.80361  3.17553 4.44045  -0.40865 -0.08910 0.28634  122 DT B O4    
507 C C5    . DT B 4  ? 2.70981  3.04449 4.73937  -0.43908 -0.04342 0.22857  122 DT B C5    
508 C C7    . DT B 4  ? 2.60795  2.86241 4.77663  -0.50529 -0.11860 0.28371  122 DT B C7    
509 C C6    . DT B 4  ? 2.70453  3.06417 4.85013  -0.41833 0.01851  0.17161  122 DT B C6    
510 P P     . DA B 5  ? 2.40204  3.03675 5.06034  -0.35271 0.33573  -0.14894 123 DA B P     
511 O OP1   . DA B 5  ? 2.36587  2.94892 5.21829  -0.34777 0.36108  -0.16877 123 DA B OP1   
512 O OP2   . DA B 5  ? 2.38024  3.01311 5.10793  -0.41493 0.28584  -0.12548 123 DA B OP2   
513 O "O5'" . DA B 5  ? 2.43318  3.22358 4.91335  -0.30707 0.41438  -0.22235 123 DA B "O5'" 
514 C "C5'" . DA B 5  ? 2.46613  3.30936 4.87826  -0.24505 0.48768  -0.27421 123 DA B "C5'" 
515 C "C4'" . DA B 5  ? 2.55360  3.47207 4.69187  -0.19559 0.51147  -0.28200 123 DA B "C4'" 
516 O "O4'" . DA B 5  ? 2.63012  3.48377 4.63162  -0.21089 0.43414  -0.20339 123 DA B "O4'" 
517 C "C3'" . DA B 5  ? 2.51897  3.58561 4.58398  -0.19179 0.56696  -0.35018 123 DA B "C3'" 
518 O "O3'" . DA B 5  ? 2.58500  3.71353 4.41022  -0.13814 0.59664  -0.36094 123 DA B "O3'" 
519 C "C2'" . DA B 5  ? 2.53072  3.57544 4.59925  -0.24672 0.50024  -0.30381 123 DA B "C2'" 
520 C "C1'" . DA B 5  ? 2.63173  3.57534 4.54859  -0.23161 0.43446  -0.21991 123 DA B "C1'" 
521 N N9    . DA B 5  ? 2.63540  3.50366 4.57683  -0.28450 0.34950  -0.14927 123 DA B N9    
522 C C8    . DA B 5  ? 2.55638  3.34243 4.70754  -0.34167 0.30005  -0.11749 123 DA B C8    
523 N N7    . DA B 5  ? 2.56198  3.29798 4.67764  -0.38020 0.22763  -0.05501 123 DA B N7    
524 C C5    . DA B 5  ? 2.65424  3.44533 4.52058  -0.34580 0.23076  -0.04632 123 DA B C5    
525 C C6    . DA B 5  ? 2.69435  3.47358 4.40741  -0.35937 0.17397  0.00860  123 DA B C6    
526 N N6    . DA B 5  ? 2.63657  3.34032 4.43216  -0.41401 0.09981  0.06770  123 DA B N6    
527 N N1    . DA B 5  ? 2.77686  3.62536 4.24688  -0.31390 0.19657  0.00063  123 DA B N1    
528 C C2    . DA B 5  ? 2.82130  3.74491 4.21205  -0.25929 0.27130  -0.05894 123 DA B C2    
529 N N3    . DA B 5  ? 2.78644  3.72926 4.30512  -0.24137 0.33010  -0.11430 123 DA B N3    
530 C C4    . DA B 5  ? 2.70328  3.57565 4.45994  -0.28695 0.30527  -0.10395 123 DA B C4    
531 P P     . DC B 6  ? 1.77100  3.05025 3.51804  -0.09453 0.69357  -0.45422 124 DC B P     
532 O OP1   . DC B 6  ? 1.79764  3.10520 3.27428  -0.04408 0.69749  -0.43671 124 DC B OP1   
533 O OP2   . DC B 6  ? 1.73230  3.00441 3.67090  -0.08571 0.74273  -0.50138 124 DC B OP2   
534 O "O5'" . DC B 6  ? 1.75175  3.12975 3.54499  -0.13757 0.70435  -0.49380 124 DC B "O5'" 
535 C "C5'" . DC B 6  ? 1.75823  3.24243 3.34650  -0.12332 0.72098  -0.51219 124 DC B "C5'" 
536 C "C4'" . DC B 6  ? 1.80939  3.23239 3.25659  -0.14073 0.64206  -0.43122 124 DC B "C4'" 
537 O "O4'" . DC B 6  ? 1.82783  3.14671 3.43802  -0.19990 0.56951  -0.37433 124 DC B "O4'" 
538 C "C3'" . DC B 6  ? 1.81662  3.33933 3.10664  -0.14722 0.64423  -0.44269 124 DC B "C3'" 
539 O "O3'" . DC B 6  ? 1.82516  3.41319 2.88075  -0.08699 0.68345  -0.46066 124 DC B "O3'" 
540 C "C2'" . DC B 6  ? 1.86296  3.29199 3.13421  -0.19075 0.55032  -0.35560 124 DC B "C2'" 
541 C "C1'" . DC B 6  ? 1.87068  3.16177 3.33674  -0.21582 0.50606  -0.31152 124 DC B "C1'" 
542 N N1    . DC B 6  ? 1.88584  3.09741 3.52000  -0.28587 0.43426  -0.26179 124 DC B N1    
543 C C2    . DC B 6  ? 1.91981  3.12163 3.46463  -0.31843 0.37359  -0.21028 124 DC B C2    
544 O O2    . DC B 6  ? 1.93564  3.19964 3.27021  -0.29213 0.38028  -0.20854 124 DC B O2    
545 N N3    . DC B 6  ? 1.93320  3.05962 3.63199  -0.37926 0.31004  -0.16515 124 DC B N3    
546 C C4    . DC B 6  ? 1.91548  2.97408 3.84450  -0.40685 0.30399  -0.16796 124 DC B C4    
547 N N4    . DC B 6  ? 1.92919  2.91447 4.00658  -0.46702 0.24083  -0.12311 124 DC B N4    
548 C C5    . DC B 6  ? 1.88214  2.94712 3.90307  -0.37437 0.36344  -0.21800 124 DC B C5    
549 C C6    . DC B 6  ? 1.86877  3.00984 3.73787  -0.31486 0.42621  -0.26261 124 DC B C6    
550 P P     . DA B 7  ? 2.04731  3.79305 3.04044  -0.05272 0.77756  -0.55605 125 DA B P     
551 O OP1   . DA B 7  ? 2.08256  3.85017 2.95067  0.01518  0.83060  -0.58267 125 DA B OP1   
552 O OP2   . DA B 7  ? 1.95693  3.72842 3.19505  -0.09385 0.80244  -0.60485 125 DA B OP2   
553 O "O5'" . DA B 7  ? 2.08197  3.90886 2.86674  -0.05430 0.76412  -0.54649 125 DA B "O5'" 
554 C "C5'" . DA B 7  ? 2.13619  3.90233 2.89553  -0.09943 0.68174  -0.47404 125 DA B "C5'" 
555 C "C4'" . DA B 7  ? 2.06782  3.91956 2.88280  -0.14505 0.68483  -0.50295 125 DA B "C4'" 
556 O "O4'" . DA B 7  ? 2.05228  3.81242 2.99881  -0.20790 0.60627  -0.44115 125 DA B "O4'" 
557 C "C3'" . DA B 7  ? 2.02402  3.96465 3.00439  -0.15369 0.75514  -0.59004 125 DA B "C3'" 
558 O "O3'" . DA B 7  ? 2.04820  4.10902 2.97317  -0.16770 0.78140  -0.63178 125 DA B "O3'" 
559 C "C2'" . DA B 7  ? 1.98785  3.83446 3.22297  -0.21011 0.71163  -0.56459 125 DA B "C2'" 
560 C "C1'" . DA B 7  ? 2.00855  3.78644 3.19256  -0.25085 0.62441  -0.48304 125 DA B "C1'" 
561 N N9    . DA B 7  ? 1.97761  3.62269 3.35077  -0.29602 0.55997  -0.42681 125 DA B N9    
562 C C8    . DA B 7  ? 1.94982  3.51028 3.47223  -0.29032 0.56287  -0.42356 125 DA B C8    
563 N N7    . DA B 7  ? 1.92589  3.37565 3.60405  -0.33809 0.49775  -0.36874 125 DA B N7    
564 C C5    . DA B 7  ? 1.93502  3.40011 3.57311  -0.37996 0.45007  -0.33620 125 DA B C5    
565 C C6    . DA B 7  ? 1.91873  3.30172 3.66715  -0.44053 0.37325  -0.27550 125 DA B C6    
566 N N6    . DA B 7  ? 1.89000  3.15363 3.81820  -0.46967 0.33007  -0.23610 125 DA B N6    
567 N N1    . DA B 7  ? 1.93352  3.36293 3.60202  -0.46990 0.34324  -0.25730 125 DA B N1    
568 C C2    . DA B 7  ? 1.96443  3.51394 3.44943  -0.43996 0.38648  -0.29604 125 DA B C2    
569 N N3    . DA B 7  ? 1.98277  3.61884 3.34983  -0.38301 0.45982  -0.35506 125 DA B N3    
570 C C4    . DA B 7  ? 1.96600  3.55318 3.41937  -0.35532 0.48842  -0.37243 125 DA B C4    
571 P P     . DG C 1  ? 4.46940  5.29916 2.22027  1.31372  -0.21643 0.30040  209 DG C P     
572 O OP1   . DG C 1  ? 4.30750  5.11567 2.23694  1.14745  -0.23912 0.29731  209 DG C OP1   
573 O OP2   . DG C 1  ? 4.46511  5.52639 2.16413  1.39864  -0.19790 0.28130  209 DG C OP2   
574 O "O5'" . DG C 1  ? 4.69288  5.19703 2.28086  1.35424  -0.23652 0.32463  209 DG C "O5'" 
575 C "C5'" . DG C 1  ? 4.78920  5.28305 2.24466  1.43045  -0.23616 0.32096  209 DG C "C5'" 
576 C "C4'" . DG C 1  ? 4.78016  5.10573 2.23891  1.33495  -0.27013 0.32659  209 DG C "C4'" 
577 O "O4'" . DG C 1  ? 4.85469  4.90891 2.33182  1.26120  -0.29483 0.34962  209 DG C "O4'" 
578 C "C3'" . DG C 1  ? 4.59698  5.08740 2.22343  1.20230  -0.28564 0.31050  209 DG C "C3'" 
579 O "O3'" . DG C 1  ? 4.57260  5.30088 2.18531  1.24816  -0.26976 0.28798  209 DG C "O3'" 
580 C "C2'" . DG C 1  ? 4.65846  4.88419 2.25550  1.12039  -0.32312 0.32849  209 DG C "C2'" 
581 C "C1'" . DG C 1  ? 4.79315  4.75262 2.32377  1.14562  -0.32823 0.35300  209 DG C "C1'" 
582 N N9    . DG C 1  ? 4.72094  4.57140 2.39737  1.01246  -0.35089 0.36540  209 DG C N9    
583 C C8    . DG C 1  ? 4.71322  4.55799 2.47630  0.98912  -0.34050 0.37006  209 DG C C8    
584 N N7    . DG C 1  ? 4.65190  4.37793 2.54412  0.85676  -0.36549 0.38113  209 DG C N7    
585 C C5    . DG C 1  ? 4.61703  4.26569 2.50477  0.79000  -0.39643 0.38624  209 DG C C5    
586 C C6    . DG C 1  ? 4.62656  4.13855 2.62437  0.64568  -0.43413 0.40082  209 DG C C6    
587 O O6    . DG C 1  ? 4.65457  4.08026 2.78503  0.54398  -0.44711 0.41168  209 DG C O6    
588 N N1    . DG C 1  ? 4.62918  4.10668 2.57057  0.62347  -0.45769 0.40301  209 DG C N1    
589 C C2    . DG C 1  ? 4.61016  4.17214 2.40843  0.72614  -0.44409 0.39023  209 DG C C2    
590 N N2    . DG C 1  ? 4.63715  4.15007 2.39874  0.68235  -0.46957 0.39344  209 DG C N2    
591 N N3    . DG C 1  ? 4.65713  4.34538 2.35791  0.86051  -0.40785 0.37579  209 DG C N3    
592 C C4    . DG C 1  ? 4.66051  4.38503 2.41273  0.88510  -0.38697 0.37585  209 DG C C4    
593 P P     . DG C 2  ? 4.57375  5.61221 2.38146  1.15863  -0.26360 0.26350  210 DG C P     
594 O OP1   . DG C 2  ? 4.53505  5.84271 2.31350  1.26701  -0.22875 0.24283  210 DG C OP1   
595 O OP2   . DG C 2  ? 4.50407  5.49619 2.46446  1.04931  -0.27391 0.27077  210 DG C OP2   
596 O "O5'" . DG C 2  ? 4.54614  5.57760 2.37633  1.07642  -0.28874 0.25919  210 DG C "O5'" 
597 C "C5'" . DG C 2  ? 4.67735  5.53541 2.33600  1.13800  -0.29756 0.26786  210 DG C "C5'" 
598 C "C4'" . DG C 2  ? 4.69643  5.38704 2.38984  1.01544  -0.33696 0.28058  210 DG C "C4'" 
599 O "O4'" . DG C 2  ? 4.80484  5.21851 2.49800  0.96436  -0.36031 0.30671  210 DG C "O4'" 
600 C "C3'" . DG C 2  ? 4.54986  5.42307 2.44383  0.87713  -0.35091 0.26995  210 DG C "C3'" 
601 O "O3'" . DG C 2  ? 4.45864  5.50094 2.33066  0.89084  -0.34551 0.25195  210 DG C "O3'" 
602 C "C2'" . DG C 2  ? 4.69611  5.32252 2.64262  0.75037  -0.39300 0.29502  210 DG C "C2'" 
603 C "C1'" . DG C 2  ? 4.81423  5.20711 2.67634  0.80506  -0.39099 0.31423  210 DG C "C1'" 
604 N N9    . DG C 2  ? 4.80413  5.24268 2.80517  0.75898  -0.38261 0.31532  210 DG C N9    
605 C C8    . DG C 2  ? 4.72917  5.31632 2.73845  0.83831  -0.34817 0.30285  210 DG C C8    
606 N N7    . DG C 2  ? 4.72953  5.31029 2.87073  0.76843  -0.34761 0.30660  210 DG C N7    
607 C C5    . DG C 2  ? 4.85415  5.27223 3.08637  0.63418  -0.38416 0.32312  210 DG C C5    
608 C C6    . DG C 2  ? 4.97656  5.31267 3.37047  0.51033  -0.39933 0.33370  210 DG C C6    
609 O O6    . DG C 2  ? 4.93416  5.32976 3.42516  0.49232  -0.38104 0.32804  210 DG C O6    
610 N N1    . DG C 2  ? 5.13865  5.30990 3.58212  0.39694  -0.43963 0.35262  210 DG C N1    
611 C C2    . DG C 2  ? 5.18312  5.28104 3.52592  0.40249  -0.46225 0.35968  210 DG C C2    
612 N N2    . DG C 2  ? 5.34586  5.28743 3.75539  0.28259  -0.50224 0.38041  210 DG C N2    
613 N N3    . DG C 2  ? 5.05172  5.22243 3.23967  0.51674  -0.44634 0.34767  210 DG C N3    
614 C C4    . DG C 2  ? 4.89066  5.22006 3.03494  0.62827  -0.40723 0.32986  210 DG C C4    
615 P P     . DC C 3  ? 4.11910  5.51582 2.15030  0.85559  -0.32627 0.22459  211 DC C P     
616 O OP1   . DC C 3  ? 4.16376  5.74298 2.10934  1.00096  -0.28585 0.20565  211 DC C OP1   
617 O OP2   . DC C 3  ? 3.97735  5.40345 2.20268  0.73767  -0.33648 0.22888  211 DC C OP2   
618 O "O5'" . DC C 3  ? 4.09321  5.53424 2.14762  0.77663  -0.34831 0.22038  211 DC C "O5'" 
619 C "C5'" . DC C 3  ? 4.04728  5.57674 2.29380  0.62791  -0.37000 0.22086  211 DC C "C5'" 
620 C "C4'" . DC C 3  ? 4.20315  5.46056 2.47988  0.51631  -0.41239 0.25070  211 DC C "C4'" 
621 O "O4'" . DC C 3  ? 4.29342  5.36298 2.55330  0.53321  -0.41327 0.26699  211 DC C "O4'" 
622 C "C3'" . DC C 3  ? 4.40086  5.74520 2.89328  0.35635  -0.43566 0.25435  211 DC C "C3'" 
623 O "O3'" . DC C 3  ? 4.31447  5.69571 2.78763  0.31321  -0.45401 0.25416  211 DC C "O3'" 
624 C "C2'" . DC C 3  ? 4.62080  5.69118 3.15727  0.27180  -0.46713 0.28462  211 DC C "C2'" 
625 C "C1'" . DC C 3  ? 4.57640  5.48116 2.95363  0.39540  -0.44959 0.29014  211 DC C "C1'" 
626 N N1    . DC C 3  ? 4.64106  5.52436 3.11985  0.37557  -0.43860 0.29327  211 DC C N1    
627 C C2    . DC C 3  ? 4.83880  5.53597 3.42918  0.25733  -0.46778 0.31666  211 DC C C2    
628 O O2    . DC C 3  ? 4.98862  5.53864 3.59679  0.16742  -0.50528 0.33698  211 DC C O2    
629 N N3    . DC C 3  ? 4.83063  5.51620 3.50859  0.24438  -0.45329 0.31659  211 DC C N3    
630 C C4    . DC C 3  ? 4.66159  5.50836 3.31454  0.34097  -0.41429 0.29606  211 DC C C4    
631 N N4    . DC C 3  ? 4.64042  5.47280 3.37719  0.32305  -0.40027 0.29596  211 DC C N4    
632 C C5    . DC C 3  ? 4.48308  5.51799 3.02548  0.45993  -0.38728 0.27481  211 DC C C5    
633 C C6    . DC C 3  ? 4.46912  5.51490 2.93099  0.47276  -0.39973 0.27367  211 DC C C6    
634 P P     . DT C 4  ? 6.09612  7.55544 4.76752  0.14492  -0.48491 0.26223  212 DT C P     
635 O OP1   . DT C 4  ? 6.22559  7.39392 4.88101  0.05638  -0.53030 0.29697  212 DT C OP1   
636 O OP2   . DT C 4  ? 5.87377  7.55780 4.54003  0.15744  -0.47417 0.24165  212 DT C OP2   
637 O "O5'" . DT C 4  ? 6.27776  7.91215 5.15890  0.08882  -0.46697 0.25001  212 DT C "O5'" 
638 C "C5'" . DT C 4  ? 6.39381  8.15496 5.49106  -0.05258 -0.48236 0.25085  212 DT C "C5'" 
639 C "C4'" . DT C 4  ? 6.57939  8.09433 5.74009  -0.17679 -0.52824 0.28620  212 DT C "C4'" 
640 O "O4'" . DT C 4  ? 6.64317  7.88667 5.68620  -0.12665 -0.53488 0.30473  212 DT C "O4'" 
641 C "C3'" . DT C 4  ? 6.56222  8.15604 5.97675  -0.32144 -0.53876 0.29091  212 DT C "C3'" 
642 O "O3'" . DT C 4  ? 6.53317  8.18921 6.04007  -0.42825 -0.56751 0.30138  212 DT C "O3'" 
643 C "C2'" . DT C 4  ? 6.60422  7.91801 6.03390  -0.36686 -0.56048 0.31891  212 DT C "C2'" 
644 C "C1'" . DT C 4  ? 6.68689  7.84170 5.88434  -0.21992 -0.54560 0.31864  212 DT C "C1'" 
645 N N1    . DT C 4  ? 6.56670  7.77816 5.75330  -0.13239 -0.50590 0.30026  212 DT C N1    
646 C C2    . DT C 4  ? 6.50962  7.58128 5.78239  -0.18291 -0.50951 0.31302  212 DT C C2    
647 O O2    . DT C 4  ? 6.51201  7.42548 5.88581  -0.29868 -0.54233 0.33781  212 DT C O2    
648 N N3    . DT C 4  ? 6.40225  7.53482 5.64259  -0.09316 -0.47227 0.29571  212 DT C N3    
649 C C4    . DT C 4  ? 6.34230  7.65250 5.47478  0.03926  -0.43533 0.27026  212 DT C C4    
650 O O4    . DT C 4  ? 6.23883  7.59290 5.35020  0.10977  -0.40573 0.25886  212 DT C O4    
651 C C5    . DT C 4  ? 6.37762  7.82107 5.42633  0.08726  -0.43399 0.25877  212 DT C C5    
652 C C7    . DT C 4  ? 6.26280  7.90397 5.19845  0.22887  -0.39556 0.23237  212 DT C C7    
653 C C6    . DT C 4  ? 6.48851  7.87421 5.56484  0.00107  -0.46793 0.27328  212 DT C C6    
654 P P     . DG C 5  ? 5.21400  6.89547 4.97908  -0.60377 -0.59346 0.31812  213 DG C P     
655 O OP1   . DG C 5  ? 5.28289  6.64937 5.02693  -0.66626 -0.63410 0.35687  213 DG C OP1   
656 O OP2   . DG C 5  ? 5.00446  6.87166 4.84401  -0.66504 -0.60349 0.31387  213 DG C OP2   
657 O "O5'" . DG C 5  ? 4.91745  6.80135 4.85165  -0.61240 -0.55407 0.28993  213 DG C "O5'" 
658 C "C5'" . DG C 5  ? 4.52491  6.43405 4.70061  -0.75385 -0.56462 0.29838  213 DG C "C5'" 
659 C "C4'" . DG C 5  ? 4.52757  6.12570 4.70283  -0.81414 -0.59909 0.33498  213 DG C "C4'" 
660 O "O4'" . DG C 5  ? 4.79086  6.22872 4.76828  -0.68837 -0.58506 0.33346  213 DG C "O4'" 
661 C "C3'" . DG C 5  ? 4.08573  5.66437 4.47341  -0.91773 -0.59598 0.33873  213 DG C "C3'" 
662 O "O3'" . DG C 5  ? 4.11864  5.38258 4.47470  -0.96137 -0.63105 0.37569  213 DG C "O3'" 
663 C "C2'" . DG C 5  ? 4.06731  5.75277 4.39803  -0.80701 -0.54748 0.30544  213 DG C "C2'" 
664 C "C1'" . DG C 5  ? 4.53686  6.01960 4.60250  -0.67938 -0.55392 0.31694  213 DG C "C1'" 
665 N N9    . DG C 5  ? 4.67450  6.28462 4.60011  -0.53137 -0.51231 0.28714  213 DG C N9    
666 C C8    . DG C 5  ? 4.83092  6.62000 4.64593  -0.43796 -0.49420 0.26600  213 DG C C8    
667 N N7    . DG C 5  ? 4.87783  6.74275 4.58157  -0.31086 -0.45818 0.24447  213 DG C N7    
668 C C5    . DG C 5  ? 4.76337  6.49378 4.50624  -0.32270 -0.45162 0.25127  213 DG C C5    
669 C C6    . DG C 5  ? 4.72749  6.46245 4.39516  -0.22199 -0.41841 0.23778  213 DG C C6    
670 O O6    . DG C 5  ? 4.75253  6.61861 4.30143  -0.09629 -0.38822 0.21768  213 DG C O6    
671 N N1    . DG C 5  ? 4.61794  6.18587 4.36636  -0.28194 -0.42276 0.25120  213 DG C N1    
672 C C2    . DG C 5  ? 4.52686  5.93947 4.41247  -0.41975 -0.45542 0.27515  213 DG C C2    
673 N N2    . DG C 5  ? 4.41895  5.67827 4.36939  -0.46114 -0.45360 0.28498  213 DG C N2    
674 N N3    . DG C 5  ? 4.51587  5.92634 4.47543  -0.51309 -0.48763 0.28948  213 DG C N3    
675 C C4    . DG C 5  ? 4.65003  6.21886 4.52867  -0.45808 -0.48421 0.27681  213 DG C C4    
676 P P     . DC C 6  ? 4.40367  5.55275 4.98880  -1.12749 -0.66087 0.40426  214 DC C P     
677 O OP1   . DC C 6  ? 4.54270  5.38197 5.02849  -1.15325 -0.70803 0.44648  214 DC C OP1   
678 O OP2   . DC C 6  ? 4.04382  5.41207 4.83279  -1.23534 -0.66464 0.39907  214 DC C OP2   
679 O "O5'" . DC C 6  ? 4.22527  5.37376 4.90233  -1.12113 -0.62470 0.38571  214 DC C "O5'" 
680 C "C5'" . DC C 6  ? 4.44661  5.60262 4.95967  -0.97853 -0.58734 0.36152  214 DC C "C5'" 
681 C "C4'" . DC C 6  ? 4.20359  5.52830 4.85454  -0.98401 -0.54155 0.32880  214 DC C "C4'" 
682 O "O4'" . DC C 6  ? 4.43574  5.87403 4.92397  -0.83477 -0.50310 0.29976  214 DC C "O4'" 
683 C "C3'" . DC C 6  ? 3.69976  5.30811 4.58110  -1.07800 -0.52411 0.30521  214 DC C "C3'" 
684 O "O3'" . DC C 6  ? 3.46440  5.11049 4.52322  -1.14312 -0.49771 0.29022  214 DC C "O3'" 
685 C "C2'" . DC C 6  ? 3.75136  5.61014 4.52710  -0.96250 -0.49024 0.27010  214 DC C "C2'" 
686 C "C1'" . DC C 6  ? 4.11309  5.86362 4.72832  -0.84405 -0.46694 0.26283  214 DC C "C1'" 
687 N N1    . DC C 6  ? 4.31229  6.22763 4.76208  -0.69887 -0.43697 0.23644  214 DC C N1    
688 C C2    . DC C 6  ? 4.36656  6.29954 4.73374  -0.60096 -0.40211 0.21848  214 DC C C2    
689 O O2    . DC C 6  ? 4.27918  6.08971 4.70884  -0.63737 -0.39566 0.22333  214 DC C O2    
690 N N3    . DC C 6  ? 4.52221  6.61325 4.74693  -0.46950 -0.37561 0.19644  214 DC C N3    
691 C C4    . DC C 6  ? 4.64022  6.86106 4.80319  -0.43395 -0.38144 0.19059  214 DC C C4    
692 N N4    . DC C 6  ? 4.76854  7.14344 4.79663  -0.30313 -0.35387 0.16914  214 DC C N4    
693 C C5    . DC C 6  ? 4.60349  6.80631 4.84436  -0.53275 -0.41555 0.20716  214 DC C C5    
694 C C6    . DC C 6  ? 4.43214  6.48291 4.81488  -0.66288 -0.44316 0.23061  214 DC C C6    
695 O "O5'" . DC D 1  ? 10.11303 9.14963 12.46430 -2.00168 -1.00862 0.23011  201 DC D "O5'" 
696 C "C5'" . DC D 1  ? 10.05230 8.93544 12.24268 -1.96512 -1.13931 0.30523  201 DC D "C5'" 
697 C "C4'" . DC D 1  ? 9.75768  8.63231 11.81102 -1.89670 -1.16715 0.33862  201 DC D "C4'" 
698 O "O4'" . DC D 1  ? 9.86326  8.57369 11.79415 -1.80968 -1.33786 0.42607  201 DC D "O4'" 
699 C "C3'" . DC D 1  ? 9.46166  8.45673 11.60128 -1.84123 -1.09809 0.30595  201 DC D "C3'" 
700 O "O3'" . DC D 1  ? 9.17560  8.27555 11.26012 -1.87356 -0.99081 0.26509  201 DC D "O3'" 
701 C "C2'" . DC D 1  ? 9.51663  8.39817 11.58840 -1.72087 -1.24041 0.37946  201 DC D "C2'" 
702 C "C1'" . DC D 1  ? 9.65159  8.38145 11.53896 -1.72424 -1.35315 0.44247  201 DC D "C1'" 
703 N N1    . DC D 1  ? 5.42525  3.99499 7.19876  -1.62258 -1.52673 0.52350  201 DC D N1    
704 C C2    . DC D 1  ? 5.56791  3.98779 7.16034  -1.62340 -1.64280 0.58335  201 DC D C2    
705 O O2    . DC D 1  ? 5.65444  4.07304 7.19881  -1.70498 -1.60433 0.57270  201 DC D O2    
706 N N3    . DC D 1  ? 5.61834  3.89691 7.09099  -1.53739 -1.79591 0.64838  201 DC D N3    
707 C C4    . DC D 1  ? 5.52653  3.81316 7.05604  -1.45426 -1.83013 0.65355  201 DC D C4    
708 N N4    . DC D 1  ? 5.59099  3.73794 6.98992  -1.37615 -1.98108 0.71074  201 DC D N4    
709 C C5    . DC D 1  ? 5.37256  3.81072 7.08996  -1.44922 -1.71229 0.59701  201 DC D C5    
710 C C6    . DC D 1  ? 5.32559  3.90153 7.15538  -1.53289 -1.56382 0.53384  201 DC D C6    
711 P P     . DT D 2  ? 8.42952  7.68679 10.59663 -1.98910 -0.81798 0.17040  202 DT D P     
712 O OP1   . DT D 2  ? 8.67196  7.91823 10.94150 -2.06083 -0.80120 0.14392  202 DT D OP1   
713 O OP2   . DT D 2  ? 8.13107  7.53167 10.35660 -1.96531 -0.72084 0.12319  202 DT D OP2   
714 O "O5'" . DT D 2  ? 8.40063  7.64095 10.42830 -2.04025 -0.79806 0.17346  202 DT D "O5'" 
715 C "C5'" . DT D 2  ? 8.68426  7.85175 10.67235 -2.11506 -0.81706 0.18021  202 DT D "C5'" 
716 C "C4'" . DT D 2  ? 8.68206  7.73011 10.47979 -2.09180 -0.91911 0.25321  202 DT D "C4'" 
717 O "O4'" . DT D 2  ? 8.78794  7.69965 10.49530 -1.98998 -1.07278 0.33692  202 DT D "O4'" 
718 C "C3'" . DT D 2  ? 8.44160  7.56301 10.16032 -2.08615 -0.86642 0.24369  202 DT D "C3'" 
719 O "O3'" . DT D 2  ? 8.52734  7.56031 10.09680 -2.12598 -0.92113 0.28730  202 DT D "O3'" 
720 C "C2'" . DT D 2  ? 8.35531  7.43087 10.01184 -1.97145 -0.95162 0.29623  202 DT D "C2'" 
721 C "C1'" . DT D 2  ? 8.63594  7.53255 10.21166 -1.93316 -1.10682 0.37259  202 DT D "C1'" 
722 N N1    . DT D 2  ? 4.57579  3.39820 6.12872  -1.82490 -1.20800 0.42133  202 DT D N1    
723 C C2    . DT D 2  ? 4.67592  3.32512 6.06221  -1.77109 -1.36336 0.50319  202 DT D C2    
724 O O2    . DT D 2  ? 4.80142  3.36102 6.05012  -1.80813 -1.41818 0.53910  202 DT D O2    
725 N N3    . DT D 2  ? 4.62949  3.21203 6.00681  -1.67186 -1.45368 0.53989  202 DT D N3    
726 C C4    . DT D 2  ? 4.49510  3.16268 6.01326  -1.62132 -1.40792 0.50846  202 DT D C4    
727 O O4    . DT D 2  ? 4.46900  3.06294 5.96295  -1.53222 -1.49949 0.54530  202 DT D O4    
728 C C5    . DT D 2  ? 4.39558  3.24300 6.08356  -1.68138 -1.24620 0.42663  202 DT D C5    
729 C C7    . DT D 2  ? 4.25416  3.20093 6.09283  -1.63207 -1.19003 0.39030  202 DT D C7    
730 C C6    . DT D 2  ? 4.44339  3.35902 6.13833  -1.78090 -1.15404 0.38481  202 DT D C6    
731 P P     . DT D 3  ? 5.23186  4.20718 6.60871  -2.07772 -0.99546 0.35082  203 DT D P     
732 O OP1   . DT D 3  ? 4.93412  4.06295 6.37973  -2.06008 -0.88855 0.29909  203 DT D OP1   
733 O OP2   . DT D 3  ? 5.39494  4.19989 6.63734  -1.99504 -1.15822 0.43743  203 DT D OP2   
734 O "O5'" . DT D 3  ? 5.33947  4.27433 6.60541  -2.16492 -0.99807 0.36581  203 DT D "O5'" 
735 C "C5'" . DT D 3  ? 5.19708  4.17363 6.36356  -2.17595 -0.97717 0.37530  203 DT D "C5'" 
736 C "C4'" . DT D 3  ? 5.29834  4.11625 6.23151  -2.12410 -1.12597 0.46975  203 DT D "C4'" 
737 O "O4'" . DT D 3  ? 5.39873  4.11840 6.31003  -2.02934 -1.22653 0.51172  203 DT D "O4'" 
738 C "C3'" . DT D 3  ? 5.13882  4.00573 5.98287  -2.09847 -1.11432 0.48190  203 DT D "C3'" 
739 O "O3'" . DT D 3  ? 5.30044  4.02356 5.91932  -2.10085 -1.23017 0.55766  203 DT D "O3'" 
740 C "C2'" . DT D 3  ? 5.01368  3.89356 5.90530  -1.99508 -1.13310 0.48375  203 DT D "C2'" 
741 C "C1'" . DT D 3  ? 5.27578  3.99127 6.10741  -1.95220 -1.26027 0.53815  203 DT D "C1'" 
742 N N1    . DT D 3  ? 5.19929  3.92133 6.12630  -1.86454 -1.27534 0.53114  203 DT D N1    
743 C C2    . DT D 3  ? 5.37766  3.94227 6.18698  -1.78105 -1.41660 0.59729  203 DT D C2    
744 O O2    . DT D 3  ? 5.60017  4.01768 6.22701  -1.77374 -1.53109 0.65964  203 DT D O2    
745 N N3    . DT D 3  ? 5.28217  3.86579 6.19252  -1.70588 -1.42038 0.58526  203 DT D N3    
746 C C4    . DT D 3  ? 5.01681  3.75601 6.12195  -1.70695 -1.30039 0.51782  203 DT D C4    
747 O O4    . DT D 3  ? 4.95518  3.69642 6.13252  -1.63802 -1.31672 0.51505  203 DT D O4    
748 C C5    . DT D 3  ? 4.85067  3.74753 6.06369  -1.79530 -1.15602 0.44856  203 DT D C5    
749 C C7    . DT D 3  ? 4.56229  3.63018 5.97345  -1.80342 -1.02028 0.36803  203 DT D C7    
750 C C6    . DT D 3  ? 4.95233  3.83448 6.07613  -1.86819 -1.14978 0.45714  203 DT D C6    
751 P P     . DG D 4  ? 6.03140  4.78249 6.52498  -2.09662 -1.23141 0.57889  204 DG D P     
752 O OP1   . DG D 4  ? 6.19158  4.85565 6.51624  -2.17300 -1.28149 0.62022  204 DG D OP1   
753 O OP2   . DG D 4  ? 5.72143  4.67138 6.38290  -2.09928 -1.09124 0.50553  204 DG D OP2   
754 O "O5'" . DG D 4  ? 6.02616  4.65463 6.39859  -1.98793 -1.35102 0.63825  204 DG D "O5'" 
755 C "C5'" . DG D 4  ? 6.30060  4.73754 6.53707  -1.94884 -1.49395 0.70346  204 DG D "C5'" 
756 C "C4'" . DG D 4  ? 6.24331  4.58350 6.36949  -1.84532 -1.58961 0.74720  204 DG D "C4'" 
757 O "O4'" . DG D 4  ? 6.16457  4.51896 6.41191  -1.76906 -1.58796 0.72804  204 DG D "O4'" 
758 C "C3'" . DG D 4  ? 5.91119  4.33886 6.02451  -1.82718 -1.53839 0.73307  204 DG D "C3'" 
759 O "O3'" . DG D 4  ? 5.96006  4.23724 5.89300  -1.75626 -1.66093 0.79103  204 DG D "O3'" 
760 C "C2'" . DG D 4  ? 5.59136  4.16948 5.91281  -1.78301 -1.43253 0.66982  204 DG D "C2'" 
761 C "C1'" . DG D 4  ? 5.80090  4.26798 6.13300  -1.71938 -1.51487 0.69227  204 DG D "C1'" 
762 N N9    . DG D 4  ? 5.62830  4.21680 6.17023  -1.70444 -1.42308 0.63440  204 DG D N9    
763 C C8    . DG D 4  ? 5.52177  4.26030 6.23616  -1.77365 -1.29770 0.57000  204 DG D C8    
764 N N7    . DG D 4  ? 5.40180  4.21551 6.27537  -1.73789 -1.24321 0.52851  204 DG D N7    
765 C C5    . DG D 4  ? 5.45241  4.15978 6.25433  -1.63931 -1.33941 0.57038  204 DG D C5    
766 C C6    . DG D 4  ? 5.40017  4.11887 6.29856  -1.56344 -1.34115 0.55681  204 DG D C6    
767 O O6    . DG D 4  ? 5.29064  4.11779 6.35966  -1.56874 -1.25830 0.50660  204 DG D O6    
768 N N1    . DG D 4  ? 5.50120  4.08202 6.26936  -1.47432 -1.45615 0.60733  204 DG D N1    
769 C C2    . DG D 4  ? 5.64069  4.08938 6.21033  -1.45963 -1.55526 0.66076  204 DG D C2    
770 N N2    . DG D 4  ? 5.73244  4.05638 6.19461  -1.36897 -1.65604 0.69454  204 DG D N2    
771 N N3    . DG D 4  ? 5.69468  4.13002 6.17108  -1.52899 -1.55787 0.67744  204 DG D N3    
772 C C4    . DG D 4  ? 5.59172  4.16083 6.19217  -1.61705 -1.44779 0.63184  204 DG D C4    
773 P P     . DA D 5  ? 5.78680  4.10616 5.66821  -1.72711 -1.64304 0.79067  205 DA D P     
774 O OP1   . DA D 5  ? 5.97872  4.18397 5.65531  -1.76739 -1.72775 0.84465  205 DA D OP1   
775 O OP2   . DA D 5  ? 5.43153  3.97024 5.50254  -1.75379 -1.48846 0.72049  205 DA D OP2   
776 O "O5'" . DA D 5  ? 5.73331  3.94525 5.57122  -1.60654 -1.72571 0.80973  205 DA D "O5'" 
777 C "C5'" . DA D 5  ? 5.78883  3.97128 5.70688  -1.55258 -1.74549 0.80035  205 DA D "C5'" 
778 C "C4'" . DA D 5  ? 5.46030  3.74452 5.51653  -1.48352 -1.67113 0.75482  205 DA D "C4'" 
779 O "O4'" . DA D 5  ? 5.36609  3.78109 5.62189  -1.50288 -1.57366 0.70508  205 DA D "O4'" 
780 C "C3'" . DA D 5  ? 5.15579  3.57201 5.26096  -1.49379 -1.57778 0.72182  205 DA D "C3'" 
781 O "O3'" . DA D 5  ? 5.02323  3.41031 5.12615  -1.39978 -1.59343 0.71432  205 DA D "O3'" 
782 C "C2'" . DA D 5  ? 4.93665  3.56555 5.25552  -1.54984 -1.42484 0.65403  205 DA D "C2'" 
783 C "C1'" . DA D 5  ? 5.02464  3.62091 5.42740  -1.50424 -1.44181 0.64596  205 DA D "C1'" 
784 N N9    . DA D 5  ? 4.93198  3.68458 5.52778  -1.55417 -1.32408 0.58727  205 DA D N9    
785 C C8    . DA D 5  ? 4.94661  3.79870 5.60710  -1.64985 -1.24598 0.55681  205 DA D C8    
786 N N7    . DA D 5  ? 4.87441  3.85506 5.71788  -1.67089 -1.14366 0.49631  205 DA D N7    
787 C C5    . DA D 5  ? 4.79747  3.76391 5.69482  -1.58405 -1.15849 0.49205  205 DA D C5    
788 C C6    . DA D 5  ? 4.72742  3.78496 5.79075  -1.55724 -1.08837 0.44382  205 DA D C6    
789 N N6    . DA D 5  ? 4.69003  3.87790 5.90521  -1.61821 -0.98115 0.38317  205 DA D N6    
790 N N1    . DA D 5  ? 4.71968  3.72095 5.77974  -1.46467 -1.13575 0.45924  205 DA D N1    
791 C C2    . DA D 5  ? 4.77162  3.63734 5.67851  -1.40482 -1.23883 0.51138  205 DA D C2    
792 N N3    . DA D 5  ? 4.84059  3.61000 5.58580  -1.42021 -1.31054 0.55573  205 DA D N3    
793 C C4    . DA D 5  ? 4.85092  3.67778 5.59844  -1.51204 -1.26758 0.54666  205 DA D C4    
794 P P     . DT D 6  ? 5.11474  3.30072 5.00152  -1.34256 -1.74695 0.77639  206 DT D P     
795 O OP1   . DT D 6  ? 5.41858  3.47973 5.13082  -1.39999 -1.84947 0.83412  206 DT D OP1   
796 O OP2   . DT D 6  ? 4.91330  3.15620 4.83112  -1.32451 -1.72495 0.77088  206 DT D OP2   
797 O "O5'" . DT D 6  ? 5.23998  3.28964 5.08583  -1.24842 -1.84308 0.78853  206 DT D "O5'" 
798 C "C5'" . DT D 6  ? 5.21501  3.34574 5.20974  -1.23237 -1.76765 0.74660  206 DT D "C5'" 
799 C "C4'" . DT D 6  ? 4.99639  3.22208 5.12532  -1.16934 -1.68359 0.69755  206 DT D "C4'" 
800 O "O4'" . DT D 6  ? 4.78833  3.20292 5.12540  -1.21636 -1.55201 0.64977  206 DT D "O4'" 
801 C "C3'" . DT D 6  ? 4.89194  3.14342 5.00931  -1.15279 -1.67250 0.69723  206 DT D "C3'" 
802 O "O3'" . DT D 6  ? 4.92311  3.13821 5.06982  -1.06737 -1.68966 0.68189  206 DT D "O3'" 
803 C "C2'" . DT D 6  ? 4.57802  3.07797 4.88131  -1.21888 -1.48274 0.62981  206 DT D "C2'" 
804 C "C1'" . DT D 6  ? 4.54900  3.11540 4.99320  -1.21409 -1.43570 0.60190  206 DT D "C1'" 
805 N N1    . DT D 6  ? 4.34268  3.10572 4.95435  -1.29231 -1.30671 0.55407  206 DT D N1    
806 C C2    . DT D 6  ? 4.25831  3.11031 5.02313  -1.28052 -1.24012 0.51460  206 DT D C2    
807 O O2    . DT D 6  ? 4.34221  3.12201 5.11319  -1.20899 -1.28386 0.52105  206 DT D O2    
808 N N3    . DT D 6  ? 4.09482  3.12093 5.00116  -1.35415 -1.12132 0.46386  206 DT D N3    
809 C C4    . DT D 6  ? 4.03144  3.14939 4.94010  -1.43788 -1.06408 0.44798  206 DT D C4    
810 O O4    . DT D 6  ? 3.91388  3.18275 4.95229  -1.49803 -0.95489 0.39335  206 DT D O4    
811 C C5    . DT D 6  ? 4.12912  3.14642 4.87061  -1.44785 -1.14428 0.49784  206 DT D C5    
812 C C7    . DT D 6  ? 4.08985  3.18746 4.80841  -1.53563 -1.10020 0.49075  206 DT D C7    
813 C C6    . DT D 6  ? 4.27128  3.11621 4.87409  -1.37523 -1.26111 0.54838  206 DT D C6    
814 P P     . DG D 7  ? 4.20764  2.36586 4.30481  -1.02041 -1.74073 0.69428  207 DG D P     
815 O OP1   . DG D 7  ? 4.56751  2.48765 4.42528  -0.98503 -1.92952 0.74544  207 DG D OP1   
816 O OP2   . DG D 7  ? 3.98012  2.30742 4.17591  -1.08834 -1.63488 0.67752  207 DG D OP2   
817 O "O5'" . DG D 7  ? 4.03620  2.24574 4.26002  -0.93984 -1.67107 0.64248  207 DG D "O5'" 
818 C "C5'" . DG D 7  ? 4.09378  2.30890 4.36684  -0.91123 -1.64716 0.61854  207 DG D "C5'" 
819 C "C4'" . DG D 7  ? 3.80528  2.22758 4.29716  -0.91289 -1.47230 0.55153  207 DG D "C4'" 
820 O "O4'" . DG D 7  ? 3.61028  2.20803 4.21441  -1.00231 -1.35525 0.52246  207 DG D "O4'" 
821 C "C3'" . DG D 7  ? 3.62256  2.12306 4.20361  -0.87843 -1.40727 0.52199  207 DG D "C3'" 
822 O "O3'" . DG D 7  ? 3.60714  2.11568 4.25799  -0.80920 -1.36871 0.48654  207 DG D "O3'" 
823 C "C2'" . DG D 7  ? 3.29872  2.04467 4.03377  -0.95813 -1.24139 0.47090  207 DG D "C2'" 
824 C "C1'" . DG D 7  ? 3.32318  2.11845 4.09451  -1.01618 -1.21349 0.46421  207 DG D "C1'" 
825 N N9    . DG D 7  ? 3.17404  2.10946 4.00111  -1.10992 -1.14315 0.44957  207 DG D N9    
826 C C8    . DG D 7  ? 3.17915  2.09435 3.91127  -1.15236 -1.17021 0.47259  207 DG D C8    
827 N N7    . DG D 7  ? 3.09337  2.15471 3.89803  -1.23729 -1.09185 0.44846  207 DG D N7    
828 C C5    . DG D 7  ? 3.00201  2.18545 3.95971  -1.25007 -1.00432 0.40284  207 DG D C5    
829 C C6    . DG D 7  ? 2.95557  2.30963 4.03680  -1.32588 -0.89535 0.35389  207 DG D C6    
830 O O6    . DG D 7  ? 2.98738  2.42053 4.06759  -1.39876 -0.85431 0.34197  207 DG D O6    
831 N N1    . DG D 7  ? 2.87686  2.30136 4.08631  -1.31023 -0.83518 0.31517  207 DG D N1    
832 C C2    . DG D 7  ? 2.84469  2.18528 4.06121  -1.23004 -0.88103 0.32880  207 DG D C2    
833 N N2    . DG D 7  ? 2.79240  2.21328 4.13556  -1.22497 -0.82066 0.29242  207 DG D N2    
834 N N3    . DG D 7  ? 2.97513  2.15535 4.07574  -1.15807 -0.98276 0.37351  207 DG D N3    
835 C C4    . DG D 7  ? 3.01665  2.12567 3.99123  -1.17289 -1.03730 0.40628  207 DG D C4    
836 P P     . DT D 8  ? 3.68871  2.08663 4.29361  -0.71506 -1.41600 0.48172  208 DT D P     
837 O OP1   . DT D 8  ? 4.00689  2.19974 4.43691  -0.64578 -1.53322 0.49483  208 DT D OP1   
838 O OP2   . DT D 8  ? 3.63046  2.00833 4.19673  -0.73113 -1.44886 0.50458  208 DT D OP2   
839 O "O5'" . DT D 8  ? 3.42933  2.01407 4.23985  -0.69582 -1.25833 0.41780  208 DT D "O5'" 
840 C "C5'" . DT D 8  ? 3.10708  1.91782 4.07759  -0.75288 -1.11965 0.37842  208 DT D "C5'" 
841 C "C4'" . DT D 8  ? 2.99386  1.96442 4.03200  -0.82862 -1.01156 0.34182  208 DT D "C4'" 
842 O "O4'" . DT D 8  ? 2.88043  1.96372 3.92874  -0.91142 -0.96391 0.33505  208 DT D "O4'" 
843 C "C3'" . DT D 8  ? 2.75717  1.91088 3.96628  -0.82865 -0.88804 0.28635  208 DT D "C3'" 
844 O "O3'" . DT D 8  ? 2.92882  2.01726 4.15466  -0.80621 -0.93720 0.30123  208 DT D "O3'" 
845 C "C2'" . DT D 8  ? 2.57867  1.93046 3.88282  -0.92194 -0.79523 0.25834  208 DT D "C2'" 
846 C "C1'" . DT D 8  ? 2.74066  1.99096 3.92187  -0.97266 -0.87986 0.30436  208 DT D "C1'" 
847 N N1    . DT D 8  ? 2.56511  1.97265 3.78385  -1.05847 -0.80408 0.28011  208 DT D N1    
848 C C2    . DT D 8  ? 2.44010  2.03767 3.78682  -1.11670 -0.69120 0.22899  208 DT D C2    
849 O O2    . DT D 8  ? 2.38321  2.03556 3.82070  -1.10340 -0.64712 0.20394  208 DT D O2    
850 N N3    . DT D 8  ? 2.43923  2.15518 3.79685  -1.18897 -0.63350 0.20595  208 DT D N3    
851 C C4    . DT D 8  ? 2.50334  2.17547 3.76922  -1.21088 -0.67982 0.23414  208 DT D C4    
852 O O4    . DT D 8  ? 2.50193  2.28796 3.79079  -1.27482 -0.62515 0.21097  208 DT D O4    
853 C C5    . DT D 8  ? 2.58499  2.05783 3.71815  -1.15062 -0.80095 0.29141  208 DT D C5    
854 C C7    . DT D 8  ? 2.67225  2.07162 3.68460  -1.16787 -0.86763 0.32823  208 DT D C7    
855 C C6    . DT D 8  ? 2.60663  1.95385 3.71878  -1.07731 -0.85496 0.30869  208 DT D C6    
# 
loop_
_pdbx_poly_seq_scheme.asym_id 
_pdbx_poly_seq_scheme.entity_id 
_pdbx_poly_seq_scheme.seq_id 
_pdbx_poly_seq_scheme.mon_id 
_pdbx_poly_seq_scheme.ndb_seq_num 
_pdbx_poly_seq_scheme.pdb_seq_num 
_pdbx_poly_seq_scheme.auth_seq_num 
_pdbx_poly_seq_scheme.pdb_mon_id 
_pdbx_poly_seq_scheme.auth_mon_id 
_pdbx_poly_seq_scheme.pdb_strand_id 
_pdbx_poly_seq_scheme.pdb_ins_code 
_pdbx_poly_seq_scheme.hetero 
A 1 1  DG 1  101 101 DG DG A . n 
A 1 2  DA 2  102 102 DA DA A . n 
A 1 3  DG 3  103 103 DG DG A . n 
A 1 4  DC 4  104 104 DC DC A . n 
A 1 5  DA 5  105 105 DA DA A . n 
A 1 6  DG 6  106 106 DG DG A . n 
A 1 7  DC 7  107 107 DC DC A . n 
A 1 8  DC 8  108 108 DC DC A . n 
A 1 9  DT 9  109 109 DT DT A . n 
A 1 10 DG 10 110 110 DG DG A . n 
A 1 11 DT 11 111 111 DT DT A . n 
A 1 12 DA 12 112 112 DA DA A . n 
A 1 13 DC 13 113 113 DC DC A . n 
A 1 14 DG 14 114 114 DG DG A . n 
A 1 15 DG 15 115 115 DG DG A . n 
A 1 16 DA 16 116 116 DA DA A . n 
A 1 17 DC 17 117 117 DC DC A . n 
A 1 18 DA 18 118 118 DA DA A . n 
A 1 19 DT 19 119 119 DT DT A . n 
A 1 20 DC 20 120 120 DC DC A . n 
A 1 21 DA 21 121 121 DA DA A . n 
B 2 1  DC 1  119 119 DC DC B . n 
B 2 2  DC 2  120 120 DC DC B . n 
B 2 3  DG 3  121 121 DG DG B . n 
B 2 4  DT 4  122 122 DT DT B . n 
B 2 5  DA 5  123 123 DA DA B . n 
B 2 6  DC 6  124 124 DC DC B . n 
B 2 7  DA 7  125 125 DA DA B . n 
C 3 1  DG 1  209 209 DG DG C . n 
C 3 2  DG 2  210 210 DG DG C . n 
C 3 3  DC 3  211 211 DC DC C . n 
C 3 4  DT 4  212 212 DT DT C . n 
C 3 5  DG 5  213 213 DG DG C . n 
C 3 6  DC 6  214 214 DC DC C . n 
D 4 1  DC 1  201 201 DC DC D . n 
D 4 2  DT 2  202 202 DT DT D . n 
D 4 3  DT 3  203 203 DT DT D . n 
D 4 4  DG 4  204 204 DG DG D . n 
D 4 5  DA 5  205 205 DA DA D . n 
D 4 6  DT 6  206 206 DT DT D . n 
D 4 7  DG 7  207 207 DG DG D . n 
D 4 8  DT 8  208 208 DT DT D . n 
# 
_pdbx_contact_author.id                 2 
_pdbx_contact_author.email              ruojie.sha@nyu.edu 
_pdbx_contact_author.name_first         Ruojie 
_pdbx_contact_author.name_last          Sha 
_pdbx_contact_author.name_mi            ? 
_pdbx_contact_author.role               'principal investigator/group leader' 
_pdbx_contact_author.identifier_ORCID   0000-0002-0807-734X 
# 
_pdbx_struct_assembly.id                   1 
_pdbx_struct_assembly.details              author_defined_assembly 
_pdbx_struct_assembly.method_details       ? 
_pdbx_struct_assembly.oligomeric_details   dodecameric 
_pdbx_struct_assembly.oligomeric_count     12 
# 
_pdbx_struct_assembly_gen.assembly_id       1 
_pdbx_struct_assembly_gen.oper_expression   1,2,3 
_pdbx_struct_assembly_gen.asym_id_list      A,B,C,D 
# 
loop_
_pdbx_struct_oper_list.id 
_pdbx_struct_oper_list.type 
_pdbx_struct_oper_list.name 
_pdbx_struct_oper_list.symmetry_operation 
_pdbx_struct_oper_list.matrix[1][1] 
_pdbx_struct_oper_list.matrix[1][2] 
_pdbx_struct_oper_list.matrix[1][3] 
_pdbx_struct_oper_list.vector[1] 
_pdbx_struct_oper_list.matrix[2][1] 
_pdbx_struct_oper_list.matrix[2][2] 
_pdbx_struct_oper_list.matrix[2][3] 
_pdbx_struct_oper_list.vector[2] 
_pdbx_struct_oper_list.matrix[3][1] 
_pdbx_struct_oper_list.matrix[3][2] 
_pdbx_struct_oper_list.matrix[3][3] 
_pdbx_struct_oper_list.vector[3] 
1 'identity operation'         1_555 x,y,z       1.0000000000  0.0000000000  0.0000000000  0.0000000000  0.0000000000  1.0000000000  0.0000000000  0.0000000000   0.0000000000  0.0000000000  1.0000000000 0.0000000000  
2 'crystal symmetry operation' 2_565 -y,x-y+1,z  -0.2114232186 0.9754913985  -0.0609651873 23.9754451973 -0.3202695920 -0.1280750537 -0.9386288772 -6.4217528254  -0.9234325157 -0.1789226426 0.3394982723 9.7824701339  
3 'crystal symmetry operation' 3_455 -x+y-1,-x,z -0.2114232186 -0.3202695920 -0.9234325157 12.0457246397 0.9754913985  -0.1280750537 -0.1789226426 -22.4600014960 -0.0609651873 -0.9386288772 0.3394982723 -7.8871068448 
# 
_pdbx_point_symmetry.entry_id             8CS1 
_pdbx_point_symmetry.Schoenflies_symbol   C 
_pdbx_point_symmetry.circular_symmetry    3 
# 
loop_
_pdbx_audit_revision_history.ordinal 
_pdbx_audit_revision_history.data_content_type 
_pdbx_audit_revision_history.major_revision 
_pdbx_audit_revision_history.minor_revision 
_pdbx_audit_revision_history.revision_date 
1 'Structure model' 1 0 2023-01-11 
2 'Structure model' 1 1 2023-01-18 
3 'Structure model' 1 2 2023-02-08 
4 'Structure model' 1 3 2023-10-25 
# 
_pdbx_audit_revision_details.ordinal             1 
_pdbx_audit_revision_details.revision_ordinal    1 
_pdbx_audit_revision_details.data_content_type   'Structure model' 
_pdbx_audit_revision_details.provider            repository 
_pdbx_audit_revision_details.type                'Initial release' 
_pdbx_audit_revision_details.description         ? 
_pdbx_audit_revision_details.details             ? 
# 
loop_
_pdbx_audit_revision_group.ordinal 
_pdbx_audit_revision_group.revision_ordinal 
_pdbx_audit_revision_group.data_content_type 
_pdbx_audit_revision_group.group 
1 2 'Structure model' 'Database references'    
2 3 'Structure model' 'Database references'    
3 4 'Structure model' 'Data collection'        
4 4 'Structure model' 'Refinement description' 
# 
loop_
_pdbx_audit_revision_category.ordinal 
_pdbx_audit_revision_category.revision_ordinal 
_pdbx_audit_revision_category.data_content_type 
_pdbx_audit_revision_category.category 
1 2 'Structure model' citation                      
2 2 'Structure model' citation_author               
3 3 'Structure model' citation                      
4 4 'Structure model' chem_comp_atom                
5 4 'Structure model' chem_comp_bond                
6 4 'Structure model' pdbx_initial_refinement_model 
# 
loop_
_pdbx_audit_revision_item.ordinal 
_pdbx_audit_revision_item.revision_ordinal 
_pdbx_audit_revision_item.data_content_type 
_pdbx_audit_revision_item.item 
1 2 'Structure model' '_citation.page_first'              
2 2 'Structure model' '_citation.page_last'               
3 2 'Structure model' '_citation_author.identifier_ORCID' 
4 3 'Structure model' '_citation.journal_volume'          
5 3 'Structure model' '_citation.year'                    
# 
loop_
_space_group_symop.id 
_space_group_symop.operation_xyz 
1 x,y,z        
2 x-y,x,z+1/2  
3 y,-x+y,z+1/2 
4 -y,x-y,z     
5 -x+y,-x,z    
6 -x,-y,z+1/2  
# 
loop_
_pdbx_refine_tls.id 
_pdbx_refine_tls.pdbx_refine_id 
_pdbx_refine_tls.details 
_pdbx_refine_tls.method 
_pdbx_refine_tls.origin_x 
_pdbx_refine_tls.origin_y 
_pdbx_refine_tls.origin_z 
_pdbx_refine_tls.T[1][1] 
_pdbx_refine_tls.T[1][1]_esd 
_pdbx_refine_tls.T[1][2] 
_pdbx_refine_tls.T[1][2]_esd 
_pdbx_refine_tls.T[1][3] 
_pdbx_refine_tls.T[1][3]_esd 
_pdbx_refine_tls.T[2][2] 
_pdbx_refine_tls.T[2][2]_esd 
_pdbx_refine_tls.T[2][3] 
_pdbx_refine_tls.T[2][3]_esd 
_pdbx_refine_tls.T[3][3] 
_pdbx_refine_tls.T[3][3]_esd 
_pdbx_refine_tls.L[1][1] 
_pdbx_refine_tls.L[1][1]_esd 
_pdbx_refine_tls.L[1][2] 
_pdbx_refine_tls.L[1][2]_esd 
_pdbx_refine_tls.L[1][3] 
_pdbx_refine_tls.L[1][3]_esd 
_pdbx_refine_tls.L[2][2] 
_pdbx_refine_tls.L[2][2]_esd 
_pdbx_refine_tls.L[2][3] 
_pdbx_refine_tls.L[2][3]_esd 
_pdbx_refine_tls.L[3][3] 
_pdbx_refine_tls.L[3][3]_esd 
_pdbx_refine_tls.S[1][1] 
_pdbx_refine_tls.S[1][1]_esd 
_pdbx_refine_tls.S[1][2] 
_pdbx_refine_tls.S[1][2]_esd 
_pdbx_refine_tls.S[1][3] 
_pdbx_refine_tls.S[1][3]_esd 
_pdbx_refine_tls.S[2][1] 
_pdbx_refine_tls.S[2][1]_esd 
_pdbx_refine_tls.S[2][2] 
_pdbx_refine_tls.S[2][2]_esd 
_pdbx_refine_tls.S[2][3] 
_pdbx_refine_tls.S[2][3]_esd 
_pdbx_refine_tls.S[3][1] 
_pdbx_refine_tls.S[3][1]_esd 
_pdbx_refine_tls.S[3][2] 
_pdbx_refine_tls.S[3][2]_esd 
_pdbx_refine_tls.S[3][3] 
_pdbx_refine_tls.S[3][3]_esd 
1 'X-RAY DIFFRACTION' ? refined 1.4516623630   2.4345066118   0.7158345803   3.38416952711 ? -0.694481877953 ? 0.33638670540   ? 3.14848226692 ? 0.427619115384 ? 3.25250781851 ? 2.02938406029  ? -1.77995327167  ? -0.77873171551  ? 5.057648637795 ? -0.226143567943 ? 0.14328569604  ? -2.62806975323 ? 1.549021544368  ? 0.560658876444  ? -0.70354508524 ? 3.76134555140 ? 1.374116584287 ? -2.19549420901  ? 0.45293274771  ? -1.624884728959 ? 
2 'X-RAY DIFFRACTION' ? refined 0.8935662997   -1.2658378479  0.5623317755   2.090162525   ? -0.291558681266 ? 0.091637508161  ? 2.59612897313 ? 0.140044777406 ? 3.69112490915 ? 0.364778329845 ? -0.334174127257 ? 0.28282229988   ? 0.223820892291 ? -0.244749179792 ? 0.280551378040 ? 0.27805181132  ? 0.012667246045  ? 2.050612585954  ? -0.1113328287  ? 1.76314632640 ? 2.07258912083  ? -0.813006309640 ? 0.83842030922  ? 1.891606615658  ? 
3 'X-RAY DIFFRACTION' ? refined 11.80386478    17.5096578656  2.2675557135   3.52614639866 ? 0.167157082375  ? -0.440665400842 ? 4.59074623123 ? 0.287064374050 ? 2.39937472680 ? 2.529696910108 ? 1.554118779688  ? -0.726025478381 ? 2.1336329431   ? -0.33807983530  ? 0.21250761587  ? 0.53363746125  ? 0.72643082459   ? -1.230454125109 ? -0.06254651123 ? 2.10307673986 ? -0.7479492024  ? 2.111340829231  ? 3.02436212287  ? 2.64814154930   ? 
4 'X-RAY DIFFRACTION' ? refined -13.6763130782 -19.1147471325 -4.18136358771 3.41606993995 ? -3.14453875598  ? -2.10709543563  ? 1.08358742088 ? 0.69893125813  ? 5.32582464494 ? 1.14199923520  ? 2.5618531740    ? -0.12886882728  ? 8.77267248046  ? 1.61438212652   ? -0.66738285398 ? 6.190318203568 ? -0.683310476941 ? -2.86901800501  ? 1.05429529581  ? 0.17029718089 ? -0.2512127768  ? 2.917577585959  ? -2.53939528801 ? 3.796103647     ? 
# 
loop_
_pdbx_refine_tls_group.id 
_pdbx_refine_tls_group.pdbx_refine_id 
_pdbx_refine_tls_group.refine_tls_id 
_pdbx_refine_tls_group.beg_label_asym_id 
_pdbx_refine_tls_group.beg_label_seq_id 
_pdbx_refine_tls_group.beg_auth_asym_id 
_pdbx_refine_tls_group.beg_auth_seq_id 
_pdbx_refine_tls_group.beg_PDB_ins_code 
_pdbx_refine_tls_group.end_label_asym_id 
_pdbx_refine_tls_group.end_label_seq_id 
_pdbx_refine_tls_group.end_auth_asym_id 
_pdbx_refine_tls_group.end_auth_seq_id 
_pdbx_refine_tls_group.end_PDB_ins_code 
_pdbx_refine_tls_group.selection 
_pdbx_refine_tls_group.selection_details 
1 'X-RAY DIFFRACTION' 1 A ? A 101 ? A ? A 121 ? ? 
;(chain 'A' and resid 101 through 121)
;
2 'X-RAY DIFFRACTION' 2 B ? B 119 ? B ? B 125 ? ? 
;(chain 'B' and resid 119 through 125)
;
3 'X-RAY DIFFRACTION' 3 C ? C 209 ? C ? C 214 ? ? 
;(chain 'C' and resid 209 through 214)
;
4 'X-RAY DIFFRACTION' 4 D ? D 201 ? D ? D 208 ? ? 
;(chain 'D' and resid 201 through 208)
;
# 
loop_
_software.citation_id 
_software.classification 
_software.compiler_name 
_software.compiler_version 
_software.contact_author 
_software.contact_author_email 
_software.date 
_software.description 
_software.dependencies 
_software.hardware 
_software.language 
_software.location 
_software.mods 
_software.name 
_software.os 
_software.os_version 
_software.type 
_software.version 
_software.pdbx_ordinal 
? refinement       ? ? ? ? ? ? ? ? ? ? ? PHENIX    ? ? ? 1.19.2_4158 1 
? 'data reduction' ? ? ? ? ? ? ? ? ? ? ? autoPROC  ? ? ? .           2 
? 'data scaling'   ? ? ? ? ? ? ? ? ? ? ? STARANISO ? ? ? .           3 
? phasing          ? ? ? ? ? ? ? ? ? ? ? PHASER    ? ? ? .           4 
# 
_pdbx_validate_symm_contact.id                1 
_pdbx_validate_symm_contact.PDB_model_num     1 
_pdbx_validate_symm_contact.auth_atom_id_1    O6 
_pdbx_validate_symm_contact.auth_asym_id_1    A 
_pdbx_validate_symm_contact.auth_comp_id_1    DG 
_pdbx_validate_symm_contact.auth_seq_id_1     101 
_pdbx_validate_symm_contact.PDB_ins_code_1    ? 
_pdbx_validate_symm_contact.label_alt_id_1    ? 
_pdbx_validate_symm_contact.site_symmetry_1   1_555 
_pdbx_validate_symm_contact.auth_atom_id_2    N3 
_pdbx_validate_symm_contact.auth_asym_id_2    D 
_pdbx_validate_symm_contact.auth_comp_id_2    DT 
_pdbx_validate_symm_contact.auth_seq_id_2     202 
_pdbx_validate_symm_contact.PDB_ins_code_2    ? 
_pdbx_validate_symm_contact.label_alt_id_2    ? 
_pdbx_validate_symm_contact.site_symmetry_2   5_555 
_pdbx_validate_symm_contact.dist              2.16 
# 
loop_
_pdbx_validate_rmsd_bond.id 
_pdbx_validate_rmsd_bond.PDB_model_num 
_pdbx_validate_rmsd_bond.auth_atom_id_1 
_pdbx_validate_rmsd_bond.auth_asym_id_1 
_pdbx_validate_rmsd_bond.auth_comp_id_1 
_pdbx_validate_rmsd_bond.auth_seq_id_1 
_pdbx_validate_rmsd_bond.PDB_ins_code_1 
_pdbx_validate_rmsd_bond.label_alt_id_1 
_pdbx_validate_rmsd_bond.auth_atom_id_2 
_pdbx_validate_rmsd_bond.auth_asym_id_2 
_pdbx_validate_rmsd_bond.auth_comp_id_2 
_pdbx_validate_rmsd_bond.auth_seq_id_2 
_pdbx_validate_rmsd_bond.PDB_ins_code_2 
_pdbx_validate_rmsd_bond.label_alt_id_2 
_pdbx_validate_rmsd_bond.bond_value 
_pdbx_validate_rmsd_bond.bond_target_value 
_pdbx_validate_rmsd_bond.bond_deviation 
_pdbx_validate_rmsd_bond.bond_standard_deviation 
_pdbx_validate_rmsd_bond.linker_flag 
1 1 "O3'" A DA 102 ? ? "C3'" A DA 102 ? ? 1.370 1.419 -0.049 0.006 N 
2 1 "O3'" A DT 109 ? ? "C3'" A DT 109 ? ? 1.382 1.419 -0.037 0.006 N 
3 1 "O3'" A DG 115 ? ? "C3'" A DG 115 ? ? 1.545 1.435 0.110  0.013 N 
4 1 "O3'" A DT 119 ? ? "C3'" A DT 119 ? ? 1.525 1.435 0.090  0.013 N 
5 1 "O3'" B DC 119 ? ? "C3'" B DC 119 ? ? 1.286 1.419 -0.133 0.006 N 
6 1 "C5'" B DG 121 ? ? "C4'" B DG 121 ? ? 1.558 1.512 0.046  0.007 N 
7 1 "O3'" B DA 123 ? ? "C3'" B DA 123 ? ? 1.379 1.419 -0.040 0.006 N 
8 1 "O3'" D DT 206 ? ? "C3'" D DT 206 ? ? 1.382 1.419 -0.037 0.006 N 
# 
loop_
_pdbx_validate_rmsd_angle.id 
_pdbx_validate_rmsd_angle.PDB_model_num 
_pdbx_validate_rmsd_angle.auth_atom_id_1 
_pdbx_validate_rmsd_angle.auth_asym_id_1 
_pdbx_validate_rmsd_angle.auth_comp_id_1 
_pdbx_validate_rmsd_angle.auth_seq_id_1 
_pdbx_validate_rmsd_angle.PDB_ins_code_1 
_pdbx_validate_rmsd_angle.label_alt_id_1 
_pdbx_validate_rmsd_angle.auth_atom_id_2 
_pdbx_validate_rmsd_angle.auth_asym_id_2 
_pdbx_validate_rmsd_angle.auth_comp_id_2 
_pdbx_validate_rmsd_angle.auth_seq_id_2 
_pdbx_validate_rmsd_angle.PDB_ins_code_2 
_pdbx_validate_rmsd_angle.label_alt_id_2 
_pdbx_validate_rmsd_angle.auth_atom_id_3 
_pdbx_validate_rmsd_angle.auth_asym_id_3 
_pdbx_validate_rmsd_angle.auth_comp_id_3 
_pdbx_validate_rmsd_angle.auth_seq_id_3 
_pdbx_validate_rmsd_angle.PDB_ins_code_3 
_pdbx_validate_rmsd_angle.label_alt_id_3 
_pdbx_validate_rmsd_angle.angle_value 
_pdbx_validate_rmsd_angle.angle_target_value 
_pdbx_validate_rmsd_angle.angle_deviation 
_pdbx_validate_rmsd_angle.angle_standard_deviation 
_pdbx_validate_rmsd_angle.linker_flag 
1  1 "O4'" A DG 101 ? ? "C1'" A DG 101 ? ? N9    A DG 101 ? ? 112.50 108.30 4.20  0.30 N 
2  1 "O4'" A DG 106 ? ? "C1'" A DG 106 ? ? N9    A DG 106 ? ? 110.20 108.30 1.90  0.30 N 
3  1 "O4'" A DC 107 ? ? "C1'" A DC 107 ? ? N1    A DC 107 ? ? 110.22 108.30 1.92  0.30 N 
4  1 "O4'" A DA 112 ? ? "C1'" A DA 112 ? ? N9    A DA 112 ? ? 111.03 108.30 2.73  0.30 N 
5  1 "O4'" A DG 115 ? ? "C1'" A DG 115 ? ? N9    A DG 115 ? ? 110.71 108.30 2.41  0.30 N 
6  1 "O4'" A DC 117 ? ? "C1'" A DC 117 ? ? N1    A DC 117 ? ? 110.73 108.30 2.43  0.30 N 
7  1 "O4'" A DC 120 ? ? "C4'" A DC 120 ? ? "C3'" A DC 120 ? ? 101.88 104.50 -2.62 0.40 N 
8  1 "C4'" A DC 120 ? ? "C3'" A DC 120 ? ? "C2'" A DC 120 ? ? 96.38  102.20 -5.82 0.70 N 
9  1 "C3'" A DC 120 ? ? "C2'" A DC 120 ? ? "C1'" A DC 120 ? ? 94.13  102.40 -8.27 0.80 N 
10 1 "O4'" A DA 121 ? ? "C1'" A DA 121 ? ? N9    A DA 121 ? ? 112.46 108.30 4.16  0.30 N 
11 1 "O4'" B DA 123 ? ? "C1'" B DA 123 ? ? N9    B DA 123 ? ? 111.31 108.30 3.01  0.30 N 
12 1 "O4'" B DA 125 ? ? "C1'" B DA 125 ? ? N9    B DA 125 ? ? 111.07 108.30 2.77  0.30 N 
13 1 "O4'" C DG 209 ? ? "C4'" C DG 209 ? ? "C3'" C DG 209 ? ? 101.51 104.50 -2.99 0.40 N 
14 1 "O4'" C DG 209 ? ? "C1'" C DG 209 ? ? N9    C DG 209 ? ? 110.48 108.30 2.18  0.30 N 
15 1 "C4'" C DG 213 ? ? "C3'" C DG 213 ? ? "C2'" C DG 213 ? ? 97.01  102.20 -5.19 0.70 N 
16 1 "O4'" C DC 214 ? ? "C1'" C DC 214 ? ? N1    C DC 214 ? ? 111.69 108.30 3.39  0.30 N 
17 1 "O4'" D DC 201 ? ? "C1'" D DC 201 ? ? N1    D DC 201 ? ? 113.80 108.30 5.50  0.30 N 
18 1 "O4'" D DA 205 ? ? "C1'" D DA 205 ? ? N9    D DA 205 ? ? 110.73 108.30 2.43  0.30 N 
19 1 "O4'" D DT 208 ? ? "C1'" D DT 208 ? ? N1    D DT 208 ? ? 111.11 108.30 2.81  0.30 N 
# 
loop_
_chem_comp_atom.comp_id 
_chem_comp_atom.atom_id 
_chem_comp_atom.type_symbol 
_chem_comp_atom.pdbx_aromatic_flag 
_chem_comp_atom.pdbx_stereo_config 
_chem_comp_atom.pdbx_ordinal 
DA OP3    O N N 1   
DA P      P N N 2   
DA OP1    O N N 3   
DA OP2    O N N 4   
DA "O5'"  O N N 5   
DA "C5'"  C N N 6   
DA "C4'"  C N R 7   
DA "O4'"  O N N 8   
DA "C3'"  C N S 9   
DA "O3'"  O N N 10  
DA "C2'"  C N N 11  
DA "C1'"  C N R 12  
DA N9     N Y N 13  
DA C8     C Y N 14  
DA N7     N Y N 15  
DA C5     C Y N 16  
DA C6     C Y N 17  
DA N6     N N N 18  
DA N1     N Y N 19  
DA C2     C Y N 20  
DA N3     N Y N 21  
DA C4     C Y N 22  
DA HOP3   H N N 23  
DA HOP2   H N N 24  
DA "H5'"  H N N 25  
DA "H5''" H N N 26  
DA "H4'"  H N N 27  
DA "H3'"  H N N 28  
DA "HO3'" H N N 29  
DA "H2'"  H N N 30  
DA "H2''" H N N 31  
DA "H1'"  H N N 32  
DA H8     H N N 33  
DA H61    H N N 34  
DA H62    H N N 35  
DA H2     H N N 36  
DC OP3    O N N 37  
DC P      P N N 38  
DC OP1    O N N 39  
DC OP2    O N N 40  
DC "O5'"  O N N 41  
DC "C5'"  C N N 42  
DC "C4'"  C N R 43  
DC "O4'"  O N N 44  
DC "C3'"  C N S 45  
DC "O3'"  O N N 46  
DC "C2'"  C N N 47  
DC "C1'"  C N R 48  
DC N1     N N N 49  
DC C2     C N N 50  
DC O2     O N N 51  
DC N3     N N N 52  
DC C4     C N N 53  
DC N4     N N N 54  
DC C5     C N N 55  
DC C6     C N N 56  
DC HOP3   H N N 57  
DC HOP2   H N N 58  
DC "H5'"  H N N 59  
DC "H5''" H N N 60  
DC "H4'"  H N N 61  
DC "H3'"  H N N 62  
DC "HO3'" H N N 63  
DC "H2'"  H N N 64  
DC "H2''" H N N 65  
DC "H1'"  H N N 66  
DC H41    H N N 67  
DC H42    H N N 68  
DC H5     H N N 69  
DC H6     H N N 70  
DG OP3    O N N 71  
DG P      P N N 72  
DG OP1    O N N 73  
DG OP2    O N N 74  
DG "O5'"  O N N 75  
DG "C5'"  C N N 76  
DG "C4'"  C N R 77  
DG "O4'"  O N N 78  
DG "C3'"  C N S 79  
DG "O3'"  O N N 80  
DG "C2'"  C N N 81  
DG "C1'"  C N R 82  
DG N9     N Y N 83  
DG C8     C Y N 84  
DG N7     N Y N 85  
DG C5     C Y N 86  
DG C6     C N N 87  
DG O6     O N N 88  
DG N1     N N N 89  
DG C2     C N N 90  
DG N2     N N N 91  
DG N3     N N N 92  
DG C4     C Y N 93  
DG HOP3   H N N 94  
DG HOP2   H N N 95  
DG "H5'"  H N N 96  
DG "H5''" H N N 97  
DG "H4'"  H N N 98  
DG "H3'"  H N N 99  
DG "HO3'" H N N 100 
DG "H2'"  H N N 101 
DG "H2''" H N N 102 
DG "H1'"  H N N 103 
DG H8     H N N 104 
DG H1     H N N 105 
DG H21    H N N 106 
DG H22    H N N 107 
DT OP3    O N N 108 
DT P      P N N 109 
DT OP1    O N N 110 
DT OP2    O N N 111 
DT "O5'"  O N N 112 
DT "C5'"  C N N 113 
DT "C4'"  C N R 114 
DT "O4'"  O N N 115 
DT "C3'"  C N S 116 
DT "O3'"  O N N 117 
DT "C2'"  C N N 118 
DT "C1'"  C N R 119 
DT N1     N N N 120 
DT C2     C N N 121 
DT O2     O N N 122 
DT N3     N N N 123 
DT C4     C N N 124 
DT O4     O N N 125 
DT C5     C N N 126 
DT C7     C N N 127 
DT C6     C N N 128 
DT HOP3   H N N 129 
DT HOP2   H N N 130 
DT "H5'"  H N N 131 
DT "H5''" H N N 132 
DT "H4'"  H N N 133 
DT "H3'"  H N N 134 
DT "HO3'" H N N 135 
DT "H2'"  H N N 136 
DT "H2''" H N N 137 
DT "H1'"  H N N 138 
DT H3     H N N 139 
DT H71    H N N 140 
DT H72    H N N 141 
DT H73    H N N 142 
DT H6     H N N 143 
# 
loop_
_chem_comp_bond.comp_id 
_chem_comp_bond.atom_id_1 
_chem_comp_bond.atom_id_2 
_chem_comp_bond.value_order 
_chem_comp_bond.pdbx_aromatic_flag 
_chem_comp_bond.pdbx_stereo_config 
_chem_comp_bond.pdbx_ordinal 
DA OP3   P      sing N N 1   
DA OP3   HOP3   sing N N 2   
DA P     OP1    doub N N 3   
DA P     OP2    sing N N 4   
DA P     "O5'"  sing N N 5   
DA OP2   HOP2   sing N N 6   
DA "O5'" "C5'"  sing N N 7   
DA "C5'" "C4'"  sing N N 8   
DA "C5'" "H5'"  sing N N 9   
DA "C5'" "H5''" sing N N 10  
DA "C4'" "O4'"  sing N N 11  
DA "C4'" "C3'"  sing N N 12  
DA "C4'" "H4'"  sing N N 13  
DA "O4'" "C1'"  sing N N 14  
DA "C3'" "O3'"  sing N N 15  
DA "C3'" "C2'"  sing N N 16  
DA "C3'" "H3'"  sing N N 17  
DA "O3'" "HO3'" sing N N 18  
DA "C2'" "C1'"  sing N N 19  
DA "C2'" "H2'"  sing N N 20  
DA "C2'" "H2''" sing N N 21  
DA "C1'" N9     sing N N 22  
DA "C1'" "H1'"  sing N N 23  
DA N9    C8     sing Y N 24  
DA N9    C4     sing Y N 25  
DA C8    N7     doub Y N 26  
DA C8    H8     sing N N 27  
DA N7    C5     sing Y N 28  
DA C5    C6     sing Y N 29  
DA C5    C4     doub Y N 30  
DA C6    N6     sing N N 31  
DA C6    N1     doub Y N 32  
DA N6    H61    sing N N 33  
DA N6    H62    sing N N 34  
DA N1    C2     sing Y N 35  
DA C2    N3     doub Y N 36  
DA C2    H2     sing N N 37  
DA N3    C4     sing Y N 38  
DC OP3   P      sing N N 39  
DC OP3   HOP3   sing N N 40  
DC P     OP1    doub N N 41  
DC P     OP2    sing N N 42  
DC P     "O5'"  sing N N 43  
DC OP2   HOP2   sing N N 44  
DC "O5'" "C5'"  sing N N 45  
DC "C5'" "C4'"  sing N N 46  
DC "C5'" "H5'"  sing N N 47  
DC "C5'" "H5''" sing N N 48  
DC "C4'" "O4'"  sing N N 49  
DC "C4'" "C3'"  sing N N 50  
DC "C4'" "H4'"  sing N N 51  
DC "O4'" "C1'"  sing N N 52  
DC "C3'" "O3'"  sing N N 53  
DC "C3'" "C2'"  sing N N 54  
DC "C3'" "H3'"  sing N N 55  
DC "O3'" "HO3'" sing N N 56  
DC "C2'" "C1'"  sing N N 57  
DC "C2'" "H2'"  sing N N 58  
DC "C2'" "H2''" sing N N 59  
DC "C1'" N1     sing N N 60  
DC "C1'" "H1'"  sing N N 61  
DC N1    C2     sing N N 62  
DC N1    C6     sing N N 63  
DC C2    O2     doub N N 64  
DC C2    N3     sing N N 65  
DC N3    C4     doub N N 66  
DC C4    N4     sing N N 67  
DC C4    C5     sing N N 68  
DC N4    H41    sing N N 69  
DC N4    H42    sing N N 70  
DC C5    C6     doub N N 71  
DC C5    H5     sing N N 72  
DC C6    H6     sing N N 73  
DG OP3   P      sing N N 74  
DG OP3   HOP3   sing N N 75  
DG P     OP1    doub N N 76  
DG P     OP2    sing N N 77  
DG P     "O5'"  sing N N 78  
DG OP2   HOP2   sing N N 79  
DG "O5'" "C5'"  sing N N 80  
DG "C5'" "C4'"  sing N N 81  
DG "C5'" "H5'"  sing N N 82  
DG "C5'" "H5''" sing N N 83  
DG "C4'" "O4'"  sing N N 84  
DG "C4'" "C3'"  sing N N 85  
DG "C4'" "H4'"  sing N N 86  
DG "O4'" "C1'"  sing N N 87  
DG "C3'" "O3'"  sing N N 88  
DG "C3'" "C2'"  sing N N 89  
DG "C3'" "H3'"  sing N N 90  
DG "O3'" "HO3'" sing N N 91  
DG "C2'" "C1'"  sing N N 92  
DG "C2'" "H2'"  sing N N 93  
DG "C2'" "H2''" sing N N 94  
DG "C1'" N9     sing N N 95  
DG "C1'" "H1'"  sing N N 96  
DG N9    C8     sing Y N 97  
DG N9    C4     sing Y N 98  
DG C8    N7     doub Y N 99  
DG C8    H8     sing N N 100 
DG N7    C5     sing Y N 101 
DG C5    C6     sing N N 102 
DG C5    C4     doub Y N 103 
DG C6    O6     doub N N 104 
DG C6    N1     sing N N 105 
DG N1    C2     sing N N 106 
DG N1    H1     sing N N 107 
DG C2    N2     sing N N 108 
DG C2    N3     doub N N 109 
DG N2    H21    sing N N 110 
DG N2    H22    sing N N 111 
DG N3    C4     sing N N 112 
DT OP3   P      sing N N 113 
DT OP3   HOP3   sing N N 114 
DT P     OP1    doub N N 115 
DT P     OP2    sing N N 116 
DT P     "O5'"  sing N N 117 
DT OP2   HOP2   sing N N 118 
DT "O5'" "C5'"  sing N N 119 
DT "C5'" "C4'"  sing N N 120 
DT "C5'" "H5'"  sing N N 121 
DT "C5'" "H5''" sing N N 122 
DT "C4'" "O4'"  sing N N 123 
DT "C4'" "C3'"  sing N N 124 
DT "C4'" "H4'"  sing N N 125 
DT "O4'" "C1'"  sing N N 126 
DT "C3'" "O3'"  sing N N 127 
DT "C3'" "C2'"  sing N N 128 
DT "C3'" "H3'"  sing N N 129 
DT "O3'" "HO3'" sing N N 130 
DT "C2'" "C1'"  sing N N 131 
DT "C2'" "H2'"  sing N N 132 
DT "C2'" "H2''" sing N N 133 
DT "C1'" N1     sing N N 134 
DT "C1'" "H1'"  sing N N 135 
DT N1    C2     sing N N 136 
DT N1    C6     sing N N 137 
DT C2    O2     doub N N 138 
DT C2    N3     sing N N 139 
DT N3    C4     sing N N 140 
DT N3    H3     sing N N 141 
DT C4    O4     doub N N 142 
DT C4    C5     sing N N 143 
DT C5    C7     sing N N 144 
DT C5    C6     doub N N 145 
DT C7    H71    sing N N 146 
DT C7    H72    sing N N 147 
DT C7    H73    sing N N 148 
DT C6    H6     sing N N 149 
# 
loop_
_ndb_struct_conf_na.entry_id 
_ndb_struct_conf_na.feature 
8CS1 'double helix'        
8CS1 'a-form double helix' 
8CS1 'b-form double helix' 
# 
loop_
_ndb_struct_na_base_pair.model_number 
_ndb_struct_na_base_pair.i_label_asym_id 
_ndb_struct_na_base_pair.i_label_comp_id 
_ndb_struct_na_base_pair.i_label_seq_id 
_ndb_struct_na_base_pair.i_symmetry 
_ndb_struct_na_base_pair.j_label_asym_id 
_ndb_struct_na_base_pair.j_label_comp_id 
_ndb_struct_na_base_pair.j_label_seq_id 
_ndb_struct_na_base_pair.j_symmetry 
_ndb_struct_na_base_pair.shear 
_ndb_struct_na_base_pair.stretch 
_ndb_struct_na_base_pair.stagger 
_ndb_struct_na_base_pair.buckle 
_ndb_struct_na_base_pair.propeller 
_ndb_struct_na_base_pair.opening 
_ndb_struct_na_base_pair.pair_number 
_ndb_struct_na_base_pair.pair_name 
_ndb_struct_na_base_pair.i_auth_asym_id 
_ndb_struct_na_base_pair.i_auth_seq_id 
_ndb_struct_na_base_pair.i_PDB_ins_code 
_ndb_struct_na_base_pair.j_auth_asym_id 
_ndb_struct_na_base_pair.j_auth_seq_id 
_ndb_struct_na_base_pair.j_PDB_ins_code 
_ndb_struct_na_base_pair.hbond_type_28 
_ndb_struct_na_base_pair.hbond_type_12 
1 A DG 3  1_555 C DC 6 1_555 -0.026 -0.557 -1.500 -2.007  5.262   -4.626  1  A_DG103:DC214_C A 103 ? C 214 ? 19 1 
1 A DC 4  1_555 C DG 5 1_555 -0.224 -0.287 -1.700 7.550   8.046   -2.056  2  A_DC104:DG213_C A 104 ? C 213 ? 19 1 
1 A DA 5  1_555 C DT 4 1_555 0.397  0.157  0.544  -5.163  -7.698  -6.237  3  A_DA105:DT212_C A 105 ? C 212 ? 20 1 
1 A DG 6  1_555 C DC 3 1_555 0.008  -0.043 0.757  -10.585 -4.154  -5.869  4  A_DG106:DC211_C A 106 ? C 211 ? 19 1 
1 A DC 7  1_555 C DG 2 1_555 1.382  0.824  1.834  -4.028  -3.332  46.425  5  A_DC107:DG210_C A 107 ? C 210 ? 22 1 
1 A DC 8  1_555 C DG 1 1_555 -2.957 -0.089 -0.107 -7.976  -15.405 3.274   6  A_DC108:DG209_C A 108 ? C 209 ? ?  ? 
1 A DT 9  1_555 B DA 7 1_555 0.227  -0.247 0.174  7.823   19.984  -1.544  7  A_DT109:DA125_B A 109 ? B 125 ? 20 1 
1 A DG 10 1_555 B DC 6 1_555 -0.036 -0.325 0.993  3.502   0.449   3.841   8  A_DG110:DC124_B A 110 ? B 124 ? 19 1 
1 A DT 11 1_555 B DA 5 1_555 -0.483 -0.255 0.124  -2.385  2.535   -3.929  9  A_DT111:DA123_B A 111 ? B 123 ? 20 1 
1 A DA 12 1_555 B DT 4 1_555 -0.067 -0.009 0.075  -0.347  0.931   3.845   10 A_DA112:DT122_B A 112 ? B 122 ? 20 1 
1 A DC 13 1_555 B DG 3 1_555 0.074  -0.481 1.169  -5.825  -0.235  0.009   11 A_DC113:DG121_B A 113 ? B 121 ? 19 1 
1 A DG 14 1_555 B DC 2 1_555 -1.252 0.176  0.281  -8.316  -3.027  -11.486 12 A_DG114:DC120_B A 114 ? B 120 ? ?  1 
1 A DG 15 1_555 B DC 1 1_555 -0.113 -0.403 0.746  10.685  -15.835 -4.821  13 A_DG115:DC119_B A 115 ? B 119 ? 19 1 
1 A DA 16 1_555 D DT 8 1_555 0.661  -0.520 1.239  9.058   -16.717 -14.415 14 A_DA116:DT208_D A 116 ? D 208 ? 20 1 
1 A DC 17 1_555 D DG 7 1_555 0.455  0.080  -0.124 1.021   -7.253  10.136  15 A_DC117:DG207_D A 117 ? D 207 ? 19 1 
1 A DA 18 1_555 D DT 6 1_555 -0.074 -0.219 0.411  -15.293 -7.051  -1.462  16 A_DA118:DT206_D A 118 ? D 206 ? 20 1 
1 A DT 19 1_555 D DA 5 1_555 -0.342 -0.281 0.597  -0.076  15.904  16.355  17 A_DT119:DA205_D A 119 ? D 205 ? 20 1 
1 A DC 20 1_555 D DG 4 1_555 0.301  0.025  0.314  9.181   8.744   9.972   18 A_DC120:DG204_D A 120 ? D 204 ? 19 1 
1 A DA 21 1_555 D DT 3 1_555 0.301  -0.283 -1.016 3.515   -5.075  -16.265 19 A_DA121:DT203_D A 121 ? D 203 ? 20 1 
# 
loop_
_ndb_struct_na_base_pair_step.model_number 
_ndb_struct_na_base_pair_step.i_label_asym_id_1 
_ndb_struct_na_base_pair_step.i_label_comp_id_1 
_ndb_struct_na_base_pair_step.i_label_seq_id_1 
_ndb_struct_na_base_pair_step.i_symmetry_1 
_ndb_struct_na_base_pair_step.j_label_asym_id_1 
_ndb_struct_na_base_pair_step.j_label_comp_id_1 
_ndb_struct_na_base_pair_step.j_label_seq_id_1 
_ndb_struct_na_base_pair_step.j_symmetry_1 
_ndb_struct_na_base_pair_step.i_label_asym_id_2 
_ndb_struct_na_base_pair_step.i_label_comp_id_2 
_ndb_struct_na_base_pair_step.i_label_seq_id_2 
_ndb_struct_na_base_pair_step.i_symmetry_2 
_ndb_struct_na_base_pair_step.j_label_asym_id_2 
_ndb_struct_na_base_pair_step.j_label_comp_id_2 
_ndb_struct_na_base_pair_step.j_label_seq_id_2 
_ndb_struct_na_base_pair_step.j_symmetry_2 
_ndb_struct_na_base_pair_step.shift 
_ndb_struct_na_base_pair_step.slide 
_ndb_struct_na_base_pair_step.rise 
_ndb_struct_na_base_pair_step.tilt 
_ndb_struct_na_base_pair_step.roll 
_ndb_struct_na_base_pair_step.twist 
_ndb_struct_na_base_pair_step.x_displacement 
_ndb_struct_na_base_pair_step.y_displacement 
_ndb_struct_na_base_pair_step.helical_rise 
_ndb_struct_na_base_pair_step.inclination 
_ndb_struct_na_base_pair_step.tip 
_ndb_struct_na_base_pair_step.helical_twist 
_ndb_struct_na_base_pair_step.step_number 
_ndb_struct_na_base_pair_step.step_name 
_ndb_struct_na_base_pair_step.i_auth_asym_id_1 
_ndb_struct_na_base_pair_step.i_auth_seq_id_1 
_ndb_struct_na_base_pair_step.i_PDB_ins_code_1 
_ndb_struct_na_base_pair_step.j_auth_asym_id_1 
_ndb_struct_na_base_pair_step.j_auth_seq_id_1 
_ndb_struct_na_base_pair_step.j_PDB_ins_code_1 
_ndb_struct_na_base_pair_step.i_auth_asym_id_2 
_ndb_struct_na_base_pair_step.i_auth_seq_id_2 
_ndb_struct_na_base_pair_step.i_PDB_ins_code_2 
_ndb_struct_na_base_pair_step.j_auth_asym_id_2 
_ndb_struct_na_base_pair_step.j_auth_seq_id_2 
_ndb_struct_na_base_pair_step.j_PDB_ins_code_2 
1 A DG 3  1_555 C DC 6 1_555 A DC 4  1_555 C DG 5 1_555 -0.079 -1.161 3.056 4.994   4.332   25.995 -3.516 1.338  2.766 9.437   
-10.880 26.808 1  AA_DG103DC104:DG213DC214_CC A 103 ? C 214 ? A 104 ? C 213 ? 
1 A DC 4  1_555 C DG 5 1_555 A DA 5  1_555 C DT 4 1_555 -0.678 0.713  3.979 -15.438 -1.240  39.809 1.139  -1.024 3.944 -1.744  
21.702  42.601 2  AA_DC104DA105:DT212DG213_CC A 104 ? C 213 ? A 105 ? C 212 ? 
1 A DA 5  1_555 C DT 4 1_555 A DG 6  1_555 C DC 3 1_555 -0.016 -0.577 3.139 -8.023  11.206  36.534 -2.138 -0.887 2.793 17.144  
12.275  38.964 3  AA_DA105DG106:DC211DT212_CC A 105 ? C 212 ? A 106 ? C 211 ? 
1 A DG 6  1_555 C DC 3 1_555 A DC 7  1_555 C DG 2 1_555 2.276  -0.447 2.859 -9.825  6.317   33.419 -1.453 -4.861 2.015 10.591  
16.473  35.346 4  AA_DG106DC107:DG210DC211_CC A 106 ? C 211 ? A 107 ? C 210 ? 
1 A DC 7  1_555 C DG 2 1_555 A DC 8  1_555 C DG 1 1_555 -3.259 -0.419 2.757 -5.878  -17.154 27.264 2.178  4.796  3.103 -32.260 
11.054  32.648 5  AA_DC107DC108:DG209DG210_CC A 107 ? C 210 ? A 108 ? C 209 ? 
1 A DC 8  1_555 C DG 1 1_555 A DT 9  1_555 B DA 7 1_555 -0.347 -1.735 3.423 -8.719  -17.424 32.134 0.041  -0.832 3.816 -28.450 
14.236  37.446 6  AA_DC108DT109:DA125DG209_BC A 108 ? C 209 ? A 109 ? B 125 ? 
1 A DT 9  1_555 B DA 7 1_555 A DG 10 1_555 B DC 6 1_555 0.910  -0.103 3.526 2.776   18.836  31.880 -2.923 -1.026 3.067 31.074  
-4.580  37.006 7  AA_DT109DG110:DC124DA125_BB A 109 ? B 125 ? A 110 ? B 124 ? 
1 A DG 10 1_555 B DC 6 1_555 A DT 11 1_555 B DA 5 1_555 -1.083 -1.201 3.445 9.136   1.979   30.121 -2.580 3.690  2.916 3.698   
-17.069 31.506 8  AA_DG110DT111:DA123DC124_BB A 110 ? B 124 ? A 111 ? B 123 ? 
1 A DT 11 1_555 B DA 5 1_555 A DA 12 1_555 B DT 4 1_555 0.254  1.076  3.495 3.878   3.001   40.721 1.182  0.096  3.570 4.294   
-5.548  41.003 9  AA_DT111DA112:DT122DA123_BB A 111 ? B 123 ? A 112 ? B 122 ? 
1 A DA 12 1_555 B DT 4 1_555 A DC 13 1_555 B DG 3 1_555 -0.455 -0.008 3.449 -6.529  4.998   33.530 -0.842 -0.315 3.438 8.506   
11.111  34.496 10 AA_DA112DC113:DG121DT122_BB A 112 ? B 122 ? A 113 ? B 121 ? 
1 A DC 13 1_555 B DG 3 1_555 A DG 14 1_555 B DC 2 1_555 -0.714 2.730  3.105 2.531   -11.109 36.278 5.364  1.364  2.154 -17.323 
-3.947  37.968 11 AA_DC113DG114:DC120DG121_BB A 113 ? B 121 ? A 114 ? B 120 ? 
1 A DG 14 1_555 B DC 2 1_555 A DG 15 1_555 B DC 1 1_555 0.094  0.490  2.568 -9.940  8.812   42.213 -0.007 -0.869 2.533 11.887  
13.409  44.163 12 AA_DG114DG115:DC119DC120_BB A 114 ? B 120 ? A 115 ? B 119 ? 
1 A DG 15 1_555 B DC 1 1_555 A DA 16 1_555 D DT 8 1_555 -1.672 -0.721 2.988 -15.881 -13.670 35.074 0.579  0.528  3.457 -20.575 
23.902  40.687 13 AA_DG115DA116:DT208DC119_DB A 115 ? B 119 ? A 116 ? D 208 ? 
1 A DA 16 1_555 D DT 8 1_555 A DC 17 1_555 D DG 7 1_555 0.717  -0.791 3.530 7.739   -0.680  21.988 -1.696 1.200  3.591 -1.715  
-19.522 23.304 14 AA_DA116DC117:DG207DT208_DD A 116 ? D 208 ? A 117 ? D 207 ? 
1 A DC 17 1_555 D DG 7 1_555 A DA 18 1_555 D DT 6 1_555 -1.288 0.464  3.384 -8.953  0.477   38.460 0.626  0.767  3.589 0.712   
13.370  39.453 15 AA_DC117DA118:DT206DG207_DD A 117 ? D 207 ? A 118 ? D 206 ? 
1 A DA 18 1_555 D DT 6 1_555 A DT 19 1_555 D DA 5 1_555 1.043  -0.439 3.018 -3.867  -8.863  32.221 0.580  -2.389 2.893 -15.537 
6.780   33.604 16 AA_DA118DT119:DA205DT206_DD A 118 ? D 206 ? A 119 ? D 205 ? 
1 A DT 19 1_555 D DA 5 1_555 A DC 20 1_555 D DG 4 1_555 -1.322 -0.008 2.943 5.623   2.907   32.086 -0.449 3.192  2.668 5.196   
-10.052 32.688 17 AA_DT119DC120:DG204DA205_DD A 119 ? D 205 ? A 120 ? D 204 ? 
1 A DC 20 1_555 D DG 4 1_555 A DA 21 1_555 D DT 3 1_555 -0.983 -0.233 2.997 10.389  17.541  28.061 -2.714 3.030  2.040 31.459  
-18.632 34.564 18 AA_DC120DA121:DT203DG204_DD A 120 ? D 204 ? A 121 ? D 203 ? 
# 
loop_
_pdbx_audit_support.funding_organization 
_pdbx_audit_support.country 
_pdbx_audit_support.grant_number 
_pdbx_audit_support.ordinal 
'National Science Foundation (NSF, United States)' 'United States' CTS1120890    1 
'National Science Foundation (NSF, United States)' 'United States' CCF-1117210   2 
'National Science Foundation (NSF, United States)' 'United States' EFRI-1332411  3 
'National Science Foundation (NSF, United States)' 'United States' CHE-1708776   4 
'Office of Naval Research (ONR)'                   'United States' N000141110729 5 
'Office of Naval Research (ONR)'                   'United States' N000140911118 6 
'Department of Energy (DOE, United States)'        'United States' DESC0007991   7 
# 
_pdbx_initial_refinement_model.id               1 
_pdbx_initial_refinement_model.entity_id_list   ? 
_pdbx_initial_refinement_model.type             'experimental model' 
_pdbx_initial_refinement_model.source_name      PDB 
_pdbx_initial_refinement_model.accession_code   7R96 
_pdbx_initial_refinement_model.details          ? 
# 
_pdbx_struct_assembly_auth_evidence.id                     1 
_pdbx_struct_assembly_auth_evidence.assembly_id            1 
_pdbx_struct_assembly_auth_evidence.experimental_support   'native gel electrophoresis' 
_pdbx_struct_assembly_auth_evidence.details                ? 
# 
_space_group.name_H-M_alt     'P 63' 
_space_group.name_Hall        'P 6c' 
_space_group.IT_number        173 
_space_group.crystal_system   hexagonal 
_space_group.id               1 
# 
